data_7JNJ
# 
_entry.id   7JNJ 
# 
_audit_conform.dict_name       mmcif_pdbx.dic 
_audit_conform.dict_version    5.380 
_audit_conform.dict_location   http://mmcif.pdb.org/dictionaries/ascii/mmcif_pdbx.dic 
# 
loop_
_database_2.database_id 
_database_2.database_code 
_database_2.pdbx_database_accession 
_database_2.pdbx_DOI 
PDB   7JNJ         pdb_00007jnj 10.2210/pdb7jnj/pdb 
WWPDB D_1000250911 ?            ?                   
# 
_pdbx_database_status.status_code                     REL 
_pdbx_database_status.status_code_sf                  REL 
_pdbx_database_status.status_code_mr                  ? 
_pdbx_database_status.entry_id                        7JNJ 
_pdbx_database_status.recvd_initial_deposition_date   2020-08-04 
_pdbx_database_status.SG_entry                        N 
_pdbx_database_status.deposit_site                    RCSB 
_pdbx_database_status.process_site                    RCSB 
_pdbx_database_status.status_code_cs                  ? 
_pdbx_database_status.status_code_nmr_data            ? 
_pdbx_database_status.methods_development_category    ? 
_pdbx_database_status.pdb_format_compatible           Y 
# 
loop_
_audit_author.name 
_audit_author.pdbx_ordinal 
_audit_author.identifier_ORCID 
'Simmons, C.R.'      1 0000-0002-2290-6132 
'MacCulloch, T.'     2 0000-0001-5875-3361 
'Stephanopoulos, N.' 3 0000-0001-7859-410X 
'Yan, H.'            4 0000-0001-7397-9852 
# 
_citation.abstract                  ? 
_citation.abstract_id_CAS           ? 
_citation.book_id_ISBN              ? 
_citation.book_publisher            ? 
_citation.book_publisher_city       ? 
_citation.book_title                ? 
_citation.coordinate_linkage        ? 
_citation.country                   UK 
_citation.database_id_Medline       ? 
_citation.details                   ? 
_citation.id                        primary 
_citation.journal_abbrev            'Nat Commun' 
_citation.journal_id_ASTM           ? 
_citation.journal_id_CSD            ? 
_citation.journal_id_ISSN           2041-1723 
_citation.journal_full              ? 
_citation.journal_issue             ? 
_citation.journal_volume            13 
_citation.language                  ? 
_citation.page_first                3112 
_citation.page_last                 3112 
_citation.title                     'The influence of Holliday junction sequence and dynamics on DNA crystal self-assembly.' 
_citation.year                      2022 
_citation.database_id_CSD           ? 
_citation.pdbx_database_id_DOI      10.1038/s41467-022-30779-6 
_citation.pdbx_database_id_PubMed   35662248 
_citation.unpublished_flag          ? 
# 
loop_
_citation_author.citation_id 
_citation_author.name 
_citation_author.ordinal 
_citation_author.identifier_ORCID 
primary 'Simmons, C.R.'      1  ?                   
primary 'MacCulloch, T.'     2  ?                   
primary 'Krepl, M.'          3  0000-0002-9833-4281 
primary 'Matthies, M.'       4  ?                   
primary 'Buchberger, A.'     5  ?                   
primary 'Crawford, I.'       6  ?                   
primary 'Sponer, J.'         7  0000-0001-6558-6186 
primary 'Sulc, P.'           8  0000-0003-1565-6769 
primary 'Stephanopoulos, N.' 9  0000-0001-7859-410X 
primary 'Yan, H.'            10 0000-0001-7397-9852 
# 
_cell.angle_alpha                  90.000 
_cell.angle_alpha_esd              ? 
_cell.angle_beta                   90.000 
_cell.angle_beta_esd               ? 
_cell.angle_gamma                  120.000 
_cell.angle_gamma_esd              ? 
_cell.entry_id                     7JNJ 
_cell.details                      ? 
_cell.formula_units_Z              ? 
_cell.length_a                     112.088 
_cell.length_a_esd                 ? 
_cell.length_b                     112.088 
_cell.length_b_esd                 ? 
_cell.length_c                     51.133 
_cell.length_c_esd                 ? 
_cell.volume                       ? 
_cell.volume_esd                   ? 
_cell.Z_PDB                        9 
_cell.reciprocal_angle_alpha       ? 
_cell.reciprocal_angle_beta        ? 
_cell.reciprocal_angle_gamma       ? 
_cell.reciprocal_angle_alpha_esd   ? 
_cell.reciprocal_angle_beta_esd    ? 
_cell.reciprocal_angle_gamma_esd   ? 
_cell.reciprocal_length_a          ? 
_cell.reciprocal_length_b          ? 
_cell.reciprocal_length_c          ? 
_cell.reciprocal_length_a_esd      ? 
_cell.reciprocal_length_b_esd      ? 
_cell.reciprocal_length_c_esd      ? 
_cell.pdbx_unique_axis             ? 
# 
_symmetry.entry_id                         7JNJ 
_symmetry.cell_setting                     ? 
_symmetry.Int_Tables_number                146 
_symmetry.space_group_name_Hall            ? 
_symmetry.space_group_name_H-M             'H 3' 
_symmetry.pdbx_full_space_group_name_H-M   ? 
# 
loop_
_entity.id 
_entity.type 
_entity.src_method 
_entity.pdbx_description 
_entity.formula_weight 
_entity.pdbx_number_of_molecules 
_entity.pdbx_ec 
_entity.pdbx_mutation 
_entity.pdbx_fragment 
_entity.details 
1 polymer     syn 
;DNA (5'-D(*GP*AP*AP*CP*GP*AP*CP*AP*TP*TP*GP*AP*CP*GP*AP*CP*GP*AP*CP*TP*C)-3')
;
6441.188 1 ? ? ? ? 
2 polymer     syn 
;DNA (5'-D(*TP*CP*GP*AP*GP*TP*CP*G)-3')
;
2442.616 1 ? ? ? ? 
3 polymer     syn 
;DNA (5'-D(P*AP*TP*GP*TP*CP*GP*T)-3')
;
2128.421 1 ? ? ? ? 
4 polymer     syn 
;DNA (5'-D(P*TP*CP*GP*TP*CP*A)-3')
;
1784.204 1 ? ? ? ? 
5 non-polymer syn 'CACODYLATE ION'                                                                136.989  2 ? ? ? ? 
# 
loop_
_entity_poly.entity_id 
_entity_poly.type 
_entity_poly.nstd_linkage 
_entity_poly.nstd_monomer 
_entity_poly.pdbx_seq_one_letter_code 
_entity_poly.pdbx_seq_one_letter_code_can 
_entity_poly.pdbx_strand_id 
_entity_poly.pdbx_target_identifier 
1 polydeoxyribonucleotide no no 
;(DG)(DA)(DA)(DC)(DG)(DA)(DC)(DA)(DT)(DT)(DG)(DA)(DC)(DG)(DA)(DC)(DG)(DA)(DC)(DT)
(DC)
;
GAACGACATTGACGACGACTC B ? 
2 polydeoxyribonucleotide no no '(DT)(DC)(DG)(DA)(DG)(DT)(DC)(DG)'                                                      TCGAGTCG C 
? 
3 polydeoxyribonucleotide no no '(DA)(DT)(DG)(DT)(DC)(DG)(DT)'                                                          ATGTCGT D 
? 
4 polydeoxyribonucleotide no no '(DT)(DC)(DG)(DT)(DC)(DA)'                                                              TCGTCA A ? 
# 
loop_
_entity_poly_seq.entity_id 
_entity_poly_seq.num 
_entity_poly_seq.mon_id 
_entity_poly_seq.hetero 
1 1  DG n 
1 2  DA n 
1 3  DA n 
1 4  DC n 
1 5  DG n 
1 6  DA n 
1 7  DC n 
1 8  DA n 
1 9  DT n 
1 10 DT n 
1 11 DG n 
1 12 DA n 
1 13 DC n 
1 14 DG n 
1 15 DA n 
1 16 DC n 
1 17 DG n 
1 18 DA n 
1 19 DC n 
1 20 DT n 
1 21 DC n 
2 1  DT n 
2 2  DC n 
2 3  DG n 
2 4  DA n 
2 5  DG n 
2 6  DT n 
2 7  DC n 
2 8  DG n 
3 1  DA n 
3 2  DT n 
3 3  DG n 
3 4  DT n 
3 5  DC n 
3 6  DG n 
3 7  DT n 
4 1  DT n 
4 2  DC n 
4 3  DG n 
4 4  DT n 
4 5  DC n 
4 6  DA n 
# 
loop_
_pdbx_entity_src_syn.entity_id 
_pdbx_entity_src_syn.pdbx_src_id 
_pdbx_entity_src_syn.pdbx_alt_source_flag 
_pdbx_entity_src_syn.pdbx_beg_seq_num 
_pdbx_entity_src_syn.pdbx_end_seq_num 
_pdbx_entity_src_syn.organism_scientific 
_pdbx_entity_src_syn.organism_common_name 
_pdbx_entity_src_syn.ncbi_taxonomy_id 
_pdbx_entity_src_syn.details 
1 1 sample 1 21 'synthetic construct' ? 32630 ? 
2 1 sample 1 8  'synthetic construct' ? 32630 ? 
3 1 sample 1 7  'synthetic construct' ? 32630 ? 
4 1 sample 1 6  'synthetic construct' ? 32630 ? 
# 
loop_
_struct_ref.id 
_struct_ref.db_name 
_struct_ref.db_code 
_struct_ref.pdbx_db_accession 
_struct_ref.pdbx_db_isoform 
_struct_ref.entity_id 
_struct_ref.pdbx_seq_one_letter_code 
_struct_ref.pdbx_align_begin 
1 PDB 7JNJ 7JNJ ? 1 ? 1 
2 PDB 7JNJ 7JNJ ? 2 ? 1 
3 PDB 7JNJ 7JNJ ? 3 ? 1 
4 PDB 7JNJ 7JNJ ? 4 ? 1 
# 
loop_
_struct_ref_seq.align_id 
_struct_ref_seq.ref_id 
_struct_ref_seq.pdbx_PDB_id_code 
_struct_ref_seq.pdbx_strand_id 
_struct_ref_seq.seq_align_beg 
_struct_ref_seq.pdbx_seq_align_beg_ins_code 
_struct_ref_seq.seq_align_end 
_struct_ref_seq.pdbx_seq_align_end_ins_code 
_struct_ref_seq.pdbx_db_accession 
_struct_ref_seq.db_align_beg 
_struct_ref_seq.pdbx_db_align_beg_ins_code 
_struct_ref_seq.db_align_end 
_struct_ref_seq.pdbx_db_align_end_ins_code 
_struct_ref_seq.pdbx_auth_seq_align_beg 
_struct_ref_seq.pdbx_auth_seq_align_end 
1 1 7JNJ B 1 ? 21 ? 7JNJ 7  ? 27 ? 7  27 
2 2 7JNJ C 1 ? 8  ? 7JNJ 28 ? 35 ? 28 35 
3 3 7JNJ D 1 ? 7  ? 7JNJ 36 ? 42 ? 36 42 
4 4 7JNJ A 1 ? 6  ? 7JNJ 1  ? 6  ? 1  6  
# 
loop_
_chem_comp.id 
_chem_comp.type 
_chem_comp.mon_nstd_flag 
_chem_comp.name 
_chem_comp.pdbx_synonyms 
_chem_comp.formula 
_chem_comp.formula_weight 
CAC non-polymer   . 'CACODYLATE ION'                     dimethylarsinate 'C2 H6 As O2 -1'  136.989 
DA  'DNA linking' y "2'-DEOXYADENOSINE-5'-MONOPHOSPHATE" ?                'C10 H14 N5 O6 P' 331.222 
DC  'DNA linking' y "2'-DEOXYCYTIDINE-5'-MONOPHOSPHATE"  ?                'C9 H14 N3 O7 P'  307.197 
DG  'DNA linking' y "2'-DEOXYGUANOSINE-5'-MONOPHOSPHATE" ?                'C10 H14 N5 O7 P' 347.221 
DT  'DNA linking' y "THYMIDINE-5'-MONOPHOSPHATE"         ?                'C10 H15 N2 O8 P' 322.208 
# 
_exptl.absorpt_coefficient_mu     ? 
_exptl.absorpt_correction_T_max   ? 
_exptl.absorpt_correction_T_min   ? 
_exptl.absorpt_correction_type    ? 
_exptl.absorpt_process_details    ? 
_exptl.entry_id                   7JNJ 
_exptl.crystals_number            1 
_exptl.details                    ? 
_exptl.method                     'X-RAY DIFFRACTION' 
_exptl.method_details             ? 
# 
_exptl_crystal.colour                      ? 
_exptl_crystal.density_diffrn              ? 
_exptl_crystal.density_Matthews            4.83 
_exptl_crystal.density_method              ? 
_exptl_crystal.density_percent_sol         74.54 
_exptl_crystal.description                 ? 
_exptl_crystal.F_000                       ? 
_exptl_crystal.id                          1 
_exptl_crystal.preparation                 ? 
_exptl_crystal.size_max                    ? 
_exptl_crystal.size_mid                    ? 
_exptl_crystal.size_min                    ? 
_exptl_crystal.size_rad                    ? 
_exptl_crystal.colour_lustre               ? 
_exptl_crystal.colour_modifier             ? 
_exptl_crystal.colour_primary              ? 
_exptl_crystal.density_meas                ? 
_exptl_crystal.density_meas_esd            ? 
_exptl_crystal.density_meas_gt             ? 
_exptl_crystal.density_meas_lt             ? 
_exptl_crystal.density_meas_temp           ? 
_exptl_crystal.density_meas_temp_esd       ? 
_exptl_crystal.density_meas_temp_gt        ? 
_exptl_crystal.density_meas_temp_lt        ? 
_exptl_crystal.pdbx_crystal_image_url      ? 
_exptl_crystal.pdbx_crystal_image_format   ? 
_exptl_crystal.pdbx_mosaicity              ? 
_exptl_crystal.pdbx_mosaicity_esd          ? 
# 
_exptl_crystal_grow.apparatus       ? 
_exptl_crystal_grow.atmosphere      ? 
_exptl_crystal_grow.crystal_id      1 
_exptl_crystal_grow.details         ? 
_exptl_crystal_grow.method          'VAPOR DIFFUSION, SITTING DROP' 
_exptl_crystal_grow.method_ref      ? 
_exptl_crystal_grow.pH              ? 
_exptl_crystal_grow.pressure        ? 
_exptl_crystal_grow.pressure_esd    ? 
_exptl_crystal_grow.seeding         ? 
_exptl_crystal_grow.seeding_ref     ? 
_exptl_crystal_grow.temp            298 
_exptl_crystal_grow.temp_details    'temperature gradient generated from 60 to 25 C at 0.3 degrees per hour' 
_exptl_crystal_grow.temp_esd        ? 
_exptl_crystal_grow.time            ? 
_exptl_crystal_grow.pdbx_details    
;0.5 mL of 0.05 M HEPES pH 7.5 with 15 mM MgCl2, 1.0 mM spermidine, and 10% dioxane was added to the reservoir with 2 uL added to the drop containing 4 uL of DNA stock
;
_exptl_crystal_grow.pdbx_pH_range   ? 
# 
_diffrn.ambient_environment              ? 
_diffrn.ambient_temp                     100 
_diffrn.ambient_temp_details             ? 
_diffrn.ambient_temp_esd                 ? 
_diffrn.crystal_id                       1 
_diffrn.crystal_support                  ? 
_diffrn.crystal_treatment                ? 
_diffrn.details                          ? 
_diffrn.id                               1 
_diffrn.ambient_pressure                 ? 
_diffrn.ambient_pressure_esd             ? 
_diffrn.ambient_pressure_gt              ? 
_diffrn.ambient_pressure_lt              ? 
_diffrn.ambient_temp_gt                  ? 
_diffrn.ambient_temp_lt                  ? 
_diffrn.pdbx_serial_crystal_experiment   N 
# 
_diffrn_detector.details                      ? 
_diffrn_detector.detector                     PIXEL 
_diffrn_detector.diffrn_id                    1 
_diffrn_detector.type                         'DECTRIS EIGER X 16M' 
_diffrn_detector.area_resol_mean              ? 
_diffrn_detector.dtime                        ? 
_diffrn_detector.pdbx_frames_total            ? 
_diffrn_detector.pdbx_collection_time_total   ? 
_diffrn_detector.pdbx_collection_date         2019-08-15 
_diffrn_detector.pdbx_frequency               ? 
# 
_diffrn_radiation.collimation                      ? 
_diffrn_radiation.diffrn_id                        1 
_diffrn_radiation.filter_edge                      ? 
_diffrn_radiation.inhomogeneity                    ? 
_diffrn_radiation.monochromator                    ? 
_diffrn_radiation.polarisn_norm                    ? 
_diffrn_radiation.polarisn_ratio                   ? 
_diffrn_radiation.probe                            ? 
_diffrn_radiation.type                             ? 
_diffrn_radiation.xray_symbol                      ? 
_diffrn_radiation.wavelength_id                    1 
_diffrn_radiation.pdbx_monochromatic_or_laue_m_l   M 
_diffrn_radiation.pdbx_wavelength_list             ? 
_diffrn_radiation.pdbx_wavelength                  ? 
_diffrn_radiation.pdbx_diffrn_protocol             'SINGLE WAVELENGTH' 
_diffrn_radiation.pdbx_analyzer                    ? 
_diffrn_radiation.pdbx_scattering_type             x-ray 
# 
_diffrn_radiation_wavelength.id           1 
_diffrn_radiation_wavelength.wavelength   1 
_diffrn_radiation_wavelength.wt           1.0 
# 
_diffrn_source.current                     ? 
_diffrn_source.details                     ? 
_diffrn_source.diffrn_id                   1 
_diffrn_source.power                       ? 
_diffrn_source.size                        ? 
_diffrn_source.source                      SYNCHROTRON 
_diffrn_source.target                      ? 
_diffrn_source.type                        'NSLS-II BEAMLINE 17-ID-1' 
_diffrn_source.voltage                     ? 
_diffrn_source.take-off_angle              ? 
_diffrn_source.pdbx_wavelength_list        1 
_diffrn_source.pdbx_wavelength             ? 
_diffrn_source.pdbx_synchrotron_beamline   17-ID-1 
_diffrn_source.pdbx_synchrotron_site       NSLS-II 
# 
_reflns.B_iso_Wilson_estimate            76.340 
_reflns.entry_id                         7JNJ 
_reflns.data_reduction_details           ? 
_reflns.data_reduction_method            ? 
_reflns.d_resolution_high                3.000 
_reflns.d_resolution_low                 50.000 
_reflns.details                          ? 
_reflns.limit_h_max                      ? 
_reflns.limit_h_min                      ? 
_reflns.limit_k_max                      ? 
_reflns.limit_k_min                      ? 
_reflns.limit_l_max                      ? 
_reflns.limit_l_min                      ? 
_reflns.number_all                       ? 
_reflns.number_obs                       4461 
_reflns.observed_criterion               ? 
_reflns.observed_criterion_F_max         ? 
_reflns.observed_criterion_F_min         ? 
_reflns.observed_criterion_I_max         ? 
_reflns.observed_criterion_I_min         ? 
_reflns.observed_criterion_sigma_F       ? 
_reflns.observed_criterion_sigma_I       ? 
_reflns.percent_possible_obs             94.900 
_reflns.R_free_details                   ? 
_reflns.Rmerge_F_all                     ? 
_reflns.Rmerge_F_obs                     ? 
_reflns.Friedel_coverage                 ? 
_reflns.number_gt                        ? 
_reflns.threshold_expression             ? 
_reflns.pdbx_redundancy                  8.400 
_reflns.pdbx_Rmerge_I_obs                0.158 
_reflns.pdbx_Rmerge_I_all                ? 
_reflns.pdbx_Rsym_value                  ? 
_reflns.pdbx_netI_over_av_sigmaI         ? 
_reflns.pdbx_netI_over_sigmaI            4.300 
_reflns.pdbx_res_netI_over_av_sigmaI_2   ? 
_reflns.pdbx_res_netI_over_sigmaI_2      ? 
_reflns.pdbx_chi_squared                 1.878 
_reflns.pdbx_scaling_rejects             ? 
_reflns.pdbx_d_res_high_opt              ? 
_reflns.pdbx_d_res_low_opt               ? 
_reflns.pdbx_d_res_opt_method            ? 
_reflns.phase_calculation_details        ? 
_reflns.pdbx_Rrim_I_all                  0.166 
_reflns.pdbx_Rpim_I_all                  0.053 
_reflns.pdbx_d_opt                       ? 
_reflns.pdbx_number_measured_all         37394 
_reflns.pdbx_diffrn_id                   1 
_reflns.pdbx_ordinal                     1 
_reflns.pdbx_CC_half                     ? 
_reflns.pdbx_CC_star                     ? 
_reflns.pdbx_R_split                     ? 
# 
loop_
_reflns_shell.d_res_high 
_reflns_shell.d_res_low 
_reflns_shell.meanI_over_sigI_all 
_reflns_shell.meanI_over_sigI_obs 
_reflns_shell.number_measured_all 
_reflns_shell.number_measured_obs 
_reflns_shell.number_possible 
_reflns_shell.number_unique_all 
_reflns_shell.number_unique_obs 
_reflns_shell.percent_possible_all 
_reflns_shell.percent_possible_obs 
_reflns_shell.Rmerge_F_all 
_reflns_shell.Rmerge_F_obs 
_reflns_shell.Rmerge_I_all 
_reflns_shell.Rmerge_I_obs 
_reflns_shell.meanI_over_sigI_gt 
_reflns_shell.meanI_over_uI_all 
_reflns_shell.meanI_over_uI_gt 
_reflns_shell.number_measured_gt 
_reflns_shell.number_unique_gt 
_reflns_shell.percent_possible_gt 
_reflns_shell.Rmerge_F_gt 
_reflns_shell.Rmerge_I_gt 
_reflns_shell.pdbx_redundancy 
_reflns_shell.pdbx_Rsym_value 
_reflns_shell.pdbx_chi_squared 
_reflns_shell.pdbx_netI_over_sigmaI_all 
_reflns_shell.pdbx_netI_over_sigmaI_obs 
_reflns_shell.pdbx_Rrim_I_all 
_reflns_shell.pdbx_Rpim_I_all 
_reflns_shell.pdbx_rejects 
_reflns_shell.pdbx_ordinal 
_reflns_shell.pdbx_diffrn_id 
_reflns_shell.pdbx_CC_half 
_reflns_shell.pdbx_CC_star 
_reflns_shell.pdbx_R_split 
3.000 3.050  ? ? ? ? ? ? 147 64.200  ? ? ? ? 1.184 ? ? ? ? ? ? ? ? 5.300  ? 0.322  ? ? 1.283 0.475 ? 1  1 0.525 ? ? 
3.050 3.110  ? ? ? ? ? ? 159 70.400  ? ? ? ? 0.498 ? ? ? ? ? ? ? ? 4.900  ? 0.362  ? ? 0.540 0.201 ? 2  1 0.914 ? ? 
3.110 3.170  ? ? ? ? ? ? 194 77.900  ? ? ? ? 0.219 ? ? ? ? ? ? ? ? 5.700  ? 0.599  ? ? 0.234 0.080 ? 3  1 0.990 ? ? 
3.170 3.230  ? ? ? ? ? ? 210 92.100  ? ? ? ? 0.347 ? ? ? ? ? ? ? ? 4.900  ? 0.595  ? ? 0.374 0.136 ? 4  1 0.982 ? ? 
3.230 3.300  ? ? ? ? ? ? 233 96.300  ? ? ? ? 0.272 ? ? ? ? ? ? ? ? 5.500  ? 1.019  ? ? 0.290 0.097 ? 5  1 0.978 ? ? 
3.300 3.380  ? ? ? ? ? ? 221 97.800  ? ? ? ? 0.226 ? ? ? ? ? ? ? ? 5.900  ? 0.737  ? ? 0.241 0.083 ? 6  1 0.985 ? ? 
3.380 3.460  ? ? ? ? ? ? 239 99.200  ? ? ? ? 0.227 ? ? ? ? ? ? ? ? 6.300  ? 0.776  ? ? 0.242 0.083 ? 7  1 0.988 ? ? 
3.460 3.560  ? ? ? ? ? ? 225 100.000 ? ? ? ? 0.249 ? ? ? ? ? ? ? ? 7.300  ? 0.619  ? ? 0.265 0.090 ? 8  1 0.983 ? ? 
3.560 3.660  ? ? ? ? ? ? 235 100.000 ? ? ? ? 0.340 ? ? ? ? ? ? ? ? 8.200  ? 0.608  ? ? 0.361 0.120 ? 9  1 0.959 ? ? 
3.660 3.780  ? ? ? ? ? ? 233 100.000 ? ? ? ? 0.443 ? ? ? ? ? ? ? ? 9.100  ? 0.578  ? ? 0.469 0.153 ? 10 1 0.933 ? ? 
3.780 3.910  ? ? ? ? ? ? 248 100.000 ? ? ? ? 0.408 ? ? ? ? ? ? ? ? 9.500  ? 0.712  ? ? 0.431 0.138 ? 11 1 0.928 ? ? 
3.910 4.070  ? ? ? ? ? ? 236 100.000 ? ? ? ? 0.305 ? ? ? ? ? ? ? ? 9.900  ? 0.892  ? ? 0.322 0.101 ? 12 1 0.965 ? ? 
4.070 4.260  ? ? ? ? ? ? 234 100.000 ? ? ? ? 0.299 ? ? ? ? ? ? ? ? 10.200 ? 1.021  ? ? 0.314 0.098 ? 13 1 0.966 ? ? 
4.260 4.480  ? ? ? ? ? ? 236 100.000 ? ? ? ? 0.258 ? ? ? ? ? ? ? ? 10.300 ? 0.827  ? ? 0.271 0.084 ? 14 1 0.975 ? ? 
4.480 4.760  ? ? ? ? ? ? 234 100.000 ? ? ? ? 0.261 ? ? ? ? ? ? ? ? 10.400 ? 1.352  ? ? 0.275 0.085 ? 15 1 0.949 ? ? 
4.760 5.130  ? ? ? ? ? ? 241 100.000 ? ? ? ? 0.201 ? ? ? ? ? ? ? ? 10.200 ? 1.387  ? ? 0.212 0.066 ? 16 1 0.984 ? ? 
5.130 5.640  ? ? ? ? ? ? 230 100.000 ? ? ? ? 0.162 ? ? ? ? ? ? ? ? 9.600  ? 2.050  ? ? 0.171 0.055 ? 17 1 0.984 ? ? 
5.640 6.460  ? ? ? ? ? ? 237 100.000 ? ? ? ? 0.127 ? ? ? ? ? ? ? ? 9.600  ? 1.837  ? ? 0.134 0.043 ? 18 1 0.991 ? ? 
6.460 8.130  ? ? ? ? ? ? 234 100.000 ? ? ? ? 0.122 ? ? ? ? ? ? ? ? 10.300 ? 3.605  ? ? 0.129 0.041 ? 19 1 0.964 ? ? 
8.130 50.000 ? ? ? ? ? ? 235 100.000 ? ? ? ? 0.111 ? ? ? ? ? ? ? ? 11.000 ? 10.806 ? ? 0.117 0.036 ? 20 1 0.986 ? ? 
# 
_refine.aniso_B[1][1]                            ? 
_refine.aniso_B[1][2]                            ? 
_refine.aniso_B[1][3]                            ? 
_refine.aniso_B[2][2]                            ? 
_refine.aniso_B[2][3]                            ? 
_refine.aniso_B[3][3]                            ? 
_refine.B_iso_max                                214.750 
_refine.B_iso_mean                               77.7597 
_refine.B_iso_min                                46.280 
_refine.correlation_coeff_Fo_to_Fc               ? 
_refine.correlation_coeff_Fo_to_Fc_free          ? 
_refine.details                                  ? 
_refine.diff_density_max                         ? 
_refine.diff_density_max_esd                     ? 
_refine.diff_density_min                         ? 
_refine.diff_density_min_esd                     ? 
_refine.diff_density_rms                         ? 
_refine.diff_density_rms_esd                     ? 
_refine.entry_id                                 7JNJ 
_refine.pdbx_refine_id                           'X-RAY DIFFRACTION' 
_refine.ls_abs_structure_details                 ? 
_refine.ls_abs_structure_Flack                   ? 
_refine.ls_abs_structure_Flack_esd               ? 
_refine.ls_abs_structure_Rogers                  ? 
_refine.ls_abs_structure_Rogers_esd              ? 
_refine.ls_d_res_high                            3.0150 
_refine.ls_d_res_low                             45.2400 
_refine.ls_extinction_coef                       ? 
_refine.ls_extinction_coef_esd                   ? 
_refine.ls_extinction_expression                 ? 
_refine.ls_extinction_method                     ? 
_refine.ls_goodness_of_fit_all                   ? 
_refine.ls_goodness_of_fit_all_esd               ? 
_refine.ls_goodness_of_fit_obs                   ? 
_refine.ls_goodness_of_fit_obs_esd               ? 
_refine.ls_hydrogen_treatment                    ? 
_refine.ls_matrix_type                           ? 
_refine.ls_number_constraints                    ? 
_refine.ls_number_parameters                     ? 
_refine.ls_number_reflns_all                     ? 
_refine.ls_number_reflns_obs                     4403 
_refine.ls_number_reflns_R_free                  440 
_refine.ls_number_reflns_R_work                  3963 
_refine.ls_number_restraints                     ? 
_refine.ls_percent_reflns_obs                    93.1300 
_refine.ls_percent_reflns_R_free                 9.9900 
_refine.ls_R_factor_all                          ? 
_refine.ls_R_factor_obs                          0.2105 
_refine.ls_R_factor_R_free                       0.2361 
_refine.ls_R_factor_R_free_error                 ? 
_refine.ls_R_factor_R_free_error_details         ? 
_refine.ls_R_factor_R_work                       0.2075 
_refine.ls_R_Fsqd_factor_obs                     ? 
_refine.ls_R_I_factor_obs                        ? 
_refine.ls_redundancy_reflns_all                 ? 
_refine.ls_redundancy_reflns_obs                 ? 
_refine.ls_restrained_S_all                      ? 
_refine.ls_restrained_S_obs                      ? 
_refine.ls_shift_over_esd_max                    ? 
_refine.ls_shift_over_esd_mean                   ? 
_refine.ls_structure_factor_coef                 ? 
_refine.ls_weighting_details                     ? 
_refine.ls_weighting_scheme                      ? 
_refine.ls_wR_factor_all                         ? 
_refine.ls_wR_factor_obs                         ? 
_refine.ls_wR_factor_R_free                      ? 
_refine.ls_wR_factor_R_work                      ? 
_refine.occupancy_max                            ? 
_refine.occupancy_min                            ? 
_refine.solvent_model_details                    'FLAT BULK SOLVENT MODEL' 
_refine.solvent_model_param_bsol                 ? 
_refine.solvent_model_param_ksol                 ? 
_refine.pdbx_R_complete                          ? 
_refine.ls_R_factor_gt                           ? 
_refine.ls_goodness_of_fit_gt                    ? 
_refine.ls_goodness_of_fit_ref                   ? 
_refine.ls_shift_over_su_max                     ? 
_refine.ls_shift_over_su_max_lt                  ? 
_refine.ls_shift_over_su_mean                    ? 
_refine.ls_shift_over_su_mean_lt                 ? 
_refine.pdbx_ls_sigma_I                          ? 
_refine.pdbx_ls_sigma_F                          1.960 
_refine.pdbx_ls_sigma_Fsqd                       ? 
_refine.pdbx_data_cutoff_high_absF               ? 
_refine.pdbx_data_cutoff_high_rms_absF           ? 
_refine.pdbx_data_cutoff_low_absF                ? 
_refine.pdbx_isotropic_thermal_model             ? 
_refine.pdbx_ls_cross_valid_method               THROUGHOUT 
_refine.pdbx_method_to_determine_struct          'MOLECULAR REPLACEMENT' 
_refine.pdbx_starting_model                      5VY6 
_refine.pdbx_stereochemistry_target_values       ML 
_refine.pdbx_R_Free_selection_details            ? 
_refine.pdbx_stereochem_target_val_spec_case     ? 
_refine.pdbx_overall_ESU_R                       ? 
_refine.pdbx_overall_ESU_R_Free                  ? 
_refine.pdbx_solvent_vdw_probe_radii             1.1100 
_refine.pdbx_solvent_ion_probe_radii             ? 
_refine.pdbx_solvent_shrinkage_radii             0.9000 
_refine.pdbx_real_space_R                        ? 
_refine.pdbx_density_correlation                 ? 
_refine.pdbx_pd_number_of_powder_patterns        ? 
_refine.pdbx_pd_number_of_points                 ? 
_refine.pdbx_pd_meas_number_of_points            ? 
_refine.pdbx_pd_proc_ls_prof_R_factor            ? 
_refine.pdbx_pd_proc_ls_prof_wR_factor           ? 
_refine.pdbx_pd_Marquardt_correlation_coeff      ? 
_refine.pdbx_pd_Fsqrd_R_factor                   ? 
_refine.pdbx_pd_ls_matrix_band_width             ? 
_refine.pdbx_overall_phase_error                 30.9100 
_refine.pdbx_overall_SU_R_free_Cruickshank_DPI   ? 
_refine.pdbx_overall_SU_R_free_Blow_DPI          ? 
_refine.pdbx_overall_SU_R_Blow_DPI               ? 
_refine.pdbx_TLS_residual_ADP_flag               ? 
_refine.pdbx_diffrn_id                           1 
_refine.overall_SU_B                             ? 
_refine.overall_SU_ML                            0.3200 
_refine.overall_SU_R_Cruickshank_DPI             ? 
_refine.overall_SU_R_free                        ? 
_refine.overall_FOM_free_R_set                   ? 
_refine.overall_FOM_work_R_set                   ? 
_refine.pdbx_average_fsc_overall                 ? 
_refine.pdbx_average_fsc_work                    ? 
_refine.pdbx_average_fsc_free                    ? 
# 
_refine_hist.pdbx_refine_id                   'X-RAY DIFFRACTION' 
_refine_hist.cycle_id                         final 
_refine_hist.details                          ? 
_refine_hist.d_res_high                       3.0150 
_refine_hist.d_res_low                        45.2400 
_refine_hist.number_atoms_solvent             0 
_refine_hist.number_atoms_total               857 
_refine_hist.number_reflns_all                ? 
_refine_hist.number_reflns_obs                ? 
_refine_hist.number_reflns_R_free             ? 
_refine_hist.number_reflns_R_work             ? 
_refine_hist.R_factor_all                     ? 
_refine_hist.R_factor_obs                     ? 
_refine_hist.R_factor_R_free                  ? 
_refine_hist.R_factor_R_work                  ? 
_refine_hist.pdbx_number_residues_total       42 
_refine_hist.pdbx_B_iso_mean_ligand           184.91 
_refine_hist.pdbx_B_iso_mean_solvent          ? 
_refine_hist.pdbx_number_atoms_protein        0 
_refine_hist.pdbx_number_atoms_nucleic_acid   855 
_refine_hist.pdbx_number_atoms_ligand         2 
_refine_hist.pdbx_number_atoms_lipid          ? 
_refine_hist.pdbx_number_atoms_carb           ? 
_refine_hist.pdbx_pseudo_atom_details         ? 
# 
loop_
_refine_ls_restr.pdbx_refine_id 
_refine_ls_restr.criterion 
_refine_ls_restr.dev_ideal 
_refine_ls_restr.dev_ideal_target 
_refine_ls_restr.number 
_refine_ls_restr.rejects 
_refine_ls_restr.type 
_refine_ls_restr.weight 
_refine_ls_restr.pdbx_restraint_function 
'X-RAY DIFFRACTION' ? 0.008  ? 956  ? f_bond_d           ? ? 
'X-RAY DIFFRACTION' ? 0.811  ? 1467 ? f_angle_d          ? ? 
'X-RAY DIFFRACTION' ? 0.045  ? 166  ? f_chiral_restr     ? ? 
'X-RAY DIFFRACTION' ? 0.005  ? 42   ? f_plane_restr      ? ? 
'X-RAY DIFFRACTION' ? 32.860 ? 406  ? f_dihedral_angle_d ? ? 
# 
loop_
_refine_ls_shell.pdbx_refine_id 
_refine_ls_shell.d_res_high 
_refine_ls_shell.d_res_low 
_refine_ls_shell.number_reflns_all 
_refine_ls_shell.number_reflns_obs 
_refine_ls_shell.number_reflns_R_free 
_refine_ls_shell.number_reflns_R_work 
_refine_ls_shell.percent_reflns_obs 
_refine_ls_shell.percent_reflns_R_free 
_refine_ls_shell.R_factor_all 
_refine_ls_shell.R_factor_obs 
_refine_ls_shell.R_factor_R_free 
_refine_ls_shell.R_factor_R_free_error 
_refine_ls_shell.R_factor_R_work 
_refine_ls_shell.redundancy_reflns_all 
_refine_ls_shell.redundancy_reflns_obs 
_refine_ls_shell.wR_factor_all 
_refine_ls_shell.wR_factor_obs 
_refine_ls_shell.wR_factor_R_free 
_refine_ls_shell.wR_factor_R_work 
_refine_ls_shell.pdbx_R_complete 
_refine_ls_shell.pdbx_total_number_of_bins_used 
_refine_ls_shell.pdbx_phase_error 
_refine_ls_shell.pdbx_fsc_work 
_refine_ls_shell.pdbx_fsc_free 
'X-RAY DIFFRACTION' 3.0150 3.4511 . . 122 1140 80.0000  . . . 0.2974 0.0000 0.2878 . . . . . . . . . . . 
'X-RAY DIFFRACTION' 3.4511 4.3475 . . 159 1418 100.0000 . . . 0.2996 0.0000 0.2603 . . . . . . . . . . . 
'X-RAY DIFFRACTION' 4.3475 45.24  . . 159 1405 99.0000  . . . 0.1941 0.0000 0.1650 . . . . . . . . . . . 
# 
_struct.entry_id                     7JNJ 
_struct.title                        
;Self-assembly of a 3D DNA crystal lattice (4x6 scramble duplex version) containing the J26 immobile Holliday junction with R3 symmetry
;
_struct.pdbx_model_details           ? 
_struct.pdbx_formula_weight          ? 
_struct.pdbx_formula_weight_method   ? 
_struct.pdbx_model_type_details      ? 
_struct.pdbx_CASP_flag               N 
# 
_struct_keywords.entry_id        7JNJ 
_struct_keywords.text            
'Structural DNA nanotechnology, immobile Holliday junctions, 3D DNA self-assembly, designer DNA crystals, DNA' 
_struct_keywords.pdbx_keywords   DNA 
# 
loop_
_struct_asym.id 
_struct_asym.pdbx_blank_PDB_chainid_flag 
_struct_asym.pdbx_modified 
_struct_asym.entity_id 
_struct_asym.details 
A N N 1 ? 
B N N 2 ? 
C N N 3 ? 
D N N 4 ? 
E N N 5 ? 
F N N 5 ? 
# 
loop_
_struct_conn.id 
_struct_conn.conn_type_id 
_struct_conn.pdbx_leaving_atom_flag 
_struct_conn.pdbx_PDB_id 
_struct_conn.ptnr1_label_asym_id 
_struct_conn.ptnr1_label_comp_id 
_struct_conn.ptnr1_label_seq_id 
_struct_conn.ptnr1_label_atom_id 
_struct_conn.pdbx_ptnr1_label_alt_id 
_struct_conn.pdbx_ptnr1_PDB_ins_code 
_struct_conn.pdbx_ptnr1_standard_comp_id 
_struct_conn.ptnr1_symmetry 
_struct_conn.ptnr2_label_asym_id 
_struct_conn.ptnr2_label_comp_id 
_struct_conn.ptnr2_label_seq_id 
_struct_conn.ptnr2_label_atom_id 
_struct_conn.pdbx_ptnr2_label_alt_id 
_struct_conn.pdbx_ptnr2_PDB_ins_code 
_struct_conn.ptnr1_auth_asym_id 
_struct_conn.ptnr1_auth_comp_id 
_struct_conn.ptnr1_auth_seq_id 
_struct_conn.ptnr2_auth_asym_id 
_struct_conn.ptnr2_auth_comp_id 
_struct_conn.ptnr2_auth_seq_id 
_struct_conn.ptnr2_symmetry 
_struct_conn.pdbx_ptnr3_label_atom_id 
_struct_conn.pdbx_ptnr3_label_seq_id 
_struct_conn.pdbx_ptnr3_label_comp_id 
_struct_conn.pdbx_ptnr3_label_asym_id 
_struct_conn.pdbx_ptnr3_label_alt_id 
_struct_conn.pdbx_ptnr3_PDB_ins_code 
_struct_conn.details 
_struct_conn.pdbx_dist_value 
_struct_conn.pdbx_value_order 
_struct_conn.pdbx_role 
hydrog1  hydrog ? ? A DA 3  N1 ? ? ? 1_555 C DT 7 N3 ? ? B DA 9  D DT 42 1_555 ? ? ? ? ? ? WATSON-CRICK ? ? ? 
hydrog2  hydrog ? ? A DA 3  N6 ? ? ? 1_555 C DT 7 O4 ? ? B DA 9  D DT 42 1_555 ? ? ? ? ? ? WATSON-CRICK ? ? ? 
hydrog3  hydrog ? ? A DC 4  N3 ? ? ? 1_555 C DG 6 N1 ? ? B DC 10 D DG 41 1_555 ? ? ? ? ? ? WATSON-CRICK ? ? ? 
hydrog4  hydrog ? ? A DC 4  N4 ? ? ? 1_555 C DG 6 O6 ? ? B DC 10 D DG 41 1_555 ? ? ? ? ? ? WATSON-CRICK ? ? ? 
hydrog5  hydrog ? ? A DC 4  O2 ? ? ? 1_555 C DG 6 N2 ? ? B DC 10 D DG 41 1_555 ? ? ? ? ? ? WATSON-CRICK ? ? ? 
hydrog6  hydrog ? ? A DG 5  N1 ? ? ? 1_555 C DC 5 N3 ? ? B DG 11 D DC 40 1_555 ? ? ? ? ? ? WATSON-CRICK ? ? ? 
hydrog7  hydrog ? ? A DG 5  N2 ? ? ? 1_555 C DC 5 O2 ? ? B DG 11 D DC 40 1_555 ? ? ? ? ? ? WATSON-CRICK ? ? ? 
hydrog8  hydrog ? ? A DG 5  O6 ? ? ? 1_555 C DC 5 N4 ? ? B DG 11 D DC 40 1_555 ? ? ? ? ? ? WATSON-CRICK ? ? ? 
hydrog9  hydrog ? ? A DA 6  N1 ? ? ? 1_555 C DT 4 N3 ? ? B DA 12 D DT 39 1_555 ? ? ? ? ? ? WATSON-CRICK ? ? ? 
hydrog10 hydrog ? ? A DA 6  N6 ? ? ? 1_555 C DT 4 O4 ? ? B DA 12 D DT 39 1_555 ? ? ? ? ? ? WATSON-CRICK ? ? ? 
hydrog11 hydrog ? ? A DC 7  N3 ? ? ? 1_555 C DG 3 N1 ? ? B DC 13 D DG 38 1_555 ? ? ? ? ? ? WATSON-CRICK ? ? ? 
hydrog12 hydrog ? ? A DC 7  N4 ? ? ? 1_555 C DG 3 O6 ? ? B DC 13 D DG 38 1_555 ? ? ? ? ? ? WATSON-CRICK ? ? ? 
hydrog13 hydrog ? ? A DC 7  O2 ? ? ? 1_555 C DG 3 N2 ? ? B DC 13 D DG 38 1_555 ? ? ? ? ? ? WATSON-CRICK ? ? ? 
hydrog14 hydrog ? ? A DA 8  N1 ? ? ? 1_555 C DT 2 N3 ? ? B DA 14 D DT 37 1_555 ? ? ? ? ? ? WATSON-CRICK ? ? ? 
hydrog15 hydrog ? ? A DA 8  N6 ? ? ? 1_555 C DT 2 O4 ? ? B DA 14 D DT 37 1_555 ? ? ? ? ? ? WATSON-CRICK ? ? ? 
hydrog16 hydrog ? ? A DT 9  N3 ? ? ? 1_555 C DA 1 N1 ? ? B DT 15 D DA 36 1_555 ? ? ? ? ? ? WATSON-CRICK ? ? ? 
hydrog17 hydrog ? ? A DT 9  O4 ? ? ? 1_555 C DA 1 N6 ? ? B DT 15 D DA 36 1_555 ? ? ? ? ? ? WATSON-CRICK ? ? ? 
hydrog18 hydrog ? ? A DT 10 N3 ? ? ? 1_555 D DA 6 N1 ? ? B DT 16 A DA 6  1_555 ? ? ? ? ? ? WATSON-CRICK ? ? ? 
hydrog19 hydrog ? ? A DT 10 O4 ? ? ? 1_555 D DA 6 N6 ? ? B DT 16 A DA 6  1_555 ? ? ? ? ? ? WATSON-CRICK ? ? ? 
hydrog20 hydrog ? ? A DG 11 N1 ? ? ? 1_555 D DC 5 N3 ? ? B DG 17 A DC 5  1_555 ? ? ? ? ? ? WATSON-CRICK ? ? ? 
hydrog21 hydrog ? ? A DG 11 N2 ? ? ? 1_555 D DC 5 O2 ? ? B DG 17 A DC 5  1_555 ? ? ? ? ? ? WATSON-CRICK ? ? ? 
hydrog22 hydrog ? ? A DG 11 O6 ? ? ? 1_555 D DC 5 N4 ? ? B DG 17 A DC 5  1_555 ? ? ? ? ? ? WATSON-CRICK ? ? ? 
hydrog23 hydrog ? ? A DA 12 N1 ? ? ? 1_555 D DT 4 N3 ? ? B DA 18 A DT 4  1_555 ? ? ? ? ? ? WATSON-CRICK ? ? ? 
hydrog24 hydrog ? ? A DA 12 N6 ? ? ? 1_555 D DT 4 O4 ? ? B DA 18 A DT 4  1_555 ? ? ? ? ? ? WATSON-CRICK ? ? ? 
hydrog25 hydrog ? ? A DC 13 N3 ? ? ? 1_555 D DG 3 N1 ? ? B DC 19 A DG 3  1_555 ? ? ? ? ? ? WATSON-CRICK ? ? ? 
hydrog26 hydrog ? ? A DC 13 N4 ? ? ? 1_555 D DG 3 O6 ? ? B DC 19 A DG 3  1_555 ? ? ? ? ? ? WATSON-CRICK ? ? ? 
hydrog27 hydrog ? ? A DC 13 O2 ? ? ? 1_555 D DG 3 N2 ? ? B DC 19 A DG 3  1_555 ? ? ? ? ? ? WATSON-CRICK ? ? ? 
hydrog28 hydrog ? ? A DG 14 N1 ? ? ? 1_555 D DC 2 N3 ? ? B DG 20 A DC 2  1_555 ? ? ? ? ? ? WATSON-CRICK ? ? ? 
hydrog29 hydrog ? ? A DG 14 N2 ? ? ? 1_555 D DC 2 O2 ? ? B DG 20 A DC 2  1_555 ? ? ? ? ? ? WATSON-CRICK ? ? ? 
hydrog30 hydrog ? ? A DG 14 O6 ? ? ? 1_555 D DC 2 N4 ? ? B DG 20 A DC 2  1_555 ? ? ? ? ? ? WATSON-CRICK ? ? ? 
hydrog31 hydrog ? ? A DA 15 N1 ? ? ? 1_555 D DT 1 N3 ? ? B DA 21 A DT 1  1_555 ? ? ? ? ? ? WATSON-CRICK ? ? ? 
hydrog32 hydrog ? ? A DA 15 N6 ? ? ? 1_555 D DT 1 O4 ? ? B DA 21 A DT 1  1_555 ? ? ? ? ? ? WATSON-CRICK ? ? ? 
hydrog33 hydrog ? ? A DC 16 N3 ? ? ? 1_555 B DG 8 N1 ? ? B DC 22 C DG 35 1_555 ? ? ? ? ? ? WATSON-CRICK ? ? ? 
hydrog34 hydrog ? ? A DC 16 N4 ? ? ? 1_555 B DG 8 O6 ? ? B DC 22 C DG 35 1_555 ? ? ? ? ? ? WATSON-CRICK ? ? ? 
hydrog35 hydrog ? ? A DC 16 O2 ? ? ? 1_555 B DG 8 N2 ? ? B DC 22 C DG 35 1_555 ? ? ? ? ? ? WATSON-CRICK ? ? ? 
hydrog36 hydrog ? ? A DG 17 N1 ? ? ? 1_555 B DC 7 N3 ? ? B DG 23 C DC 34 1_555 ? ? ? ? ? ? WATSON-CRICK ? ? ? 
hydrog37 hydrog ? ? A DG 17 N2 ? ? ? 1_555 B DC 7 O2 ? ? B DG 23 C DC 34 1_555 ? ? ? ? ? ? WATSON-CRICK ? ? ? 
hydrog38 hydrog ? ? A DG 17 O6 ? ? ? 1_555 B DC 7 N4 ? ? B DG 23 C DC 34 1_555 ? ? ? ? ? ? WATSON-CRICK ? ? ? 
hydrog39 hydrog ? ? A DA 18 N1 ? ? ? 1_555 B DT 6 N3 ? ? B DA 24 C DT 33 1_555 ? ? ? ? ? ? WATSON-CRICK ? ? ? 
hydrog40 hydrog ? ? A DA 18 N6 ? ? ? 1_555 B DT 6 O4 ? ? B DA 24 C DT 33 1_555 ? ? ? ? ? ? WATSON-CRICK ? ? ? 
hydrog41 hydrog ? ? A DC 19 N3 ? ? ? 1_555 B DG 5 N1 ? ? B DC 25 C DG 32 1_555 ? ? ? ? ? ? WATSON-CRICK ? ? ? 
hydrog42 hydrog ? ? A DC 19 N4 ? ? ? 1_555 B DG 5 O6 ? ? B DC 25 C DG 32 1_555 ? ? ? ? ? ? WATSON-CRICK ? ? ? 
hydrog43 hydrog ? ? A DC 19 O2 ? ? ? 1_555 B DG 5 N2 ? ? B DC 25 C DG 32 1_555 ? ? ? ? ? ? WATSON-CRICK ? ? ? 
hydrog44 hydrog ? ? A DT 20 N3 ? ? ? 1_555 B DA 4 N1 ? ? B DT 26 C DA 31 1_555 ? ? ? ? ? ? WATSON-CRICK ? ? ? 
hydrog45 hydrog ? ? A DT 20 O4 ? ? ? 1_555 B DA 4 N6 ? ? B DT 26 C DA 31 1_555 ? ? ? ? ? ? WATSON-CRICK ? ? ? 
hydrog46 hydrog ? ? A DC 21 N3 ? ? ? 1_555 B DG 3 N1 ? ? B DC 27 C DG 30 1_555 ? ? ? ? ? ? WATSON-CRICK ? ? ? 
hydrog47 hydrog ? ? A DC 21 N4 ? ? ? 1_555 B DG 3 O6 ? ? B DC 27 C DG 30 1_555 ? ? ? ? ? ? WATSON-CRICK ? ? ? 
hydrog48 hydrog ? ? A DC 21 O2 ? ? ? 1_555 B DG 3 N2 ? ? B DC 27 C DG 30 1_555 ? ? ? ? ? ? WATSON-CRICK ? ? ? 
# 
_struct_conn_type.id          hydrog 
_struct_conn_type.criteria    ? 
_struct_conn_type.reference   ? 
# 
_atom_sites.entry_id                    7JNJ 
_atom_sites.Cartn_transf_matrix[1][1]   ? 
_atom_sites.Cartn_transf_matrix[1][2]   ? 
_atom_sites.Cartn_transf_matrix[1][3]   ? 
_atom_sites.Cartn_transf_matrix[2][1]   ? 
_atom_sites.Cartn_transf_matrix[2][2]   ? 
_atom_sites.Cartn_transf_matrix[2][3]   ? 
_atom_sites.Cartn_transf_matrix[3][1]   ? 
_atom_sites.Cartn_transf_matrix[3][2]   ? 
_atom_sites.Cartn_transf_matrix[3][3]   ? 
_atom_sites.Cartn_transf_vector[1]      ? 
_atom_sites.Cartn_transf_vector[2]      ? 
_atom_sites.Cartn_transf_vector[3]      ? 
_atom_sites.fract_transf_matrix[1][1]   0.00247569 
_atom_sites.fract_transf_matrix[1][2]   0.00936499 
_atom_sites.fract_transf_matrix[1][3]   -0.00350753 
_atom_sites.fract_transf_matrix[2][1]   -0.00133155 
_atom_sites.fract_transf_matrix[2][2]   0.00826639 
_atom_sites.fract_transf_matrix[2][3]   0.00600209 
_atom_sites.fract_transf_matrix[3][1]   0.01812922 
_atom_sites.fract_transf_matrix[3][2]   -0.00216793 
_atom_sites.fract_transf_matrix[3][3]   0.00700770 
_atom_sites.fract_transf_vector[1]      0.265127 
_atom_sites.fract_transf_vector[2]      1.016179 
_atom_sites.fract_transf_vector[3]      -0.212094 
_atom_sites.solution_primary            ? 
_atom_sites.solution_secondary          ? 
_atom_sites.solution_hydrogens          ? 
_atom_sites.special_details             ? 
# 
loop_
_atom_type.symbol 
AS 
C  
MG 
N  
O  
P  
# 
loop_
_atom_site.group_PDB 
_atom_site.id 
_atom_site.type_symbol 
_atom_site.label_atom_id 
_atom_site.label_alt_id 
_atom_site.label_comp_id 
_atom_site.label_asym_id 
_atom_site.label_entity_id 
_atom_site.label_seq_id 
_atom_site.pdbx_PDB_ins_code 
_atom_site.Cartn_x 
_atom_site.Cartn_y 
_atom_site.Cartn_z 
_atom_site.occupancy 
_atom_site.B_iso_or_equiv 
_atom_site.pdbx_formal_charge 
_atom_site.auth_seq_id 
_atom_site.auth_comp_id 
_atom_site.auth_asym_id 
_atom_site.auth_atom_id 
_atom_site.pdbx_PDB_model_num 
ATOM   1   O  "O5'" . DG  A 1 1  ? -14.105 30.305  7.617   1.00 108.12 ? 7   DG  B "O5'" 1 
ATOM   2   C  "C5'" . DG  A 1 1  ? -13.322 31.429  7.230   1.00 111.87 ? 7   DG  B "C5'" 1 
ATOM   3   C  "C4'" . DG  A 1 1  ? -12.258 31.722  8.270   1.00 114.33 ? 7   DG  B "C4'" 1 
ATOM   4   O  "O4'" . DG  A 1 1  ? -12.887 31.968  9.545   1.00 110.51 ? 7   DG  B "O4'" 1 
ATOM   5   C  "C3'" . DG  A 1 1  ? -11.295 30.580  8.523   1.00 111.02 ? 7   DG  B "C3'" 1 
ATOM   6   O  "O3'" . DG  A 1 1  ? -10.214 30.674  7.627   1.00 115.79 ? 7   DG  B "O3'" 1 
ATOM   7   C  "C2'" . DG  A 1 1  ? -10.842 30.832  9.955   1.00 104.83 ? 7   DG  B "C2'" 1 
ATOM   8   C  "C1'" . DG  A 1 1  ? -12.071 31.475  10.589  1.00 100.47 ? 7   DG  B "C1'" 1 
ATOM   9   N  N9    . DG  A 1 1  ? -12.858 30.560  11.403  1.00 91.76  ? 7   DG  B N9    1 
ATOM   10  C  C8    . DG  A 1 1  ? -14.072 29.996  11.088  1.00 88.59  ? 7   DG  B C8    1 
ATOM   11  N  N7    . DG  A 1 1  ? -14.547 29.227  12.031  1.00 84.95  ? 7   DG  B N7    1 
ATOM   12  C  C5    . DG  A 1 1  ? -13.585 29.288  13.034  1.00 85.38  ? 7   DG  B C5    1 
ATOM   13  C  C6    . DG  A 1 1  ? -13.546 28.660  14.300  1.00 84.55  ? 7   DG  B C6    1 
ATOM   14  O  O6    . DG  A 1 1  ? -14.382 27.895  14.802  1.00 83.91  ? 7   DG  B O6    1 
ATOM   15  N  N1    . DG  A 1 1  ? -12.386 28.992  15.008  1.00 83.73  ? 7   DG  B N1    1 
ATOM   16  C  C2    . DG  A 1 1  ? -11.394 29.826  14.546  1.00 86.58  ? 7   DG  B C2    1 
ATOM   17  N  N2    . DG  A 1 1  ? -10.350 30.030  15.369  1.00 85.35  ? 7   DG  B N2    1 
ATOM   18  N  N3    . DG  A 1 1  ? -11.421 30.425  13.362  1.00 90.42  ? 7   DG  B N3    1 
ATOM   19  C  C4    . DG  A 1 1  ? -12.541 30.108  12.662  1.00 90.19  ? 7   DG  B C4    1 
ATOM   20  P  P     . DA  A 1 2  ? -9.270  29.402  7.392   1.00 127.12 ? 8   DA  B P     1 
ATOM   21  O  OP1   . DA  A 1 2  ? -8.458  29.655  6.176   1.00 125.55 ? 8   DA  B OP1   1 
ATOM   22  O  OP2   . DA  A 1 2  ? -10.131 28.202  7.495   1.00 117.14 ? 8   DA  B OP2   1 
ATOM   23  O  "O5'" . DA  A 1 2  ? -8.317  29.398  8.671   1.00 115.81 ? 8   DA  B "O5'" 1 
ATOM   24  C  "C5'" . DA  A 1 2  ? -7.502  30.525  8.958   1.00 110.21 ? 8   DA  B "C5'" 1 
ATOM   25  C  "C4'" . DA  A 1 2  ? -6.863  30.364  10.320  1.00 112.53 ? 8   DA  B "C4'" 1 
ATOM   26  O  "O4'" . DA  A 1 2  ? -7.893  30.023  11.285  1.00 104.52 ? 8   DA  B "O4'" 1 
ATOM   27  C  "C3'" . DA  A 1 2  ? -5.821  29.249  10.407  1.00 114.17 ? 8   DA  B "C3'" 1 
ATOM   28  O  "O3'" . DA  A 1 2  ? -4.746  29.639  11.246  1.00 117.39 ? 8   DA  B "O3'" 1 
ATOM   29  C  "C2'" . DA  A 1 2  ? -6.600  28.086  11.005  1.00 105.22 ? 8   DA  B "C2'" 1 
ATOM   30  C  "C1'" . DA  A 1 2  ? -7.573  28.806  11.921  1.00 99.40  ? 8   DA  B "C1'" 1 
ATOM   31  N  N9    . DA  A 1 2  ? -8.803  28.065  12.124  1.00 96.09  ? 8   DA  B N9    1 
ATOM   32  C  C8    . DA  A 1 2  ? -9.804  27.862  11.215  1.00 98.16  ? 8   DA  B C8    1 
ATOM   33  N  N7    . DA  A 1 2  ? -10.797 27.140  11.678  1.00 96.22  ? 8   DA  B N7    1 
ATOM   34  C  C5    . DA  A 1 2  ? -10.416 26.846  12.977  1.00 89.49  ? 8   DA  B C5    1 
ATOM   35  C  C6    . DA  A 1 2  ? -11.034 26.109  14.004  1.00 86.16  ? 8   DA  B C6    1 
ATOM   36  N  N6    . DA  A 1 2  ? -12.223 25.511  13.868  1.00 83.84  ? 8   DA  B N6    1 
ATOM   37  N  N1    . DA  A 1 2  ? -10.384 26.013  15.181  1.00 85.67  ? 8   DA  B N1    1 
ATOM   38  C  C2    . DA  A 1 2  ? -9.194  26.617  15.314  1.00 88.14  ? 8   DA  B C2    1 
ATOM   39  N  N3    . DA  A 1 2  ? -8.512  27.333  14.422  1.00 88.20  ? 8   DA  B N3    1 
ATOM   40  C  C4    . DA  A 1 2  ? -9.185  27.409  13.265  1.00 90.86  ? 8   DA  B C4    1 
ATOM   41  P  P     . DA  A 1 3  ? -3.488  28.657  11.436  1.00 121.39 ? 9   DA  B P     1 
ATOM   42  O  OP1   . DA  A 1 3  ? -2.318  29.461  11.865  1.00 123.18 ? 9   DA  B OP1   1 
ATOM   43  O  OP2   . DA  A 1 3  ? -3.405  27.798  10.233  1.00 118.39 ? 9   DA  B OP2   1 
ATOM   44  O  "O5'" . DA  A 1 3  ? -3.917  27.732  12.655  1.00 107.48 ? 9   DA  B "O5'" 1 
ATOM   45  C  "C5'" . DA  A 1 3  ? -3.434  28.011  13.950  1.00 106.04 ? 9   DA  B "C5'" 1 
ATOM   46  C  "C4'" . DA  A 1 3  ? -3.515  26.767  14.792  1.00 100.76 ? 9   DA  B "C4'" 1 
ATOM   47  O  "O4'" . DA  A 1 3  ? -4.895  26.391  14.911  1.00 97.40  ? 9   DA  B "O4'" 1 
ATOM   48  C  "C3'" . DA  A 1 3  ? -2.808  25.562  14.179  1.00 102.84 ? 9   DA  B "C3'" 1 
ATOM   49  O  "O3'" . DA  A 1 3  ? -1.516  25.348  14.798  1.00 101.68 ? 9   DA  B "O3'" 1 
ATOM   50  C  "C2'" . DA  A 1 3  ? -3.763  24.382  14.389  1.00 95.62  ? 9   DA  B "C2'" 1 
ATOM   51  C  "C1'" . DA  A 1 3  ? -5.003  24.996  15.036  1.00 90.77  ? 9   DA  B "C1'" 1 
ATOM   52  N  N9    . DA  A 1 3  ? -6.260  24.591  14.410  1.00 89.18  ? 9   DA  B N9    1 
ATOM   53  C  C8    . DA  A 1 3  ? -6.691  24.899  13.144  1.00 89.77  ? 9   DA  B C8    1 
ATOM   54  N  N7    . DA  A 1 3  ? -7.880  24.419  12.852  1.00 84.32  ? 9   DA  B N7    1 
ATOM   55  C  C5    . DA  A 1 3  ? -8.260  23.755  14.009  1.00 87.20  ? 9   DA  B C5    1 
ATOM   56  C  C6    . DA  A 1 3  ? -9.426  23.033  14.350  1.00 89.17  ? 9   DA  B C6    1 
ATOM   57  N  N6    . DA  A 1 3  ? -10.458 22.854  13.510  1.00 85.66  ? 9   DA  B N6    1 
ATOM   58  N  N1    . DA  A 1 3  ? -9.487  22.498  15.598  1.00 84.94  ? 9   DA  B N1    1 
ATOM   59  C  C2    . DA  A 1 3  ? -8.449  22.678  16.434  1.00 82.55  ? 9   DA  B C2    1 
ATOM   60  N  N3    . DA  A 1 3  ? -7.305  23.337  16.226  1.00 82.66  ? 9   DA  B N3    1 
ATOM   61  C  C4    . DA  A 1 3  ? -7.274  23.856  14.982  1.00 86.74  ? 9   DA  B C4    1 
ATOM   62  P  P     . DC  A 1 4  ? -1.373  24.813  16.313  1.00 107.63 ? 10  DC  B P     1 
ATOM   63  O  OP1   . DC  A 1 4  ? -2.498  25.265  17.161  1.00 110.57 ? 10  DC  B OP1   1 
ATOM   64  O  OP2   . DC  A 1 4  ? 0.013   25.111  16.731  1.00 100.96 ? 10  DC  B OP2   1 
ATOM   65  O  "O5'" . DC  A 1 4  ? -1.517  23.234  16.202  1.00 91.48  ? 10  DC  B "O5'" 1 
ATOM   66  C  "C5'" . DC  A 1 4  ? -0.984  22.435  17.231  1.00 93.64  ? 10  DC  B "C5'" 1 
ATOM   67  C  "C4'" . DC  A 1 4  ? -1.996  21.420  17.715  1.00 92.98  ? 10  DC  B "C4'" 1 
ATOM   68  O  "O4'" . DC  A 1 4  ? -3.326  21.808  17.316  1.00 87.00  ? 10  DC  B "O4'" 1 
ATOM   69  C  "C3'" . DC  A 1 4  ? -1.855  20.038  17.121  1.00 93.73  ? 10  DC  B "C3'" 1 
ATOM   70  O  "O3'" . DC  A 1 4  ? -0.737  19.324  17.711  1.00 91.95  ? 10  DC  B "O3'" 1 
ATOM   71  C  "C2'" . DC  A 1 4  ? -3.215  19.434  17.463  1.00 84.98  ? 10  DC  B "C2'" 1 
ATOM   72  C  "C1'" . DC  A 1 4  ? -4.147  20.642  17.308  1.00 85.23  ? 10  DC  B "C1'" 1 
ATOM   73  N  N1    . DC  A 1 4  ? -5.005  20.641  16.051  1.00 83.95  ? 10  DC  B N1    1 
ATOM   74  C  C2    . DC  A 1 4  ? -6.257  19.994  16.047  1.00 82.93  ? 10  DC  B C2    1 
ATOM   75  O  O2    . DC  A 1 4  ? -6.637  19.398  17.065  1.00 85.92  ? 10  DC  B O2    1 
ATOM   76  N  N3    . DC  A 1 4  ? -7.015  20.029  14.917  1.00 79.22  ? 10  DC  B N3    1 
ATOM   77  C  C4    . DC  A 1 4  ? -6.576  20.678  13.834  1.00 80.65  ? 10  DC  B C4    1 
ATOM   78  N  N4    . DC  A 1 4  ? -7.356  20.685  12.743  1.00 76.36  ? 10  DC  B N4    1 
ATOM   79  C  C5    . DC  A 1 4  ? -5.317  21.347  13.823  1.00 80.12  ? 10  DC  B C5    1 
ATOM   80  C  C6    . DC  A 1 4  ? -4.574  21.302  14.940  1.00 84.30  ? 10  DC  B C6    1 
ATOM   81  P  P     . DG  A 1 5  ? -0.814  18.677  19.184  1.00 101.46 ? 11  DG  B P     1 
ATOM   82  O  OP1   . DG  A 1 5  ? -1.510  19.601  20.104  1.00 99.78  ? 11  DG  B OP1   1 
ATOM   83  O  OP2   . DG  A 1 5  ? 0.560   18.232  19.522  1.00 102.55 ? 11  DG  B OP2   1 
ATOM   84  O  "O5'" . DG  A 1 5  ? -1.722  17.374  19.000  1.00 88.44  ? 11  DG  B "O5'" 1 
ATOM   85  C  "C5'" . DG  A 1 5  ? -2.542  16.946  20.070  1.00 87.88  ? 11  DG  B "C5'" 1 
ATOM   86  C  "C4'" . DG  A 1 5  ? -3.673  16.073  19.568  1.00 92.96  ? 11  DG  B "C4'" 1 
ATOM   87  O  "O4'" . DG  A 1 5  ? -4.279  16.686  18.415  1.00 86.60  ? 11  DG  B "O4'" 1 
ATOM   88  C  "C3'" . DG  A 1 5  ? -3.256  14.667  19.142  1.00 91.88  ? 11  DG  B "C3'" 1 
ATOM   89  O  "O3'" . DG  A 1 5  ? -3.844  13.720  20.011  1.00 94.38  ? 11  DG  B "O3'" 1 
ATOM   90  C  "C2'" . DG  A 1 5  ? -3.768  14.517  17.700  1.00 88.00  ? 11  DG  B "C2'" 1 
ATOM   91  C  "C1'" . DG  A 1 5  ? -4.731  15.689  17.536  1.00 84.52  ? 11  DG  B "C1'" 1 
ATOM   92  N  N9    . DG  A 1 5  ? -4.742  16.278  16.193  1.00 80.08  ? 11  DG  B N9    1 
ATOM   93  C  C8    . DG  A 1 5  ? -3.742  17.020  15.613  1.00 79.94  ? 11  DG  B C8    1 
ATOM   94  N  N7    . DG  A 1 5  ? -4.032  17.459  14.420  1.00 75.79  ? 11  DG  B N7    1 
ATOM   95  C  C5    . DG  A 1 5  ? -5.309  16.974  14.184  1.00 75.41  ? 11  DG  B C5    1 
ATOM   96  C  C6    . DG  A 1 5  ? -6.138  17.125  13.050  1.00 75.04  ? 11  DG  B C6    1 
ATOM   97  O  O6    . DG  A 1 5  ? -5.894  17.739  11.996  1.00 70.15  ? 11  DG  B O6    1 
ATOM   98  N  N1    . DG  A 1 5  ? -7.363  16.478  13.220  1.00 73.77  ? 11  DG  B N1    1 
ATOM   99  C  C2    . DG  A 1 5  ? -7.731  15.771  14.349  1.00 78.66  ? 11  DG  B C2    1 
ATOM   100 N  N2    . DG  A 1 5  ? -8.956  15.212  14.331  1.00 81.62  ? 11  DG  B N2    1 
ATOM   101 N  N3    . DG  A 1 5  ? -6.958  15.623  15.422  1.00 75.70  ? 11  DG  B N3    1 
ATOM   102 C  C4    . DG  A 1 5  ? -5.768  16.249  15.270  1.00 75.96  ? 11  DG  B C4    1 
ATOM   103 P  P     . DA  A 1 6  ? -3.405  12.181  19.934  1.00 105.08 ? 12  DA  B P     1 
ATOM   104 O  OP1   . DA  A 1 6  ? -3.569  11.568  21.276  1.00 98.05  ? 12  DA  B OP1   1 
ATOM   105 O  OP2   . DA  A 1 6  ? -2.079  12.155  19.276  1.00 103.62 ? 12  DA  B OP2   1 
ATOM   106 O  "O5'" . DA  A 1 6  ? -4.509  11.549  18.973  1.00 90.94  ? 12  DA  B "O5'" 1 
ATOM   107 C  "C5'" . DA  A 1 6  ? -5.870  11.619  19.355  1.00 89.28  ? 12  DA  B "C5'" 1 
ATOM   108 C  "C4'" . DA  A 1 6  ? -6.760  11.034  18.282  1.00 90.21  ? 12  DA  B "C4'" 1 
ATOM   109 O  "O4'" . DA  A 1 6  ? -6.800  11.922  17.136  1.00 83.90  ? 12  DA  B "O4'" 1 
ATOM   110 C  "C3'" . DA  A 1 6  ? -6.302  9.686   17.741  1.00 90.18  ? 12  DA  B "C3'" 1 
ATOM   111 O  "O3'" . DA  A 1 6  ? -7.423  8.896   17.453  1.00 90.22  ? 12  DA  B "O3'" 1 
ATOM   112 C  "C2'" . DA  A 1 6  ? -5.573  10.070  16.469  1.00 86.34  ? 12  DA  B "C2'" 1 
ATOM   113 C  "C1'" . DA  A 1 6  ? -6.463  11.191  15.981  1.00 82.95  ? 12  DA  B "C1'" 1 
ATOM   114 N  N9    . DA  A 1 6  ? -5.801  12.086  15.052  1.00 75.94  ? 12  DA  B N9    1 
ATOM   115 C  C8    . DA  A 1 6  ? -4.581  12.667  15.202  1.00 75.63  ? 12  DA  B C8    1 
ATOM   116 N  N7    . DA  A 1 6  ? -4.236  13.437  14.199  1.00 70.52  ? 12  DA  B N7    1 
ATOM   117 C  C5    . DA  A 1 6  ? -5.304  13.346  13.330  1.00 70.26  ? 12  DA  B C5    1 
ATOM   118 C  C6    . DA  A 1 6  ? -5.559  13.924  12.074  1.00 71.31  ? 12  DA  B C6    1 
ATOM   119 N  N6    . DA  A 1 6  ? -4.702  14.749  11.461  1.00 69.63  ? 12  DA  B N6    1 
ATOM   120 N  N1    . DA  A 1 6  ? -6.730  13.624  11.469  1.00 72.91  ? 12  DA  B N1    1 
ATOM   121 C  C2    . DA  A 1 6  ? -7.586  12.797  12.094  1.00 78.38  ? 12  DA  B C2    1 
ATOM   122 N  N3    . DA  A 1 6  ? -7.453  12.193  13.278  1.00 73.94  ? 12  DA  B N3    1 
ATOM   123 C  C4    . DA  A 1 6  ? -6.283  12.512  13.845  1.00 71.38  ? 12  DA  B C4    1 
ATOM   124 P  P     . DC  A 1 7  ? -7.467  7.387   17.980  1.00 104.01 ? 13  DC  B P     1 
ATOM   125 O  OP1   . DC  A 1 7  ? -8.723  7.214   18.745  1.00 103.51 ? 13  DC  B OP1   1 
ATOM   126 O  OP2   . DC  A 1 7  ? -6.148  7.122   18.610  1.00 95.52  ? 13  DC  B OP2   1 
ATOM   127 O  "O5'" . DC  A 1 7  ? -7.557  6.529   16.643  1.00 96.18  ? 13  DC  B "O5'" 1 
ATOM   128 C  "C5'" . DC  A 1 7  ? -6.943  7.013   15.477  1.00 90.94  ? 13  DC  B "C5'" 1 
ATOM   129 C  "C4'" . DC  A 1 7  ? -7.980  7.292   14.420  1.00 89.74  ? 13  DC  B "C4'" 1 
ATOM   130 O  "O4'" . DC  A 1 7  ? -7.726  8.590   13.826  1.00 86.09  ? 13  DC  B "O4'" 1 
ATOM   131 C  "C3'" . DC  A 1 7  ? -7.971  6.294   13.277  1.00 85.88  ? 13  DC  B "C3'" 1 
ATOM   132 O  "O3'" . DC  A 1 7  ? -9.265  6.107   12.773  1.00 90.11  ? 13  DC  B "O3'" 1 
ATOM   133 C  "C2'" . DC  A 1 7  ? -7.068  6.960   12.252  1.00 92.19  ? 13  DC  B "C2'" 1 
ATOM   134 C  "C1'" . DC  A 1 7  ? -7.372  8.436   12.463  1.00 82.32  ? 13  DC  B "C1'" 1 
ATOM   135 N  N1    . DC  A 1 7  ? -6.200  9.296   12.189  1.00 75.92  ? 13  DC  B N1    1 
ATOM   136 C  C2    . DC  A 1 7  ? -6.129  10.028  10.994  1.00 75.63  ? 13  DC  B C2    1 
ATOM   137 O  O2    . DC  A 1 7  ? -7.065  9.961   10.185  1.00 76.53  ? 13  DC  B O2    1 
ATOM   138 N  N3    . DC  A 1 7  ? -5.039  10.803  10.766  1.00 70.22  ? 13  DC  B N3    1 
ATOM   139 C  C4    . DC  A 1 7  ? -4.055  10.849  11.670  1.00 70.91  ? 13  DC  B C4    1 
ATOM   140 N  N4    . DC  A 1 7  ? -2.996  11.624  11.408  1.00 71.76  ? 13  DC  B N4    1 
ATOM   141 C  C5    . DC  A 1 7  ? -4.109  10.103  12.882  1.00 70.45  ? 13  DC  B C5    1 
ATOM   142 C  C6    . DC  A 1 7  ? -5.186  9.346   13.096  1.00 72.76  ? 13  DC  B C6    1 
ATOM   143 P  P     . DA  A 1 8  ? -9.519  4.952   11.689  1.00 100.48 ? 14  DA  B P     1 
ATOM   144 O  OP1   . DA  A 1 8  ? -10.937 4.527   11.781  1.00 95.72  ? 14  DA  B OP1   1 
ATOM   145 O  OP2   . DA  A 1 8  ? -8.435  3.962   11.879  1.00 98.98  ? 14  DA  B OP2   1 
ATOM   146 O  "O5'" . DA  A 1 8  ? -9.254  5.683   10.295  1.00 83.75  ? 14  DA  B "O5'" 1 
ATOM   147 C  "C5'" . DA  A 1 8  ? -9.832  6.950   10.046  1.00 81.41  ? 14  DA  B "C5'" 1 
ATOM   148 C  "C4'" . DA  A 1 8  ? -9.675  7.331   8.589   1.00 84.69  ? 14  DA  B "C4'" 1 
ATOM   149 O  "O4'" . DA  A 1 8  ? -8.494  8.156   8.427   1.00 84.32  ? 14  DA  B "O4'" 1 
ATOM   150 C  "C3'" . DA  A 1 8  ? -9.493  6.158   7.634   1.00 86.31  ? 14  DA  B "C3'" 1 
ATOM   151 O  "O3'" . DA  A 1 8  ? -10.093 6.454   6.402   1.00 87.12  ? 14  DA  B "O3'" 1 
ATOM   152 C  "C2'" . DA  A 1 8  ? -7.981  6.074   7.493   1.00 82.36  ? 14  DA  B "C2'" 1 
ATOM   153 C  "C1'" . DA  A 1 8  ? -7.607  7.545   7.515   1.00 78.79  ? 14  DA  B "C1'" 1 
ATOM   154 N  N9    . DA  A 1 8  ? -6.246  7.776   7.975   1.00 76.48  ? 14  DA  B N9    1 
ATOM   155 C  C8    . DA  A 1 8  ? -5.631  7.197   9.053   1.00 75.75  ? 14  DA  B C8    1 
ATOM   156 N  N7    . DA  A 1 8  ? -4.394  7.598   9.234   1.00 72.53  ? 14  DA  B N7    1 
ATOM   157 C  C5    . DA  A 1 8  ? -4.186  8.499   8.198   1.00 71.83  ? 14  DA  B C5    1 
ATOM   158 C  C6    . DA  A 1 8  ? -3.075  9.278   7.828   1.00 70.41  ? 14  DA  B C6    1 
ATOM   159 N  N6    . DA  A 1 8  ? -1.917  9.269   8.496   1.00 68.77  ? 14  DA  B N6    1 
ATOM   160 N  N1    . DA  A 1 8  ? -3.201  10.077  6.746   1.00 70.89  ? 14  DA  B N1    1 
ATOM   161 C  C2    . DA  A 1 8  ? -4.361  10.083  6.081   1.00 72.89  ? 14  DA  B C2    1 
ATOM   162 N  N3    . DA  A 1 8  ? -5.475  9.394   6.334   1.00 72.69  ? 14  DA  B N3    1 
ATOM   163 C  C4    . DA  A 1 8  ? -5.320  8.619   7.416   1.00 71.29  ? 14  DA  B C4    1 
ATOM   164 P  P     . DT  A 1 9  ? -10.534 5.261   5.426   1.00 93.75  ? 15  DT  B P     1 
ATOM   165 O  OP1   . DT  A 1 9  ? -11.880 4.790   5.823   1.00 90.18  ? 15  DT  B OP1   1 
ATOM   166 O  OP2   . DT  A 1 9  ? -9.427  4.288   5.378   1.00 90.41  ? 15  DT  B OP2   1 
ATOM   167 O  "O5'" . DT  A 1 9  ? -10.600 5.962   3.999   1.00 80.50  ? 15  DT  B "O5'" 1 
ATOM   168 C  "C5'" . DT  A 1 9  ? -9.625  5.656   3.042   1.00 83.00  ? 15  DT  B "C5'" 1 
ATOM   169 C  "C4'" . DT  A 1 9  ? -8.691  6.825   2.827   1.00 83.37  ? 15  DT  B "C4'" 1 
ATOM   170 O  "O4'" . DT  A 1 9  ? -7.731  6.888   3.893   1.00 82.80  ? 15  DT  B "O4'" 1 
ATOM   171 C  "C3'" . DT  A 1 9  ? -7.838  6.708   1.584   1.00 85.07  ? 15  DT  B "C3'" 1 
ATOM   172 O  "O3'" . DT  A 1 9  ? -8.531  7.220   0.474   1.00 87.72  ? 15  DT  B "O3'" 1 
ATOM   173 C  "C2'" . DT  A 1 9  ? -6.606  7.552   1.909   1.00 80.48  ? 15  DT  B "C2'" 1 
ATOM   174 C  "C1'" . DT  A 1 9  ? -6.623  7.644   3.436   1.00 83.84  ? 15  DT  B "C1'" 1 
ATOM   175 N  N1    . DT  A 1 9  ? -5.369  7.143   4.095   1.00 81.31  ? 15  DT  B N1    1 
ATOM   176 C  C2    . DT  A 1 9  ? -4.141  7.692   3.753   1.00 78.19  ? 15  DT  B C2    1 
ATOM   177 O  O2    . DT  A 1 9  ? -3.996  8.563   2.909   1.00 78.65  ? 15  DT  B O2    1 
ATOM   178 N  N3    . DT  A 1 9  ? -3.078  7.168   4.430   1.00 73.68  ? 15  DT  B N3    1 
ATOM   179 C  C4    . DT  A 1 9  ? -3.106  6.186   5.400   1.00 72.40  ? 15  DT  B C4    1 
ATOM   180 O  O4    . DT  A 1 9  ? -2.093  5.785   5.954   1.00 72.71  ? 15  DT  B O4    1 
ATOM   181 C  C5    . DT  A 1 9  ? -4.408  5.665   5.716   1.00 71.67  ? 15  DT  B C5    1 
ATOM   182 C  C7    . DT  A 1 9  ? -4.554  4.600   6.754   1.00 68.80  ? 15  DT  B C7    1 
ATOM   183 C  C6    . DT  A 1 9  ? -5.466  6.166   5.063   1.00 77.58  ? 15  DT  B C6    1 
ATOM   184 P  P     . DT  A 1 10 ? -8.208  6.626   -0.977  1.00 103.71 ? 16  DT  B P     1 
ATOM   185 O  OP1   . DT  A 1 10 ? -9.170  7.196   -1.947  1.00 107.46 ? 16  DT  B OP1   1 
ATOM   186 O  OP2   . DT  A 1 10 ? -8.057  5.162   -0.806  1.00 92.77  ? 16  DT  B OP2   1 
ATOM   187 O  "O5'" . DT  A 1 10 ? -6.768  7.207   -1.311  1.00 85.02  ? 16  DT  B "O5'" 1 
ATOM   188 C  "C5'" . DT  A 1 10 ? -6.582  8.595   -1.379  1.00 86.86  ? 16  DT  B "C5'" 1 
ATOM   189 C  "C4'" . DT  A 1 10 ? -5.172  8.894   -1.814  1.00 92.63  ? 16  DT  B "C4'" 1 
ATOM   190 O  "O4'" . DT  A 1 10 ? -4.259  8.668   -0.708  1.00 88.34  ? 16  DT  B "O4'" 1 
ATOM   191 C  "C3'" . DT  A 1 10 ? -4.680  8.013   -2.960  1.00 85.55  ? 16  DT  B "C3'" 1 
ATOM   192 O  "O3'" . DT  A 1 10 ? -4.047  8.804   -3.918  1.00 83.14  ? 16  DT  B "O3'" 1 
ATOM   193 C  "C2'" . DT  A 1 10 ? -3.697  7.055   -2.288  1.00 83.89  ? 16  DT  B "C2'" 1 
ATOM   194 C  "C1'" . DT  A 1 10 ? -3.154  7.926   -1.169  1.00 83.82  ? 16  DT  B "C1'" 1 
ATOM   195 N  N1    . DT  A 1 10 ? -2.596  7.160   -0.017  1.00 78.57  ? 16  DT  B N1    1 
ATOM   196 C  C2    . DT  A 1 10 ? -1.272  7.339   0.344   1.00 74.16  ? 16  DT  B C2    1 
ATOM   197 O  O2    . DT  A 1 10 ? -0.508  8.089   -0.244  1.00 71.55  ? 16  DT  B O2    1 
ATOM   198 N  N3    . DT  A 1 10 ? -0.867  6.599   1.425   1.00 72.02  ? 16  DT  B N3    1 
ATOM   199 C  C4    . DT  A 1 10 ? -1.635  5.713   2.164   1.00 77.14  ? 16  DT  B C4    1 
ATOM   200 O  O4    . DT  A 1 10 ? -1.181  5.084   3.118   1.00 72.81  ? 16  DT  B O4    1 
ATOM   201 C  C5    . DT  A 1 10 ? -3.010  5.578   1.733   1.00 81.05  ? 16  DT  B C5    1 
ATOM   202 C  C7    . DT  A 1 10 ? -3.934  4.648   2.458   1.00 77.17  ? 16  DT  B C7    1 
ATOM   203 C  C6    . DT  A 1 10 ? -3.419  6.303   0.681   1.00 77.76  ? 16  DT  B C6    1 
ATOM   204 P  P     . DG  A 1 11 ? -3.704  8.171   -5.345  1.00 96.06  ? 17  DG  B P     1 
ATOM   205 O  OP1   . DG  A 1 11 ? -3.728  9.271   -6.339  1.00 91.60  ? 17  DG  B OP1   1 
ATOM   206 O  OP2   . DG  A 1 11 ? -4.564  6.971   -5.505  1.00 88.17  ? 17  DG  B OP2   1 
ATOM   207 O  "O5'" . DG  A 1 11 ? -2.203  7.666   -5.172  1.00 83.86  ? 17  DG  B "O5'" 1 
ATOM   208 C  "C5'" . DG  A 1 11 ? -1.142  8.600   -5.227  1.00 79.32  ? 17  DG  B "C5'" 1 
ATOM   209 C  "C4'" . DG  A 1 11 ? 0.196   7.888   -5.248  1.00 79.20  ? 17  DG  B "C4'" 1 
ATOM   210 O  "O4'" . DG  A 1 11 ? 0.470   7.322   -3.940  1.00 84.06  ? 17  DG  B "O4'" 1 
ATOM   211 C  "C3'" . DG  A 1 11 ? 0.303   6.718   -6.221  1.00 72.01  ? 17  DG  B "C3'" 1 
ATOM   212 O  "O3'" . DG  A 1 11 ? 1.617   6.653   -6.698  1.00 66.07  ? 17  DG  B "O3'" 1 
ATOM   213 C  "C2'" . DG  A 1 11 ? -0.002  5.523   -5.328  1.00 64.89  ? 17  DG  B "C2'" 1 
ATOM   214 C  "C1'" . DG  A 1 11 ? 0.739   5.945   -4.078  1.00 68.74  ? 17  DG  B "C1'" 1 
ATOM   215 N  N9    . DG  A 1 11 ? 0.300   5.267   -2.869  1.00 64.45  ? 17  DG  B N9    1 
ATOM   216 C  C8    . DG  A 1 11 ? -0.974  4.865   -2.570  1.00 67.60  ? 17  DG  B C8    1 
ATOM   217 N  N7    . DG  A 1 11 ? -1.072  4.295   -1.401  1.00 66.50  ? 17  DG  B N7    1 
ATOM   218 C  C5    . DG  A 1 11 ? 0.220   4.325   -0.892  1.00 61.20  ? 17  DG  B C5    1 
ATOM   219 C  C6    . DG  A 1 11 ? 0.726   3.851   0.343   1.00 64.47  ? 17  DG  B C6    1 
ATOM   220 O  O6    . DG  A 1 11 ? 0.110   3.298   1.268   1.00 65.40  ? 17  DG  B O6    1 
ATOM   221 N  N1    . DG  A 1 11 ? 2.092   4.076   0.459   1.00 60.78  ? 17  DG  B N1    1 
ATOM   222 C  C2    . DG  A 1 11 ? 2.869   4.688   -0.493  1.00 59.67  ? 17  DG  B C2    1 
ATOM   223 N  N2    . DG  A 1 11 ? 4.170   4.820   -0.195  1.00 57.83  ? 17  DG  B N2    1 
ATOM   224 N  N3    . DG  A 1 11 ? 2.405   5.138   -1.655  1.00 57.76  ? 17  DG  B N3    1 
ATOM   225 C  C4    . DG  A 1 11 ? 1.077   4.920   -1.787  1.00 59.26  ? 17  DG  B C4    1 
ATOM   226 P  P     . DA  A 1 12 ? 1.924   6.023   -8.139  1.00 81.58  ? 18  DA  B P     1 
ATOM   227 O  OP1   . DA  A 1 12 ? 1.742   7.095   -9.140  1.00 73.85  ? 18  DA  B OP1   1 
ATOM   228 O  OP2   . DA  A 1 12 ? 1.187   4.744   -8.253  1.00 73.19  ? 18  DA  B OP2   1 
ATOM   229 O  "O5'" . DA  A 1 12 ? 3.478   5.678   -8.058  1.00 82.76  ? 18  DA  B "O5'" 1 
ATOM   230 C  "C5'" . DA  A 1 12 ? 4.357   6.581   -7.411  1.00 72.83  ? 18  DA  B "C5'" 1 
ATOM   231 C  "C4'" . DA  A 1 12 ? 5.440   5.832   -6.666  1.00 70.69  ? 18  DA  B "C4'" 1 
ATOM   232 O  "O4'" . DA  A 1 12 ? 4.897   5.287   -5.441  1.00 66.83  ? 18  DA  B "O4'" 1 
ATOM   233 C  "C3'" . DA  A 1 12 ? 6.053   4.656   -7.415  1.00 69.06  ? 18  DA  B "C3'" 1 
ATOM   234 O  "O3'" . DA  A 1 12 ? 7.457   4.604   -7.140  1.00 65.67  ? 18  DA  B "O3'" 1 
ATOM   235 C  "C2'" . DA  A 1 12 ? 5.297   3.452   -6.842  1.00 63.65  ? 18  DA  B "C2'" 1 
ATOM   236 C  "C1'" . DA  A 1 12 ? 5.095   3.890   -5.402  1.00 63.90  ? 18  DA  B "C1'" 1 
ATOM   237 N  N9    . DA  A 1 12 ? 3.927   3.312   -4.750  1.00 63.59  ? 18  DA  B N9    1 
ATOM   238 C  C8    . DA  A 1 12 ? 2.635   3.357   -5.189  1.00 66.71  ? 18  DA  B C8    1 
ATOM   239 N  N7    . DA  A 1 12 ? 1.778   2.785   -4.370  1.00 66.56  ? 18  DA  B N7    1 
ATOM   240 C  C5    . DA  A 1 12 ? 2.560   2.351   -3.315  1.00 61.41  ? 18  DA  B C5    1 
ATOM   241 C  C6    . DA  A 1 12 ? 2.257   1.668   -2.113  1.00 62.49  ? 18  DA  B C6    1 
ATOM   242 N  N6    . DA  A 1 12 ? 1.017   1.286   -1.770  1.00 58.94  ? 18  DA  B N6    1 
ATOM   243 N  N1    . DA  A 1 12 ? 3.278   1.389   -1.277  1.00 63.43  ? 18  DA  B N1    1 
ATOM   244 C  C2    . DA  A 1 12 ? 4.519   1.770   -1.625  1.00 63.75  ? 18  DA  B C2    1 
ATOM   245 N  N3    . DA  A 1 12 ? 4.927   2.414   -2.722  1.00 58.93  ? 18  DA  B N3    1 
ATOM   246 C  C4    . DA  A 1 12 ? 3.894   2.676   -3.531  1.00 59.46  ? 18  DA  B C4    1 
ATOM   247 P  P     . DC  A 1 13 ? 8.383   3.480   -7.815  1.00 76.58  ? 19  DC  B P     1 
ATOM   248 O  OP1   . DC  A 1 13 ? 9.770   3.996   -7.841  1.00 83.30  ? 19  DC  B OP1   1 
ATOM   249 O  OP2   . DC  A 1 13 ? 7.755   3.010   -9.071  1.00 73.98  ? 19  DC  B OP2   1 
ATOM   250 O  "O5'" . DC  A 1 13 ? 8.303   2.292   -6.764  1.00 64.21  ? 19  DC  B "O5'" 1 
ATOM   251 C  "C5'" . DC  A 1 13 ? 8.379   2.595   -5.399  1.00 65.80  ? 19  DC  B "C5'" 1 
ATOM   252 C  "C4'" . DC  A 1 13 ? 8.611   1.341   -4.600  1.00 72.19  ? 19  DC  B "C4'" 1 
ATOM   253 O  "O4'" . DC  A 1 13 ? 7.390   0.968   -3.926  1.00 68.97  ? 19  DC  B "O4'" 1 
ATOM   254 C  "C3'" . DC  A 1 13 ? 9.032   0.129   -5.424  1.00 67.23  ? 19  DC  B "C3'" 1 
ATOM   255 O  "O3'" . DC  A 1 13 ? 10.079  -0.561  -4.757  1.00 66.42  ? 19  DC  B "O3'" 1 
ATOM   256 C  "C2'" . DC  A 1 13 ? 7.757   -0.700  -5.481  1.00 66.54  ? 19  DC  B "C2'" 1 
ATOM   257 C  "C1'" . DC  A 1 13 ? 7.150   -0.391  -4.130  1.00 59.60  ? 19  DC  B "C1'" 1 
ATOM   258 N  N1    . DC  A 1 13 ? 5.711   -0.593  -4.083  1.00 55.72  ? 19  DC  B N1    1 
ATOM   259 C  C2    . DC  A 1 13 ? 5.147   -1.224  -2.982  1.00 57.07  ? 19  DC  B C2    1 
ATOM   260 O  O2    . DC  A 1 13 ? 5.883   -1.599  -2.062  1.00 57.04  ? 19  DC  B O2    1 
ATOM   261 N  N3    . DC  A 1 13 ? 3.812   -1.408  -2.952  1.00 59.61  ? 19  DC  B N3    1 
ATOM   262 C  C4    . DC  A 1 13 ? 3.059   -0.982  -3.964  1.00 57.94  ? 19  DC  B C4    1 
ATOM   263 N  N4    . DC  A 1 13 ? 1.741   -1.183  -3.886  1.00 63.83  ? 19  DC  B N4    1 
ATOM   264 C  C5    . DC  A 1 13 ? 3.620   -0.335  -5.099  1.00 53.64  ? 19  DC  B C5    1 
ATOM   265 C  C6    . DC  A 1 13 ? 4.938   -0.158  -5.114  1.00 55.02  ? 19  DC  B C6    1 
ATOM   266 P  P     . DG  A 1 14 ? 11.011  -1.600  -5.553  1.00 72.91  ? 20  DG  B P     1 
ATOM   267 O  OP1   . DG  A 1 14 ? 12.390  -1.056  -5.603  1.00 71.18  ? 20  DG  B OP1   1 
ATOM   268 O  OP2   . DG  A 1 14 ? 10.352  -1.988  -6.822  1.00 74.58  ? 20  DG  B OP2   1 
ATOM   269 O  "O5'" . DG  A 1 14 ? 11.001  -2.857  -4.593  1.00 63.71  ? 20  DG  B "O5'" 1 
ATOM   270 C  "C5'" . DG  A 1 14 ? 11.295  -2.668  -3.234  1.00 71.21  ? 20  DG  B "C5'" 1 
ATOM   271 C  "C4'" . DG  A 1 14 ? 10.645  -3.750  -2.408  1.00 77.02  ? 20  DG  B "C4'" 1 
ATOM   272 O  "O4'" . DG  A 1 14 ? 9.197   -3.622  -2.494  1.00 75.56  ? 20  DG  B "O4'" 1 
ATOM   273 C  "C3'" . DG  A 1 14 ? 10.973  -5.172  -2.868  1.00 73.31  ? 20  DG  B "C3'" 1 
ATOM   274 O  "O3'" . DG  A 1 14 ? 11.165  -6.006  -1.744  1.00 75.04  ? 20  DG  B "O3'" 1 
ATOM   275 C  "C2'" . DG  A 1 14 ? 9.728   -5.569  -3.648  1.00 72.54  ? 20  DG  B "C2'" 1 
ATOM   276 C  "C1'" . DG  A 1 14 ? 8.653   -4.873  -2.831  1.00 71.84  ? 20  DG  B "C1'" 1 
ATOM   277 N  N9    . DG  A 1 14 ? 7.425   -4.672  -3.577  1.00 64.02  ? 20  DG  B N9    1 
ATOM   278 C  C8    . DG  A 1 14 ? 7.304   -4.146  -4.837  1.00 60.51  ? 20  DG  B C8    1 
ATOM   279 N  N7    . DG  A 1 14 ? 6.073   -4.110  -5.263  1.00 59.96  ? 20  DG  B N7    1 
ATOM   280 C  C5    . DG  A 1 14 ? 5.336   -4.648  -4.217  1.00 60.39  ? 20  DG  B C5    1 
ATOM   281 C  C6    . DG  A 1 14 ? 3.951   -4.861  -4.104  1.00 59.08  ? 20  DG  B C6    1 
ATOM   282 O  O6    . DG  A 1 14 ? 3.074   -4.604  -4.935  1.00 58.64  ? 20  DG  B O6    1 
ATOM   283 N  N1    . DG  A 1 14 ? 3.609   -5.429  -2.877  1.00 59.58  ? 20  DG  B N1    1 
ATOM   284 C  C2    . DG  A 1 14 ? 4.508   -5.745  -1.881  1.00 62.16  ? 20  DG  B C2    1 
ATOM   285 N  N2    . DG  A 1 14 ? 3.991   -6.282  -0.761  1.00 64.53  ? 20  DG  B N2    1 
ATOM   286 N  N3    . DG  A 1 14 ? 5.819   -5.551  -1.978  1.00 57.07  ? 20  DG  B N3    1 
ATOM   287 C  C4    . DG  A 1 14 ? 6.158   -5.002  -3.171  1.00 60.36  ? 20  DG  B C4    1 
ATOM   288 P  P     . DA  A 1 15 ? 11.857  -7.440  -1.926  1.00 83.24  ? 21  DA  B P     1 
ATOM   289 O  OP1   . DA  A 1 15 ? 12.058  -8.035  -0.581  1.00 71.45  ? 21  DA  B OP1   1 
ATOM   290 O  OP2   . DA  A 1 15 ? 13.005  -7.232  -2.837  1.00 82.05  ? 21  DA  B OP2   1 
ATOM   291 O  "O5'" . DA  A 1 15 ? 10.765  -8.291  -2.731  1.00 70.39  ? 21  DA  B "O5'" 1 
ATOM   292 C  "C5'" . DA  A 1 15 ? 10.443  -9.594  -2.312  1.00 75.14  ? 21  DA  B "C5'" 1 
ATOM   293 C  "C4'" . DA  A 1 15 ? 9.387   -9.559  -1.225  1.00 74.13  ? 21  DA  B "C4'" 1 
ATOM   294 O  "O4'" . DA  A 1 15 ? 8.534   -8.420  -1.431  1.00 70.01  ? 21  DA  B "O4'" 1 
ATOM   295 C  "C3'" . DA  A 1 15 ? 8.497   -10.790 -1.177  1.00 71.27  ? 21  DA  B "C3'" 1 
ATOM   296 O  "O3'" . DA  A 1 15 ? 8.848   -11.554 -0.065  1.00 71.72  ? 21  DA  B "O3'" 1 
ATOM   297 C  "C2'" . DA  A 1 15 ? 7.073   -10.259 -1.035  1.00 68.25  ? 21  DA  B "C2'" 1 
ATOM   298 C  "C1'" . DA  A 1 15 ? 7.177   -8.805  -1.449  1.00 68.49  ? 21  DA  B "C1'" 1 
ATOM   299 N  N9    . DA  A 1 15 ? 6.621   -8.498  -2.763  1.00 65.84  ? 21  DA  B N9    1 
ATOM   300 C  C8    . DA  A 1 15 ? 7.293   -8.000  -3.847  1.00 67.41  ? 21  DA  B C8    1 
ATOM   301 N  N7    . DA  A 1 15 ? 6.525   -7.771  -4.888  1.00 64.30  ? 21  DA  B N7    1 
ATOM   302 C  C5    . DA  A 1 15 ? 5.265   -8.136  -4.455  1.00 61.76  ? 21  DA  B C5    1 
ATOM   303 C  C6    . DA  A 1 15 ? 4.005   -8.127  -5.086  1.00 59.04  ? 21  DA  B C6    1 
ATOM   304 N  N6    . DA  A 1 15 ? 3.811   -7.727  -6.348  1.00 53.58  ? 21  DA  B N6    1 
ATOM   305 N  N1    . DA  A 1 15 ? 2.947   -8.547  -4.368  1.00 63.02  ? 21  DA  B N1    1 
ATOM   306 C  C2    . DA  A 1 15 ? 3.140   -8.951  -3.101  1.00 64.53  ? 21  DA  B C2    1 
ATOM   307 N  N3    . DA  A 1 15 ? 4.272   -9.004  -2.399  1.00 65.31  ? 21  DA  B N3    1 
ATOM   308 C  C4    . DA  A 1 15 ? 5.306   -8.580  -3.143  1.00 62.98  ? 21  DA  B C4    1 
ATOM   309 P  P     . DC  A 1 16 ? 8.866   -13.143 -0.189  1.00 87.21  ? 22  DC  B P     1 
ATOM   310 O  OP1   . DC  A 1 16 ? 9.243   -13.683 1.140   1.00 86.74  ? 22  DC  B OP1   1 
ATOM   311 O  OP2   . DC  A 1 16 ? 9.624   -13.479 -1.418  1.00 79.12  ? 22  DC  B OP2   1 
ATOM   312 O  "O5'" . DC  A 1 16 ? 7.351   -13.495 -0.483  1.00 68.70  ? 22  DC  B "O5'" 1 
ATOM   313 C  "C5'" . DC  A 1 16 ? 6.376   -13.265 0.499   1.00 65.96  ? 22  DC  B "C5'" 1 
ATOM   314 C  "C4'" . DC  A 1 16 ? 5.032   -13.610 -0.073  1.00 69.77  ? 22  DC  B "C4'" 1 
ATOM   315 O  "O4'" . DC  A 1 16 ? 4.707   -12.666 -1.107  1.00 69.76  ? 22  DC  B "O4'" 1 
ATOM   316 C  "C3'" . DC  A 1 16 ? 5.011   -14.965 -0.761  1.00 71.50  ? 22  DC  B "C3'" 1 
ATOM   317 O  "O3'" . DC  A 1 16 ? 4.351   -15.909 0.031   1.00 75.62  ? 22  DC  B "O3'" 1 
ATOM   318 C  "C2'" . DC  A 1 16 ? 4.260   -14.736 -2.071  1.00 68.87  ? 22  DC  B "C2'" 1 
ATOM   319 C  "C1'" . DC  A 1 16 ? 3.835   -13.284 -2.005  1.00 60.20  ? 22  DC  B "C1'" 1 
ATOM   320 N  N1    . DC  A 1 16 ? 3.952   -12.624 -3.301  1.00 54.89  ? 22  DC  B N1    1 
ATOM   321 C  C2    . DC  A 1 16 ? 2.812   -12.445 -4.079  1.00 58.21  ? 22  DC  B C2    1 
ATOM   322 O  O2    . DC  A 1 16 ? 1.720   -12.833 -3.637  1.00 58.08  ? 22  DC  B O2    1 
ATOM   323 N  N3    . DC  A 1 16 ? 2.931   -11.847 -5.294  1.00 59.91  ? 22  DC  B N3    1 
ATOM   324 C  C4    . DC  A 1 16 ? 4.131   -11.446 -5.722  1.00 60.87  ? 22  DC  B C4    1 
ATOM   325 N  N4    . DC  A 1 16 ? 4.207   -10.862 -6.924  1.00 57.19  ? 22  DC  B N4    1 
ATOM   326 C  C5    . DC  A 1 16 ? 5.307   -11.628 -4.936  1.00 63.18  ? 22  DC  B C5    1 
ATOM   327 C  C6    . DC  A 1 16 ? 5.172   -12.223 -3.745  1.00 59.69  ? 22  DC  B C6    1 
ATOM   328 P  P     . DG  A 1 17 ? 4.355   -17.441 -0.435  1.00 78.89  ? 23  DG  B P     1 
ATOM   329 O  OP1   . DG  A 1 17 ? 4.138   -18.245 0.791   1.00 78.60  ? 23  DG  B OP1   1 
ATOM   330 O  OP2   . DG  A 1 17 ? 5.527   -17.618 -1.330  1.00 70.50  ? 23  DG  B OP2   1 
ATOM   331 O  "O5'" . DG  A 1 17 ? 3.065   -17.587 -1.357  1.00 68.01  ? 23  DG  B "O5'" 1 
ATOM   332 C  "C5'" . DG  A 1 17 ? 1.827   -17.877 -0.767  1.00 66.55  ? 23  DG  B "C5'" 1 
ATOM   333 C  "C4'" . DG  A 1 17 ? 0.775   -18.015 -1.834  1.00 73.78  ? 23  DG  B "C4'" 1 
ATOM   334 O  "O4'" . DG  A 1 17 ? 0.978   -16.984 -2.833  1.00 72.62  ? 23  DG  B "O4'" 1 
ATOM   335 C  "C3'" . DG  A 1 17 ? 0.807   -19.333 -2.589  1.00 71.96  ? 23  DG  B "C3'" 1 
ATOM   336 O  "O3'" . DG  A 1 17 ? -0.491  -19.713 -2.921  1.00 74.05  ? 23  DG  B "O3'" 1 
ATOM   337 C  "C2'" . DG  A 1 17 ? 1.609   -18.998 -3.835  1.00 69.69  ? 23  DG  B "C2'" 1 
ATOM   338 C  "C1'" . DG  A 1 17 ? 1.174   -17.568 -4.098  1.00 64.77  ? 23  DG  B "C1'" 1 
ATOM   339 N  N9    . DG  A 1 17 ? 2.192   -16.803 -4.786  1.00 60.95  ? 23  DG  B N9    1 
ATOM   340 C  C8    . DG  A 1 17 ? 3.504   -16.703 -4.427  1.00 61.70  ? 23  DG  B C8    1 
ATOM   341 N  N7    . DG  A 1 17 ? 4.202   -15.949 -5.228  1.00 63.36  ? 23  DG  B N7    1 
ATOM   342 C  C5    . DG  A 1 17 ? 3.292   -15.536 -6.190  1.00 59.23  ? 23  DG  B C5    1 
ATOM   343 C  C6    . DG  A 1 17 ? 3.478   -14.700 -7.318  1.00 67.09  ? 23  DG  B C6    1 
ATOM   344 O  O6    . DG  A 1 17 ? 4.523   -14.151 -7.701  1.00 75.65  ? 23  DG  B O6    1 
ATOM   345 N  N1    . DG  A 1 17 ? 2.297   -14.525 -8.035  1.00 58.75  ? 23  DG  B N1    1 
ATOM   346 C  C2    . DG  A 1 17 ? 1.093   -15.086 -7.700  1.00 59.32  ? 23  DG  B C2    1 
ATOM   347 N  N2    . DG  A 1 17 ? 0.066   -14.801 -8.511  1.00 60.46  ? 23  DG  B N2    1 
ATOM   348 N  N3    . DG  A 1 17 ? 0.905   -15.873 -6.640  1.00 59.84  ? 23  DG  B N3    1 
ATOM   349 C  C4    . DG  A 1 17 ? 2.048   -16.052 -5.935  1.00 58.72  ? 23  DG  B C4    1 
ATOM   350 P  P     . DA  A 1 18 ? -0.772  -21.213 -3.391  1.00 86.42  ? 24  DA  B P     1 
ATOM   351 O  OP1   . DA  A 1 18 ? -2.065  -21.622 -2.791  1.00 78.18  ? 24  DA  B OP1   1 
ATOM   352 O  OP2   . DA  A 1 18 ? 0.470   -21.988 -3.164  1.00 90.71  ? 24  DA  B OP2   1 
ATOM   353 O  "O5'" . DA  A 1 18 ? -0.954  -21.090 -4.963  1.00 73.50  ? 24  DA  B "O5'" 1 
ATOM   354 C  "C5'" . DA  A 1 18 ? -2.174  -20.626 -5.471  1.00 71.55  ? 24  DA  B "C5'" 1 
ATOM   355 C  "C4'" . DA  A 1 18 ? -2.001  -20.176 -6.896  1.00 76.44  ? 24  DA  B "C4'" 1 
ATOM   356 O  "O4'" . DA  A 1 18 ? -0.842  -19.332 -6.996  1.00 75.03  ? 24  DA  B "O4'" 1 
ATOM   357 C  "C3'" . DA  A 1 18 ? -1.776  -21.304 -7.901  1.00 72.71  ? 24  DA  B "C3'" 1 
ATOM   358 O  "O3'" . DA  A 1 18 ? -2.906  -21.395 -8.735  1.00 75.44  ? 24  DA  B "O3'" 1 
ATOM   359 C  "C2'" . DA  A 1 18 ? -0.514  -20.879 -8.685  1.00 67.64  ? 24  DA  B "C2'" 1 
ATOM   360 C  "C1'" . DA  A 1 18 ? -0.374  -19.413 -8.309  1.00 66.09  ? 24  DA  B "C1'" 1 
ATOM   361 N  N9    . DA  A 1 18 ? 0.989   -18.900 -8.335  1.00 67.65  ? 24  DA  B N9    1 
ATOM   362 C  C8    . DA  A 1 18 ? 1.970   -19.099 -7.397  1.00 70.47  ? 24  DA  B C8    1 
ATOM   363 N  N7    . DA  A 1 18 ? 3.102   -18.479 -7.668  1.00 63.04  ? 24  DA  B N7    1 
ATOM   364 C  C5    . DA  A 1 18 ? 2.837   -17.822 -8.859  1.00 61.85  ? 24  DA  B C5    1 
ATOM   365 C  C6    . DA  A 1 18 ? 3.625   -16.994 -9.680  1.00 64.93  ? 24  DA  B C6    1 
ATOM   366 N  N6    . DA  A 1 18 ? 4.898   -16.679 -9.402  1.00 68.54  ? 24  DA  B N6    1 
ATOM   367 N  N1    . DA  A 1 18 ? 3.053   -16.497 -10.801 1.00 63.29  ? 24  DA  B N1    1 
ATOM   368 C  C2    . DA  A 1 18 ? 1.780   -16.816 -11.076 1.00 64.04  ? 24  DA  B C2    1 
ATOM   369 N  N3    . DA  A 1 18 ? 0.940   -17.591 -10.384 1.00 60.18  ? 24  DA  B N3    1 
ATOM   370 C  C4    . DA  A 1 18 ? 1.535   -18.064 -9.279  1.00 63.66  ? 24  DA  B C4    1 
ATOM   371 P  P     . DC  A 1 19 ? -3.138  -22.679 -9.664  1.00 87.46  ? 25  DC  B P     1 
ATOM   372 O  OP1   . DC  A 1 19 ? -4.573  -22.654 -10.050 1.00 85.38  ? 25  DC  B OP1   1 
ATOM   373 O  OP2   . DC  A 1 19 ? -2.539  -23.866 -9.007  1.00 83.20  ? 25  DC  B OP2   1 
ATOM   374 O  "O5'" . DC  A 1 19 ? -2.296  -22.337 -10.963 1.00 71.87  ? 25  DC  B "O5'" 1 
ATOM   375 C  "C5'" . DC  A 1 19 ? -2.602  -21.162 -11.655 1.00 75.43  ? 25  DC  B "C5'" 1 
ATOM   376 C  "C4'" . DC  A 1 19 ? -1.509  -20.814 -12.631 1.00 77.97  ? 25  DC  B "C4'" 1 
ATOM   377 O  "O4'" . DC  A 1 19 ? -0.359  -20.332 -11.934 1.00 73.14  ? 25  DC  B "O4'" 1 
ATOM   378 C  "C3'" . DC  A 1 19 ? -0.991  -21.979 -13.450 1.00 76.12  ? 25  DC  B "C3'" 1 
ATOM   379 O  "O3'" . DC  A 1 19 ? -1.714  -22.039 -14.659 1.00 78.81  ? 25  DC  B "O3'" 1 
ATOM   380 C  "C2'" . DC  A 1 19 ? 0.501   -21.633 -13.672 1.00 74.81  ? 25  DC  B "C2'" 1 
ATOM   381 C  "C1'" . DC  A 1 19 ? 0.691   -20.353 -12.851 1.00 65.73  ? 25  DC  B "C1'" 1 
ATOM   382 N  N1    . DC  A 1 19 ? 1.958   -20.273 -12.100 1.00 62.58  ? 25  DC  B N1    1 
ATOM   383 C  C2    . DC  A 1 19 ? 3.015   -19.518 -12.616 1.00 66.35  ? 25  DC  B C2    1 
ATOM   384 O  O2    . DC  A 1 19 ? 2.875   -18.958 -13.710 1.00 69.92  ? 25  DC  B O2    1 
ATOM   385 N  N3    . DC  A 1 19 ? 4.168   -19.428 -11.907 1.00 63.61  ? 25  DC  B N3    1 
ATOM   386 C  C4    . DC  A 1 19 ? 4.278   -20.048 -10.734 1.00 68.79  ? 25  DC  B C4    1 
ATOM   387 N  N4    . DC  A 1 19 ? 5.435   -19.933 -10.072 1.00 72.58  ? 25  DC  B N4    1 
ATOM   388 C  C5    . DC  A 1 19 ? 3.202   -20.814 -10.185 1.00 68.05  ? 25  DC  B C5    1 
ATOM   389 C  C6    . DC  A 1 19 ? 2.070   -20.893 -10.894 1.00 64.89  ? 25  DC  B C6    1 
ATOM   390 P  P     . DT  A 1 20 ? -1.321  -23.110 -15.781 1.00 93.15  ? 26  DT  B P     1 
ATOM   391 O  OP1   . DT  A 1 20 ? -2.498  -23.276 -16.671 1.00 90.62  ? 26  DT  B OP1   1 
ATOM   392 O  OP2   . DT  A 1 20 ? -0.707  -24.270 -15.092 1.00 84.48  ? 26  DT  B OP2   1 
ATOM   393 O  "O5'" . DT  A 1 20 ? -0.192  -22.360 -16.606 1.00 77.21  ? 26  DT  B "O5'" 1 
ATOM   394 C  "C5'" . DT  A 1 20 ? -0.468  -21.092 -17.142 1.00 80.97  ? 26  DT  B "C5'" 1 
ATOM   395 C  "C4'" . DT  A 1 20 ? 0.618   -20.680 -18.107 1.00 90.92  ? 26  DT  B "C4'" 1 
ATOM   396 O  "O4'" . DT  A 1 20 ? 1.789   -20.243 -17.370 1.00 86.75  ? 26  DT  B "O4'" 1 
ATOM   397 C  "C3'" . DT  A 1 20 ? 1.096   -21.788 -19.035 1.00 94.43  ? 26  DT  B "C3'" 1 
ATOM   398 O  "O3'" . DT  A 1 20 ? 1.367   -21.236 -20.302 1.00 94.63  ? 26  DT  B "O3'" 1 
ATOM   399 C  "C2'" . DT  A 1 20 ? 2.370   -22.287 -18.345 1.00 88.69  ? 26  DT  B "C2'" 1 
ATOM   400 C  "C1'" . DT  A 1 20 ? 2.917   -20.992 -17.773 1.00 86.77  ? 26  DT  B "C1'" 1 
ATOM   401 N  N1    . DT  A 1 20 ? 3.803   -21.172 -16.582 1.00 79.75  ? 26  DT  B N1    1 
ATOM   402 C  C2    . DT  A 1 20 ? 4.943   -20.403 -16.474 1.00 76.43  ? 26  DT  B C2    1 
ATOM   403 O  O2    . DT  A 1 20 ? 5.279   -19.583 -17.314 1.00 77.94  ? 26  DT  B O2    1 
ATOM   404 N  N3    . DT  A 1 20 ? 5.681   -20.631 -15.343 1.00 70.30  ? 26  DT  B N3    1 
ATOM   405 C  C4    . DT  A 1 20 ? 5.396   -21.527 -14.327 1.00 72.97  ? 26  DT  B C4    1 
ATOM   406 O  O4    . DT  A 1 20 ? 6.120   -21.660 -13.342 1.00 75.66  ? 26  DT  B O4    1 
ATOM   407 C  C5    . DT  A 1 20 ? 4.186   -22.294 -14.500 1.00 68.53  ? 26  DT  B C5    1 
ATOM   408 C  C7    . DT  A 1 20 ? 3.780   -23.291 -13.462 1.00 66.97  ? 26  DT  B C7    1 
ATOM   409 C  C6    . DT  A 1 20 ? 3.453   -22.081 -15.605 1.00 71.83  ? 26  DT  B C6    1 
ATOM   410 P  P     . DC  A 1 21 ? 2.135   -22.095 -21.413 1.00 106.71 ? 27  DC  B P     1 
ATOM   411 O  OP1   . DC  A 1 21 ? 1.666   -21.553 -22.707 1.00 113.68 ? 27  DC  B OP1   1 
ATOM   412 O  OP2   . DC  A 1 21 ? 1.983   -23.539 -21.105 1.00 102.23 ? 27  DC  B OP2   1 
ATOM   413 O  "O5'" . DC  A 1 21 ? 3.673   -21.689 -21.224 1.00 95.91  ? 27  DC  B "O5'" 1 
ATOM   414 C  "C5'" . DC  A 1 21 ? 4.118   -20.402 -21.644 1.00 90.96  ? 27  DC  B "C5'" 1 
ATOM   415 C  "C4'" . DC  A 1 21 ? 5.636   -20.331 -21.683 1.00 93.58  ? 27  DC  B "C4'" 1 
ATOM   416 O  "O4'" . DC  A 1 21 ? 6.176   -20.611 -20.365 1.00 90.17  ? 27  DC  B "O4'" 1 
ATOM   417 C  "C3'" . DC  A 1 21 ? 6.313   -21.319 -22.632 1.00 102.10 ? 27  DC  B "C3'" 1 
ATOM   418 O  "O3'" . DC  A 1 21 ? 7.427   -20.695 -23.266 1.00 106.32 ? 27  DC  B "O3'" 1 
ATOM   419 C  "C2'" . DC  A 1 21 ? 6.760   -22.441 -21.698 1.00 95.69  ? 27  DC  B "C2'" 1 
ATOM   420 C  "C1'" . DC  A 1 21 ? 7.117   -21.661 -20.447 1.00 87.81  ? 27  DC  B "C1'" 1 
ATOM   421 N  N1    . DC  A 1 21 ? 7.006   -22.455 -19.215 1.00 87.36  ? 27  DC  B N1    1 
ATOM   422 C  C2    . DC  A 1 21 ? 7.906   -22.234 -18.165 1.00 81.49  ? 27  DC  B C2    1 
ATOM   423 O  O2    . DC  A 1 21 ? 8.789   -21.375 -18.296 1.00 76.94  ? 27  DC  B O2    1 
ATOM   424 N  N3    . DC  A 1 21 ? 7.781   -22.967 -17.032 1.00 79.19  ? 27  DC  B N3    1 
ATOM   425 C  C4    . DC  A 1 21 ? 6.811   -23.885 -16.934 1.00 83.43  ? 27  DC  B C4    1 
ATOM   426 N  N4    . DC  A 1 21 ? 6.723   -24.588 -15.797 1.00 84.68  ? 27  DC  B N4    1 
ATOM   427 C  C5    . DC  A 1 21 ? 5.886   -24.120 -17.996 1.00 84.43  ? 27  DC  B C5    1 
ATOM   428 C  C6    . DC  A 1 21 ? 6.019   -23.388 -19.106 1.00 86.57  ? 27  DC  B C6    1 
ATOM   429 O  "O5'" . DT  B 2 1  ? 11.053  -31.977 -6.668  1.00 88.32  ? 28  DT  C "O5'" 1 
ATOM   430 C  "C5'" . DT  B 2 1  ? 10.907  -31.899 -8.079  1.00 87.58  ? 28  DT  C "C5'" 1 
ATOM   431 C  "C4'" . DT  B 2 1  ? 12.203  -31.452 -8.732  1.00 90.19  ? 28  DT  C "C4'" 1 
ATOM   432 O  "O4'" . DT  B 2 1  ? 12.122  -31.673 -10.146 1.00 90.14  ? 28  DT  C "O4'" 1 
ATOM   433 C  "C3'" . DT  B 2 1  ? 12.506  -29.973 -8.598  1.00 90.04  ? 28  DT  C "C3'" 1 
ATOM   434 O  "O3'" . DT  B 2 1  ? 13.242  -29.737 -7.427  1.00 96.63  ? 28  DT  C "O3'" 1 
ATOM   435 C  "C2'" . DT  B 2 1  ? 13.348  -29.662 -9.833  1.00 84.56  ? 28  DT  C "C2'" 1 
ATOM   436 C  "C1'" . DT  B 2 1  ? 13.033  -30.814 -10.787 1.00 84.05  ? 28  DT  C "C1'" 1 
ATOM   437 N  N1    . DT  B 2 1  ? 12.443  -30.383 -12.059 1.00 82.76  ? 28  DT  C N1    1 
ATOM   438 C  C2    . DT  B 2 1  ? 13.206  -29.636 -12.923 1.00 85.92  ? 28  DT  C C2    1 
ATOM   439 O  O2    . DT  B 2 1  ? 14.351  -29.292 -12.677 1.00 86.86  ? 28  DT  C O2    1 
ATOM   440 N  N3    . DT  B 2 1  ? 12.579  -29.298 -14.095 1.00 86.44  ? 28  DT  C N3    1 
ATOM   441 C  C4    . DT  B 2 1  ? 11.292  -29.630 -14.480 1.00 85.49  ? 28  DT  C C4    1 
ATOM   442 O  O4    . DT  B 2 1  ? 10.816  -29.278 -15.556 1.00 83.64  ? 28  DT  C O4    1 
ATOM   443 C  C5    . DT  B 2 1  ? 10.547  -30.423 -13.526 1.00 82.17  ? 28  DT  C C5    1 
ATOM   444 C  C7    . DT  B 2 1  ? 9.142   -30.841 -13.834 1.00 78.34  ? 28  DT  C C7    1 
ATOM   445 C  C6    . DT  B 2 1  ? 11.153  -30.754 -12.372 1.00 80.86  ? 28  DT  C C6    1 
ATOM   446 P  P     . DC  B 2 2  ? 13.101  -28.322 -6.687  1.00 111.30 ? 29  DC  C P     1 
ATOM   447 O  OP1   . DC  B 2 2  ? 13.938  -28.371 -5.467  1.00 104.37 ? 29  DC  C OP1   1 
ATOM   448 O  OP2   . DC  B 2 2  ? 11.653  -28.027 -6.582  1.00 106.43 ? 29  DC  C OP2   1 
ATOM   449 O  "O5'" . DC  B 2 2  ? 13.734  -27.283 -7.722  1.00 91.92  ? 29  DC  C "O5'" 1 
ATOM   450 C  "C5'" . DC  B 2 2  ? 15.138  -27.172 -7.822  1.00 98.97  ? 29  DC  C "C5'" 1 
ATOM   451 C  "C4'" . DC  B 2 2  ? 15.525  -26.346 -9.029  1.00 105.91 ? 29  DC  C "C4'" 1 
ATOM   452 O  "O4'" . DC  B 2 2  ? 14.713  -26.741 -10.160 1.00 97.96  ? 29  DC  C "O4'" 1 
ATOM   453 C  "C3'" . DC  B 2 2  ? 15.334  -24.826 -8.874  1.00 105.47 ? 29  DC  C "C3'" 1 
ATOM   454 O  "O3'" . DC  B 2 2  ? 16.567  -24.158 -9.137  1.00 109.73 ? 29  DC  C "O3'" 1 
ATOM   455 C  "C2'" . DC  B 2 2  ? 14.274  -24.485 -9.927  1.00 101.49 ? 29  DC  C "C2'" 1 
ATOM   456 C  "C1'" . DC  B 2 2  ? 14.472  -25.601 -10.935 1.00 94.25  ? 29  DC  C "C1'" 1 
ATOM   457 N  N1    . DC  B 2 2  ? 13.289  -25.851 -11.790 1.00 89.48  ? 29  DC  C N1    1 
ATOM   458 C  C2    . DC  B 2 2  ? 13.254  -25.323 -13.090 1.00 87.63  ? 29  DC  C C2    1 
ATOM   459 O  O2    . DC  B 2 2  ? 14.218  -24.655 -13.501 1.00 85.62  ? 29  DC  C O2    1 
ATOM   460 N  N3    . DC  B 2 2  ? 12.164  -25.559 -13.865 1.00 85.72  ? 29  DC  C N3    1 
ATOM   461 C  C4    . DC  B 2 2  ? 11.148  -26.287 -13.386 1.00 85.10  ? 29  DC  C C4    1 
ATOM   462 N  N4    . DC  B 2 2  ? 10.098  -26.497 -14.189 1.00 80.81  ? 29  DC  C N4    1 
ATOM   463 C  C5    . DC  B 2 2  ? 11.168  -26.835 -12.063 1.00 82.67  ? 29  DC  C C5    1 
ATOM   464 C  C6    . DC  B 2 2  ? 12.248  -26.595 -11.309 1.00 85.90  ? 29  DC  C C6    1 
ATOM   465 P  P     . DG  B 2 3  ? 16.754  -22.595 -8.807  1.00 115.72 ? 30  DG  C P     1 
ATOM   466 O  OP1   . DG  B 2 3  ? 17.754  -22.487 -7.721  1.00 114.95 ? 30  DG  C OP1   1 
ATOM   467 O  OP2   . DG  B 2 3  ? 15.422  -21.971 -8.642  1.00 109.28 ? 30  DG  C OP2   1 
ATOM   468 O  "O5'" . DG  B 2 3  ? 17.418  -22.014 -10.138 1.00 110.49 ? 30  DG  C "O5'" 1 
ATOM   469 C  "C5'" . DG  B 2 3  ? 16.974  -22.474 -11.409 1.00 110.03 ? 30  DG  C "C5'" 1 
ATOM   470 C  "C4'" . DG  B 2 3  ? 16.550  -21.306 -12.273 1.00 107.06 ? 30  DG  C "C4'" 1 
ATOM   471 O  "O4'" . DG  B 2 3  ? 15.368  -21.675 -13.036 1.00 99.77  ? 30  DG  C "O4'" 1 
ATOM   472 C  "C3'" . DG  B 2 3  ? 16.152  -20.062 -11.491 1.00 108.32 ? 30  DG  C "C3'" 1 
ATOM   473 O  "O3'" . DG  B 2 3  ? 16.411  -18.904 -12.269 1.00 111.16 ? 30  DG  C "O3'" 1 
ATOM   474 C  "C2'" . DG  B 2 3  ? 14.660  -20.278 -11.305 1.00 96.50  ? 30  DG  C "C2'" 1 
ATOM   475 C  "C1'" . DG  B 2 3  ? 14.301  -20.828 -12.671 1.00 90.93  ? 30  DG  C "C1'" 1 
ATOM   476 N  N9    . DG  B 2 3  ? 13.054  -21.583 -12.689 1.00 85.04  ? 30  DG  C N9    1 
ATOM   477 C  C8    . DG  B 2 3  ? 12.510  -22.321 -11.662 1.00 82.01  ? 30  DG  C C8    1 
ATOM   478 N  N7    . DG  B 2 3  ? 11.366  -22.876 -11.969 1.00 75.55  ? 30  DG  C N7    1 
ATOM   479 C  C5    . DG  B 2 3  ? 11.138  -22.469 -13.281 1.00 80.03  ? 30  DG  C C5    1 
ATOM   480 C  C6    . DG  B 2 3  ? 10.059  -22.751 -14.150 1.00 79.70  ? 30  DG  C C6    1 
ATOM   481 O  O6    . DG  B 2 3  ? 9.051   -23.441 -13.925 1.00 77.27  ? 30  DG  C O6    1 
ATOM   482 N  N1    . DG  B 2 3  ? 10.224  -22.136 -15.396 1.00 78.42  ? 30  DG  C N1    1 
ATOM   483 C  C2    . DG  B 2 3  ? 11.301  -21.349 -15.750 1.00 78.02  ? 30  DG  C C2    1 
ATOM   484 N  N2    . DG  B 2 3  ? 11.290  -20.840 -16.994 1.00 76.97  ? 30  DG  C N2    1 
ATOM   485 N  N3    . DG  B 2 3  ? 12.314  -21.079 -14.942 1.00 77.55  ? 30  DG  C N3    1 
ATOM   486 C  C4    . DG  B 2 3  ? 12.168  -21.669 -13.731 1.00 80.75  ? 30  DG  C C4    1 
ATOM   487 P  P     . DA  B 2 4  ? 16.545  -17.465 -11.562 1.00 123.97 ? 31  DA  C P     1 
ATOM   488 O  OP1   . DA  B 2 4  ? 17.973  -17.079 -11.589 1.00 124.31 ? 31  DA  C OP1   1 
ATOM   489 O  OP2   . DA  B 2 4  ? 15.814  -17.502 -10.274 1.00 112.75 ? 31  DA  C OP2   1 
ATOM   490 O  "O5'" . DA  B 2 4  ? 15.758  -16.494 -12.549 1.00 108.89 ? 31  DA  C "O5'" 1 
ATOM   491 C  "C5'" . DA  B 2 4  ? 16.056  -16.517 -13.930 1.00 105.29 ? 31  DA  C "C5'" 1 
ATOM   492 C  "C4'" . DA  B 2 4  ? 14.795  -16.312 -14.737 1.00 102.73 ? 31  DA  C "C4'" 1 
ATOM   493 O  "O4'" . DA  B 2 4  ? 13.869  -17.395 -14.466 1.00 97.95  ? 31  DA  C "O4'" 1 
ATOM   494 C  "C3'" . DA  B 2 4  ? 14.045  -15.017 -14.420 1.00 97.06  ? 31  DA  C "C3'" 1 
ATOM   495 O  "O3'" . DA  B 2 4  ? 13.782  -14.310 -15.614 1.00 99.89  ? 31  DA  C "O3'" 1 
ATOM   496 C  "C2'" . DA  B 2 4  ? 12.755  -15.489 -13.746 1.00 90.63  ? 31  DA  C "C2'" 1 
ATOM   497 C  "C1'" . DA  B 2 4  ? 12.572  -16.868 -14.354 1.00 87.74  ? 31  DA  C "C1'" 1 
ATOM   498 N  N9    . DA  B 2 4  ? 11.771  -17.769 -13.530 1.00 77.51  ? 31  DA  C N9    1 
ATOM   499 C  C8    . DA  B 2 4  ? 12.059  -18.212 -12.273 1.00 79.71  ? 31  DA  C C8    1 
ATOM   500 N  N7    . DA  B 2 4  ? 11.150  -19.014 -11.773 1.00 72.53  ? 31  DA  C N7    1 
ATOM   501 C  C5    . DA  B 2 4  ? 10.200  -19.102 -12.774 1.00 70.26  ? 31  DA  C C5    1 
ATOM   502 C  C6    . DA  B 2 4  ? 8.980   -19.800 -12.867 1.00 72.95  ? 31  DA  C C6    1 
ATOM   503 N  N6    . DA  B 2 4  ? 8.501   -20.579 -11.885 1.00 72.82  ? 31  DA  C N6    1 
ATOM   504 N  N1    . DA  B 2 4  ? 8.268   -19.670 -14.008 1.00 69.98  ? 31  DA  C N1    1 
ATOM   505 C  C2    . DA  B 2 4  ? 8.752   -18.891 -14.984 1.00 71.33  ? 31  DA  C C2    1 
ATOM   506 N  N3    . DA  B 2 4  ? 9.885   -18.187 -15.010 1.00 73.56  ? 31  DA  C N3    1 
ATOM   507 C  C4    . DA  B 2 4  ? 10.567  -18.337 -13.864 1.00 71.28  ? 31  DA  C C4    1 
ATOM   508 P  P     . DG  B 2 5  ? 13.502  -12.730 -15.566 1.00 106.96 ? 32  DG  C P     1 
ATOM   509 O  OP1   . DG  B 2 5  ? 14.258  -12.123 -16.684 1.00 96.29  ? 32  DG  C OP1   1 
ATOM   510 O  OP2   . DG  B 2 5  ? 13.746  -12.263 -14.182 1.00 98.15  ? 32  DG  C OP2   1 
ATOM   511 O  "O5'" . DG  B 2 5  ? 11.932  -12.615 -15.869 1.00 95.06  ? 32  DG  C "O5'" 1 
ATOM   512 C  "C5'" . DG  B 2 5  ? 11.452  -12.797 -17.204 1.00 93.02  ? 32  DG  C "C5'" 1 
ATOM   513 C  "C4'" . DG  B 2 5  ? 9.981   -13.176 -17.210 1.00 88.55  ? 32  DG  C "C4'" 1 
ATOM   514 O  "O4'" . DG  B 2 5  ? 9.795   -14.358 -16.421 1.00 85.91  ? 32  DG  C "O4'" 1 
ATOM   515 C  "C3'" . DG  B 2 5  ? 9.053   -12.155 -16.580 1.00 84.94  ? 32  DG  C "C3'" 1 
ATOM   516 O  "O3'" . DG  B 2 5  ? 8.612   -11.234 -17.562 1.00 87.91  ? 32  DG  C "O3'" 1 
ATOM   517 C  "C2'" . DG  B 2 5  ? 7.888   -13.005 -16.053 1.00 78.25  ? 32  DG  C "C2'" 1 
ATOM   518 C  "C1'" . DG  B 2 5  ? 8.453   -14.422 -16.007 1.00 71.92  ? 32  DG  C "C1'" 1 
ATOM   519 N  N9    . DG  B 2 5  ? 8.418   -15.033 -14.688 1.00 69.61  ? 32  DG  C N9    1 
ATOM   520 C  C8    . DG  B 2 5  ? 9.385   -14.968 -13.715 1.00 72.32  ? 32  DG  C C8    1 
ATOM   521 N  N7    . DG  B 2 5  ? 9.084   -15.644 -12.633 1.00 68.77  ? 32  DG  C N7    1 
ATOM   522 C  C5    . DG  B 2 5  ? 7.839   -16.192 -12.917 1.00 68.50  ? 32  DG  C C5    1 
ATOM   523 C  C6    . DG  B 2 5  ? 7.006   -17.020 -12.128 1.00 66.99  ? 32  DG  C C6    1 
ATOM   524 O  O6    . DG  B 2 5  ? 7.208   -17.444 -10.976 1.00 64.83  ? 32  DG  C O6    1 
ATOM   525 N  N1    . DG  B 2 5  ? 5.825   -17.352 -12.805 1.00 70.43  ? 32  DG  C N1    1 
ATOM   526 C  C2    . DG  B 2 5  ? 5.501   -16.928 -14.084 1.00 69.75  ? 32  DG  C C2    1 
ATOM   527 N  N2    . DG  B 2 5  ? 4.322   -17.349 -14.579 1.00 68.56  ? 32  DG  C N2    1 
ATOM   528 N  N3    . DG  B 2 5  ? 6.272   -16.149 -14.825 1.00 66.08  ? 32  DG  C N3    1 
ATOM   529 C  C4    . DG  B 2 5  ? 7.418   -15.823 -14.183 1.00 69.44  ? 32  DG  C C4    1 
ATOM   530 P  P     . DT  B 2 6  ? 7.733   -9.959  -17.131 1.00 98.07  ? 33  DT  C P     1 
ATOM   531 O  OP1   . DT  B 2 6  ? 7.769   -9.010  -18.268 1.00 101.22 ? 33  DT  C OP1   1 
ATOM   532 O  OP2   . DT  B 2 6  ? 8.148   -9.527  -15.774 1.00 83.47  ? 33  DT  C OP2   1 
ATOM   533 O  "O5'" . DT  B 2 6  ? 6.254   -10.543 -17.011 1.00 84.07  ? 33  DT  C "O5'" 1 
ATOM   534 C  "C5'" . DT  B 2 6  ? 5.688   -11.260 -18.100 1.00 81.14  ? 33  DT  C "C5'" 1 
ATOM   535 C  "C4'" . DT  B 2 6  ? 4.336   -11.810 -17.706 1.00 73.78  ? 33  DT  C "C4'" 1 
ATOM   536 O  "O4'" . DT  B 2 6  ? 4.507   -12.773 -16.639 1.00 71.70  ? 33  DT  C "O4'" 1 
ATOM   537 C  "C3'" . DT  B 2 6  ? 3.356   -10.757 -17.177 1.00 63.73  ? 33  DT  C "C3'" 1 
ATOM   538 O  "O3'" . DT  B 2 6  ? 2.118   -10.856 -17.855 1.00 57.97  ? 33  DT  C "O3'" 1 
ATOM   539 C  "C2'" . DT  B 2 6  ? 3.217   -11.098 -15.691 1.00 63.63  ? 33  DT  C "C2'" 1 
ATOM   540 C  "C1'" . DT  B 2 6  ? 3.491   -12.587 -15.696 1.00 61.49  ? 33  DT  C "C1'" 1 
ATOM   541 N  N1    . DT  B 2 6  ? 3.950   -13.117 -14.393 1.00 58.38  ? 33  DT  C N1    1 
ATOM   542 C  C2    . DT  B 2 6  ? 3.151   -14.010 -13.727 1.00 64.40  ? 33  DT  C C2    1 
ATOM   543 O  O2    . DT  B 2 6  ? 2.077   -14.388 -14.159 1.00 66.65  ? 33  DT  C O2    1 
ATOM   544 N  N3    . DT  B 2 6  ? 3.651   -14.449 -12.528 1.00 63.42  ? 33  DT  C N3    1 
ATOM   545 C  C4    . DT  B 2 6  ? 4.852   -14.090 -11.948 1.00 67.15  ? 33  DT  C C4    1 
ATOM   546 O  O4    . DT  B 2 6  ? 5.226   -14.538 -10.861 1.00 67.44  ? 33  DT  C O4    1 
ATOM   547 C  C5    . DT  B 2 6  ? 5.640   -13.148 -12.701 1.00 60.69  ? 33  DT  C C5    1 
ATOM   548 C  C7    . DT  B 2 6  ? 6.960   -12.689 -12.166 1.00 59.80  ? 33  DT  C C7    1 
ATOM   549 C  C6    . DT  B 2 6  ? 5.157   -12.710 -13.875 1.00 59.68  ? 33  DT  C C6    1 
ATOM   550 P  P     . DC  B 2 7  ? 0.965   -9.777  -17.569 1.00 68.89  ? 34  DC  C P     1 
ATOM   551 O  OP1   . DC  B 2 7  ? 0.116   -9.684  -18.783 1.00 59.52  ? 34  DC  C OP1   1 
ATOM   552 O  OP2   . DC  B 2 7  ? 1.576   -8.564  -16.981 1.00 64.66  ? 34  DC  C OP2   1 
ATOM   553 O  "O5'" . DC  B 2 7  ? 0.139   -10.435 -16.384 1.00 62.47  ? 34  DC  C "O5'" 1 
ATOM   554 C  "C5'" . DC  B 2 7  ? -0.411  -11.707 -16.561 1.00 60.58  ? 34  DC  C "C5'" 1 
ATOM   555 C  "C4'" . DC  B 2 7  ? -1.290  -12.067 -15.384 1.00 68.70  ? 34  DC  C "C4'" 1 
ATOM   556 O  "O4'" . DC  B 2 7  ? -0.470  -12.568 -14.296 1.00 67.58  ? 34  DC  C "O4'" 1 
ATOM   557 C  "C3'" . DC  B 2 7  ? -2.111  -10.917 -14.791 1.00 63.20  ? 34  DC  C "C3'" 1 
ATOM   558 O  "O3'" . DC  B 2 7  ? -3.388  -11.416 -14.434 1.00 62.79  ? 34  DC  C "O3'" 1 
ATOM   559 C  "C2'" . DC  B 2 7  ? -1.302  -10.539 -13.551 1.00 61.33  ? 34  DC  C "C2'" 1 
ATOM   560 C  "C1'" . DC  B 2 7  ? -0.846  -11.917 -13.108 1.00 61.78  ? 34  DC  C "C1'" 1 
ATOM   561 N  N1    . DC  B 2 7  ? 0.320   -11.937 -12.184 1.00 59.30  ? 34  DC  C N1    1 
ATOM   562 C  C2    . DC  B 2 7  ? 0.244   -12.677 -10.994 1.00 62.32  ? 34  DC  C C2    1 
ATOM   563 O  O2    . DC  B 2 7  ? -0.806  -13.277 -10.723 1.00 59.48  ? 34  DC  C O2    1 
ATOM   564 N  N3    . DC  B 2 7  ? 1.319   -12.709 -10.166 1.00 63.62  ? 34  DC  C N3    1 
ATOM   565 C  C4    . DC  B 2 7  ? 2.428   -12.045 -10.493 1.00 63.44  ? 34  DC  C C4    1 
ATOM   566 N  N4    . DC  B 2 7  ? 3.455   -12.098 -9.643  1.00 68.72  ? 34  DC  C N4    1 
ATOM   567 C  C5    . DC  B 2 7  ? 2.530   -11.295 -11.706 1.00 57.99  ? 34  DC  C C5    1 
ATOM   568 C  C6    . DC  B 2 7  ? 1.463   -11.273 -12.514 1.00 58.87  ? 34  DC  C C6    1 
ATOM   569 P  P     . DG  B 2 8  ? -4.692  -10.482 -14.479 1.00 66.44  ? 35  DG  C P     1 
ATOM   570 O  OP1   . DG  B 2 8  ? -5.429  -10.777 -15.734 1.00 60.17  ? 35  DG  C OP1   1 
ATOM   571 O  OP2   . DG  B 2 8  ? -4.253  -9.101  -14.158 1.00 64.19  ? 35  DG  C OP2   1 
ATOM   572 O  "O5'" . DG  B 2 8  ? -5.546  -11.034 -13.252 1.00 60.62  ? 35  DG  C "O5'" 1 
ATOM   573 C  "C5'" . DG  B 2 8  ? -4.902  -11.890 -12.312 1.00 65.72  ? 35  DG  C "C5'" 1 
ATOM   574 C  "C4'" . DG  B 2 8  ? -5.176  -11.442 -10.895 1.00 62.94  ? 35  DG  C "C4'" 1 
ATOM   575 O  "O4'" . DG  B 2 8  ? -4.092  -11.841 -10.042 1.00 66.41  ? 35  DG  C "O4'" 1 
ATOM   576 C  "C3'" . DG  B 2 8  ? -5.269  -9.952  -10.722 1.00 64.20  ? 35  DG  C "C3'" 1 
ATOM   577 O  "O3'" . DG  B 2 8  ? -6.584  -9.541  -11.006 1.00 73.20  ? 35  DG  C "O3'" 1 
ATOM   578 C  "C2'" . DG  B 2 8  ? -4.932  -9.778  -9.248  1.00 54.09  ? 35  DG  C "C2'" 1 
ATOM   579 C  "C1'" . DG  B 2 8  ? -3.881  -10.862 -9.044  1.00 58.06  ? 35  DG  C "C1'" 1 
ATOM   580 N  N9    . DG  B 2 8  ? -2.511  -10.370 -9.163  1.00 55.32  ? 35  DG  C N9    1 
ATOM   581 C  C8    . DG  B 2 8  ? -2.006  -9.569  -10.151 1.00 59.17  ? 35  DG  C C8    1 
ATOM   582 N  N7    . DG  B 2 8  ? -0.742  -9.287  -9.992  1.00 56.51  ? 35  DG  C N7    1 
ATOM   583 C  C5    . DG  B 2 8  ? -0.393  -9.944  -8.824  1.00 53.91  ? 35  DG  C C5    1 
ATOM   584 C  C6    . DG  B 2 8  ? 0.844   -10.005 -8.160  1.00 58.69  ? 35  DG  C C6    1 
ATOM   585 O  O6    . DG  B 2 8  ? 1.906   -9.468  -8.483  1.00 69.79  ? 35  DG  C O6    1 
ATOM   586 N  N1    . DG  B 2 8  ? 0.784   -10.783 -7.013  1.00 53.58  ? 35  DG  C N1    1 
ATOM   587 C  C2    . DG  B 2 8  ? -0.346  -11.419 -6.565  1.00 58.75  ? 35  DG  C C2    1 
ATOM   588 N  N2    . DG  B 2 8  ? -0.217  -12.128 -5.430  1.00 60.14  ? 35  DG  C N2    1 
ATOM   589 N  N3    . DG  B 2 8  ? -1.522  -11.367 -7.181  1.00 54.01  ? 35  DG  C N3    1 
ATOM   590 C  C4    . DG  B 2 8  ? -1.469  -10.618 -8.302  1.00 52.12  ? 35  DG  C C4    1 
ATOM   591 P  P     . DA  C 3 1  ? 6.404   12.864  7.685   1.00 59.91  ? 36  DA  D P     1 
ATOM   592 O  OP1   . DA  C 3 1  ? 7.823   13.239  7.861   1.00 64.75  ? 36  DA  D OP1   1 
ATOM   593 O  OP2   . DA  C 3 1  ? 5.702   12.100  8.735   1.00 53.80  ? 36  DA  D OP2   1 
ATOM   594 O  "O5'" . DA  C 3 1  ? 6.248   12.067  6.301   1.00 58.37  ? 36  DA  D "O5'" 1 
ATOM   595 C  "C5'" . DA  C 3 1  ? 6.650   12.679  5.068   1.00 61.34  ? 36  DA  D "C5'" 1 
ATOM   596 C  "C4'" . DA  C 3 1  ? 5.635   12.420  3.965   1.00 63.94  ? 36  DA  D "C4'" 1 
ATOM   597 O  "O4'" . DA  C 3 1  ? 5.161   11.064  4.061   1.00 57.17  ? 36  DA  D "O4'" 1 
ATOM   598 C  "C3'" . DA  C 3 1  ? 4.381   13.271  4.043   1.00 63.76  ? 36  DA  D "C3'" 1 
ATOM   599 O  "O3'" . DA  C 3 1  ? 4.585   14.503  3.370   1.00 64.70  ? 36  DA  D "O3'" 1 
ATOM   600 C  "C2'" . DA  C 3 1  ? 3.340   12.411  3.331   1.00 58.60  ? 36  DA  D "C2'" 1 
ATOM   601 C  "C1'" . DA  C 3 1  ? 3.832   10.994  3.590   1.00 49.52  ? 36  DA  D "C1'" 1 
ATOM   602 N  N9    . DA  C 3 1  ? 3.062   10.253  4.561   1.00 50.92  ? 36  DA  D N9    1 
ATOM   603 C  C8    . DA  C 3 1  ? 3.486   9.817   5.776   1.00 58.38  ? 36  DA  D C8    1 
ATOM   604 N  N7    . DA  C 3 1  ? 2.587   9.127   6.436   1.00 56.89  ? 36  DA  D N7    1 
ATOM   605 C  C5    . DA  C 3 1  ? 1.505   9.110   5.590   1.00 53.61  ? 36  DA  D C5    1 
ATOM   606 C  C6    . DA  C 3 1  ? 0.232   8.537   5.707   1.00 57.93  ? 36  DA  D C6    1 
ATOM   607 N  N6    . DA  C 3 1  ? -0.163  7.843   6.772   1.00 58.20  ? 36  DA  D N6    1 
ATOM   608 N  N1    . DA  C 3 1  ? -0.621  8.702   4.680   1.00 65.24  ? 36  DA  D N1    1 
ATOM   609 C  C2    . DA  C 3 1  ? -0.213  9.396   3.609   1.00 67.35  ? 36  DA  D C2    1 
ATOM   610 N  N3    . DA  C 3 1  ? 0.962   9.986   3.388   1.00 60.23  ? 36  DA  D N3    1 
ATOM   611 C  C4    . DA  C 3 1  ? 1.781   9.801   4.428   1.00 55.34  ? 36  DA  D C4    1 
ATOM   612 P  P     . DT  C 3 2  ? 3.647   15.750  3.732   1.00 69.53  ? 37  DT  D P     1 
ATOM   613 O  OP1   . DT  C 3 2  ? 4.168   16.949  3.020   1.00 47.28  ? 37  DT  D OP1   1 
ATOM   614 O  OP2   . DT  C 3 2  ? 3.507   15.742  5.206   1.00 71.02  ? 37  DT  D OP2   1 
ATOM   615 O  "O5'" . DT  C 3 2  ? 2.223   15.326  3.153   1.00 51.25  ? 37  DT  D "O5'" 1 
ATOM   616 C  "C5'" . DT  C 3 2  ? 2.003   15.396  1.769   1.00 58.62  ? 37  DT  D "C5'" 1 
ATOM   617 C  "C4'" . DT  C 3 2  ? 0.643   14.851  1.453   1.00 62.49  ? 37  DT  D "C4'" 1 
ATOM   618 O  "O4'" . DT  C 3 2  ? 0.417   13.698  2.290   1.00 60.82  ? 37  DT  D "O4'" 1 
ATOM   619 C  "C3'" . DT  C 3 2  ? -0.494  15.819  1.740   1.00 69.63  ? 37  DT  D "C3'" 1 
ATOM   620 O  "O3'" . DT  C 3 2  ? -1.407  15.820  0.673   1.00 76.50  ? 37  DT  D "O3'" 1 
ATOM   621 C  "C2'" . DT  C 3 2  ? -1.129  15.281  3.022   1.00 72.06  ? 37  DT  D "C2'" 1 
ATOM   622 C  "C1'" . DT  C 3 2  ? -0.817  13.804  2.943   1.00 60.52  ? 37  DT  D "C1'" 1 
ATOM   623 N  N1    . DT  C 3 2  ? -0.668  13.177  4.255   1.00 55.92  ? 37  DT  D N1    1 
ATOM   624 C  C2    . DT  C 3 2  ? -1.679  12.386  4.743   1.00 66.86  ? 37  DT  D C2    1 
ATOM   625 O  O2    . DT  C 3 2  ? -2.720  12.184  4.144   1.00 74.03  ? 37  DT  D O2    1 
ATOM   626 N  N3    . DT  C 3 2  ? -1.437  11.839  5.967   1.00 62.38  ? 37  DT  D N3    1 
ATOM   627 C  C4    . DT  C 3 2  ? -0.309  11.992  6.733   1.00 60.31  ? 37  DT  D C4    1 
ATOM   628 O  O4    . DT  C 3 2  ? -0.189  11.454  7.826   1.00 65.89  ? 37  DT  D O4    1 
ATOM   629 C  C5    . DT  C 3 2  ? 0.721   12.831  6.160   1.00 61.36  ? 37  DT  D C5    1 
ATOM   630 C  C7    . DT  C 3 2  ? 2.004   13.068  6.900   1.00 61.50  ? 37  DT  D C7    1 
ATOM   631 C  C6    . DT  C 3 2  ? 0.489   13.377  4.960   1.00 55.94  ? 37  DT  D C6    1 
ATOM   632 P  P     . DG  C 3 3  ? -2.606  16.887  0.655   1.00 89.23  ? 38  DG  D P     1 
ATOM   633 O  OP1   . DG  C 3 3  ? -2.912  17.193  -0.767  1.00 82.69  ? 38  DG  D OP1   1 
ATOM   634 O  OP2   . DG  C 3 3  ? -2.235  17.979  1.584   1.00 85.58  ? 38  DG  D OP2   1 
ATOM   635 O  "O5'" . DG  C 3 3  ? -3.825  16.084  1.306   1.00 73.79  ? 38  DG  D "O5'" 1 
ATOM   636 C  "C5'" . DG  C 3 3  ? -4.254  14.892  0.699   1.00 74.40  ? 38  DG  D "C5'" 1 
ATOM   637 C  "C4'" . DG  C 3 3  ? -5.443  14.308  1.425   1.00 78.18  ? 38  DG  D "C4'" 1 
ATOM   638 O  "O4'" . DG  C 3 3  ? -5.015  13.687  2.659   1.00 82.17  ? 38  DG  D "O4'" 1 
ATOM   639 C  "C3'" . DG  C 3 3  ? -6.537  15.301  1.804   1.00 80.90  ? 38  DG  D "C3'" 1 
ATOM   640 O  "O3'" . DG  C 3 3  ? -7.788  14.734  1.453   1.00 90.70  ? 38  DG  D "O3'" 1 
ATOM   641 C  "C2'" . DG  C 3 3  ? -6.376  15.445  3.326   1.00 78.17  ? 38  DG  D "C2'" 1 
ATOM   642 C  "C1'" . DG  C 3 3  ? -5.888  14.058  3.700   1.00 76.45  ? 38  DG  D "C1'" 1 
ATOM   643 N  N9    . DG  C 3 3  ? -5.127  13.984  4.946   1.00 74.77  ? 38  DG  D N9    1 
ATOM   644 C  C8    . DG  C 3 3  ? -3.923  14.592  5.213   1.00 72.50  ? 38  DG  D C8    1 
ATOM   645 N  N7    . DG  C 3 3  ? -3.450  14.311  6.397   1.00 68.46  ? 38  DG  D N7    1 
ATOM   646 C  C5    . DG  C 3 3  ? -4.391  13.452  6.944   1.00 65.46  ? 38  DG  D C5    1 
ATOM   647 C  C6    . DG  C 3 3  ? -4.413  12.826  8.203   1.00 68.10  ? 38  DG  D C6    1 
ATOM   648 O  O6    . DG  C 3 3  ? -3.580  12.914  9.106   1.00 74.54  ? 38  DG  D O6    1 
ATOM   649 N  N1    . DG  C 3 3  ? -5.546  12.033  8.374   1.00 67.63  ? 38  DG  D N1    1 
ATOM   650 C  C2    . DG  C 3 3  ? -6.541  11.882  7.439   1.00 72.29  ? 38  DG  D C2    1 
ATOM   651 N  N2    . DG  C 3 3  ? -7.552  11.070  7.778   1.00 71.99  ? 38  DG  D N2    1 
ATOM   652 N  N3    . DG  C 3 3  ? -6.527  12.459  6.238   1.00 71.55  ? 38  DG  D N3    1 
ATOM   653 C  C4    . DG  C 3 3  ? -5.426  13.231  6.064   1.00 70.48  ? 38  DG  D C4    1 
ATOM   654 P  P     . DT  C 3 4  ? -9.121  15.623  1.411   1.00 91.34  ? 39  DT  D P     1 
ATOM   655 O  OP1   . DT  C 3 4  ? -9.936  15.123  0.279   1.00 83.06  ? 39  DT  D OP1   1 
ATOM   656 O  OP2   . DT  C 3 4  ? -8.720  17.050  1.466   1.00 85.22  ? 39  DT  D OP2   1 
ATOM   657 O  "O5'" . DT  C 3 4  ? -9.856  15.222  2.770   1.00 82.53  ? 39  DT  D "O5'" 1 
ATOM   658 C  "C5'" . DT  C 3 4  ? -10.089 13.862  3.031   1.00 81.28  ? 39  DT  D "C5'" 1 
ATOM   659 C  "C4'" . DT  C 3 4  ? -10.688 13.661  4.405   1.00 92.44  ? 39  DT  D "C4'" 1 
ATOM   660 O  "O4'" . DT  C 3 4  ? -9.645  13.622  5.406   1.00 96.03  ? 39  DT  D "O4'" 1 
ATOM   661 C  "C3'" . DT  C 3 4  ? -11.681 14.731  4.866   1.00 97.78  ? 39  DT  D "C3'" 1 
ATOM   662 O  "O3'" . DT  C 3 4  ? -12.839 14.080  5.361   1.00 110.23 ? 39  DT  D "O3'" 1 
ATOM   663 C  "C2'" . DT  C 3 4  ? -10.924 15.453  5.988   1.00 91.84  ? 39  DT  D "C2'" 1 
ATOM   664 C  "C1'" . DT  C 3 4  ? -10.098 14.311  6.545   1.00 89.42  ? 39  DT  D "C1'" 1 
ATOM   665 N  N1    . DT  C 3 4  ? -8.909  14.729  7.334   1.00 82.34  ? 39  DT  D N1    1 
ATOM   666 C  C2    . DT  C 3 4  ? -8.702  14.177  8.579   1.00 81.36  ? 39  DT  D C2    1 
ATOM   667 O  O2    . DT  C 3 4  ? -9.466  13.367  9.091   1.00 82.60  ? 39  DT  D O2    1 
ATOM   668 N  N3    . DT  C 3 4  ? -7.566  14.616  9.216   1.00 75.86  ? 39  DT  D N3    1 
ATOM   669 C  C4    . DT  C 3 4  ? -6.634  15.525  8.733   1.00 73.84  ? 39  DT  D C4    1 
ATOM   670 O  O4    . DT  C 3 4  ? -5.643  15.860  9.379   1.00 74.45  ? 39  DT  D O4    1 
ATOM   671 C  C5    . DT  C 3 4  ? -6.908  16.052  7.421   1.00 69.28  ? 39  DT  D C5    1 
ATOM   672 C  C7    . DT  C 3 4  ? -5.972  17.041  6.799   1.00 62.37  ? 39  DT  D C7    1 
ATOM   673 C  C6    . DT  C 3 4  ? -8.014  15.631  6.790   1.00 77.29  ? 39  DT  D C6    1 
ATOM   674 P  P     . DC  C 3 5  ? -14.230 14.863  5.518   1.00 114.94 ? 40  DC  D P     1 
ATOM   675 O  OP1   . DC  C 3 5  ? -15.232 14.120  4.719   1.00 108.14 ? 40  DC  D OP1   1 
ATOM   676 O  OP2   . DC  C 3 5  ? -13.987 16.300  5.241   1.00 107.07 ? 40  DC  D OP2   1 
ATOM   677 O  "O5'" . DC  C 3 5  ? -14.566 14.681  7.071   1.00 102.67 ? 40  DC  D "O5'" 1 
ATOM   678 C  "C5'" . DC  C 3 5  ? -14.391 13.407  7.680   1.00 97.72  ? 40  DC  D "C5'" 1 
ATOM   679 C  "C4'" . DC  C 3 5  ? -14.275 13.541  9.186   1.00 105.69 ? 40  DC  D "C4'" 1 
ATOM   680 O  "O4'" . DC  C 3 5  ? -12.919 13.929  9.545   1.00 105.02 ? 40  DC  D "O4'" 1 
ATOM   681 C  "C3'" . DC  C 3 5  ? -15.193 14.597  9.812   1.00 107.72 ? 40  DC  D "C3'" 1 
ATOM   682 O  "O3'" . DC  C 3 5  ? -15.770 14.093  11.007  1.00 115.23 ? 40  DC  D "O3'" 1 
ATOM   683 C  "C2'" . DC  C 3 5  ? -14.237 15.746  10.109  1.00 102.85 ? 40  DC  D "C2'" 1 
ATOM   684 C  "C1'" . DC  C 3 5  ? -12.991 14.976  10.485  1.00 98.23  ? 40  DC  D "C1'" 1 
ATOM   685 N  N1    . DC  C 3 5  ? -11.751 15.790  10.410  1.00 92.63  ? 40  DC  D N1    1 
ATOM   686 C  C2    . DC  C 3 5  ? -10.838 15.763  11.477  1.00 86.23  ? 40  DC  D C2    1 
ATOM   687 O  O2    . DC  C 3 5  ? -11.077 15.042  12.460  1.00 85.27  ? 40  DC  D O2    1 
ATOM   688 N  N3    . DC  C 3 5  ? -9.714  16.523  11.399  1.00 80.64  ? 40  DC  D N3    1 
ATOM   689 C  C4    . DC  C 3 5  ? -9.495  17.284  10.318  1.00 85.24  ? 40  DC  D C4    1 
ATOM   690 N  N4    . DC  C 3 5  ? -8.373  18.017  10.285  1.00 82.99  ? 40  DC  D N4    1 
ATOM   691 C  C5    . DC  C 3 5  ? -10.418 17.328  9.224   1.00 85.74  ? 40  DC  D C5    1 
ATOM   692 C  C6    . DC  C 3 5  ? -11.522 16.575  9.314   1.00 89.22  ? 40  DC  D C6    1 
ATOM   693 P  P     . DG  C 3 6  ? -16.954 14.900  11.734  1.00 123.70 ? 41  DG  D P     1 
ATOM   694 O  OP1   . DG  C 3 6  ? -18.123 13.998  11.814  1.00 123.88 ? 41  DG  D OP1   1 
ATOM   695 O  OP2   . DG  C 3 6  ? -17.091 16.227  11.090  1.00 114.92 ? 41  DG  D OP2   1 
ATOM   696 O  "O5'" . DG  C 3 6  ? -16.415 15.110  13.218  1.00 111.04 ? 41  DG  D "O5'" 1 
ATOM   697 C  "C5'" . DG  C 3 6  ? -16.340 14.002  14.100  1.00 110.32 ? 41  DG  D "C5'" 1 
ATOM   698 C  "C4'" . DG  C 3 6  ? -15.469 14.333  15.292  1.00 109.82 ? 41  DG  D "C4'" 1 
ATOM   699 O  "O4'" . DG  C 3 6  ? -14.230 14.932  14.827  1.00 106.91 ? 41  DG  D "O4'" 1 
ATOM   700 C  "C3'" . DG  C 3 6  ? -16.073 15.342  16.264  1.00 111.29 ? 41  DG  D "C3'" 1 
ATOM   701 O  "O3'" . DG  C 3 6  ? -15.627 15.067  17.577  1.00 117.47 ? 41  DG  D "O3'" 1 
ATOM   702 C  "C2'" . DG  C 3 6  ? -15.506 16.660  15.763  1.00 103.72 ? 41  DG  D "C2'" 1 
ATOM   703 C  "C1'" . DG  C 3 6  ? -14.103 16.234  15.360  1.00 100.37 ? 41  DG  D "C1'" 1 
ATOM   704 N  N9    . DG  C 3 6  ? -13.503 17.094  14.348  1.00 92.15  ? 41  DG  D N9    1 
ATOM   705 C  C8    . DG  C 3 6  ? -14.041 17.445  13.133  1.00 92.80  ? 41  DG  D C8    1 
ATOM   706 N  N7    . DG  C 3 6  ? -13.273 18.237  12.432  1.00 89.62  ? 41  DG  D N7    1 
ATOM   707 C  C5    . DG  C 3 6  ? -12.153 18.421  13.237  1.00 86.67  ? 41  DG  D C5    1 
ATOM   708 C  C6    . DG  C 3 6  ? -10.977 19.182  13.007  1.00 85.60  ? 41  DG  D C6    1 
ATOM   709 O  O6    . DG  C 3 6  ? -10.686 19.871  12.015  1.00 83.89  ? 41  DG  D O6    1 
ATOM   710 N  N1    . DG  C 3 6  ? -10.090 19.094  14.081  1.00 81.82  ? 41  DG  D N1    1 
ATOM   711 C  C2    . DG  C 3 6  ? -10.315 18.364  15.230  1.00 83.12  ? 41  DG  D C2    1 
ATOM   712 N  N2    . DG  C 3 6  ? -9.343  18.403  16.158  1.00 81.16  ? 41  DG  D N2    1 
ATOM   713 N  N3    . DG  C 3 6  ? -11.410 17.647  15.454  1.00 79.44  ? 41  DG  D N3    1 
ATOM   714 C  C4    . DG  C 3 6  ? -12.281 17.722  14.420  1.00 84.34  ? 41  DG  D C4    1 
ATOM   715 P  P     . DT  C 3 7  ? -16.360 15.753  18.828  1.00 118.59 ? 42  DT  D P     1 
ATOM   716 O  OP1   . DT  C 3 7  ? -16.539 14.711  19.867  1.00 116.40 ? 42  DT  D OP1   1 
ATOM   717 O  OP2   . DT  C 3 7  ? -17.533 16.476  18.285  1.00 111.06 ? 42  DT  D OP2   1 
ATOM   718 O  "O5'" . DT  C 3 7  ? -15.294 16.821  19.365  1.00 112.20 ? 42  DT  D "O5'" 1 
ATOM   719 C  "C5'" . DT  C 3 7  ? -14.226 16.390  20.203  1.00 108.81 ? 42  DT  D "C5'" 1 
ATOM   720 C  "C4'" . DT  C 3 7  ? -13.235 17.516  20.447  1.00 108.74 ? 42  DT  D "C4'" 1 
ATOM   721 O  "O4'" . DT  C 3 7  ? -12.776 18.046  19.176  1.00 105.54 ? 42  DT  D "O4'" 1 
ATOM   722 C  "C3'" . DT  C 3 7  ? -13.785 18.712  21.235  1.00 104.11 ? 42  DT  D "C3'" 1 
ATOM   723 O  "O3'" . DT  C 3 7  ? -12.896 19.038  22.294  1.00 107.83 ? 42  DT  D "O3'" 1 
ATOM   724 C  "C2'" . DT  C 3 7  ? -13.850 19.832  20.193  1.00 92.29  ? 42  DT  D "C2'" 1 
ATOM   725 C  "C1'" . DT  C 3 7  ? -12.707 19.443  19.272  1.00 93.56  ? 42  DT  D "C1'" 1 
ATOM   726 N  N1    . DT  C 3 7  ? -12.811 20.024  17.909  1.00 87.04  ? 42  DT  D N1    1 
ATOM   727 C  C2    . DT  C 3 7  ? -11.764 20.771  17.427  1.00 85.48  ? 42  DT  D C2    1 
ATOM   728 O  O2    . DT  C 3 7  ? -10.749 20.987  18.067  1.00 88.31  ? 42  DT  D O2    1 
ATOM   729 N  N3    . DT  C 3 7  ? -11.952 21.275  16.165  1.00 81.81  ? 42  DT  D N3    1 
ATOM   730 C  C4    . DT  C 3 7  ? -13.056 21.102  15.353  1.00 80.60  ? 42  DT  D C4    1 
ATOM   731 O  O4    . DT  C 3 7  ? -13.130 21.594  14.230  1.00 77.78  ? 42  DT  D O4    1 
ATOM   732 C  C5    . DT  C 3 7  ? -14.116 20.299  15.918  1.00 79.85  ? 42  DT  D C5    1 
ATOM   733 C  C7    . DT  C 3 7  ? -15.363 20.048  15.133  1.00 80.80  ? 42  DT  D C7    1 
ATOM   734 C  C6    . DT  C 3 7  ? -13.944 19.801  17.155  1.00 84.82  ? 42  DT  D C6    1 
ATOM   735 P  P     . DT  D 4 1  ? -6.397  -5.633  -6.779  1.00 61.97  ? 1   DT  A P     1 
ATOM   736 O  OP1   . DT  D 4 1  ? -6.705  -5.462  -5.334  1.00 72.65  ? 1   DT  A OP1   1 
ATOM   737 O  OP2   . DT  D 4 1  ? -5.506  -4.709  -7.512  1.00 53.21  ? 1   DT  A OP2   1 
ATOM   738 O  "O5'" . DT  D 4 1  ? -5.829  -7.107  -7.023  1.00 62.55  ? 1   DT  A "O5'" 1 
ATOM   739 C  "C5'" . DT  D 4 1  ? -6.441  -8.212  -6.354  1.00 67.52  ? 1   DT  A "C5'" 1 
ATOM   740 C  "C4'" . DT  D 4 1  ? -5.464  -8.920  -5.437  1.00 58.64  ? 1   DT  A "C4'" 1 
ATOM   741 O  "O4'" . DT  D 4 1  ? -4.242  -9.142  -6.141  1.00 53.01  ? 1   DT  A "O4'" 1 
ATOM   742 C  "C3'" . DT  D 4 1  ? -5.034  -8.137  -4.219  1.00 56.43  ? 1   DT  A "C3'" 1 
ATOM   743 O  "O3'" . DT  D 4 1  ? -5.987  -8.280  -3.194  1.00 65.18  ? 1   DT  A "O3'" 1 
ATOM   744 C  "C2'" . DT  D 4 1  ? -3.730  -8.828  -3.851  1.00 52.21  ? 1   DT  A "C2'" 1 
ATOM   745 C  "C1'" . DT  D 4 1  ? -3.211  -9.317  -5.205  1.00 48.98  ? 1   DT  A "C1'" 1 
ATOM   746 N  N1    . DT  D 4 1  ? -2.051  -8.584  -5.684  1.00 51.70  ? 1   DT  A N1    1 
ATOM   747 C  C2    . DT  D 4 1  ? -0.889  -8.631  -4.958  1.00 57.25  ? 1   DT  A C2    1 
ATOM   748 O  O2    . DT  D 4 1  ? -0.777  -9.255  -3.915  1.00 56.70  ? 1   DT  A O2    1 
ATOM   749 N  N3    . DT  D 4 1  ? 0.146   -7.917  -5.494  1.00 56.48  ? 1   DT  A N3    1 
ATOM   750 C  C4    . DT  D 4 1  ? 0.130   -7.183  -6.661  1.00 56.69  ? 1   DT  A C4    1 
ATOM   751 O  O4    . DT  D 4 1  ? 1.115   -6.573  -7.062  1.00 60.57  ? 1   DT  A O4    1 
ATOM   752 C  C5    . DT  D 4 1  ? -1.124  -7.177  -7.373  1.00 51.55  ? 1   DT  A C5    1 
ATOM   753 C  C7    . DT  D 4 1  ? -1.263  -6.406  -8.649  1.00 56.02  ? 1   DT  A C7    1 
ATOM   754 C  C6    . DT  D 4 1  ? -2.142  -7.870  -6.852  1.00 50.16  ? 1   DT  A C6    1 
ATOM   755 P  P     . DC  D 4 2  ? -6.042  -7.200  -2.010  1.00 68.56  ? 2   DC  A P     1 
ATOM   756 O  OP1   . DC  D 4 2  ? -7.244  -7.520  -1.202  1.00 68.06  ? 2   DC  A OP1   1 
ATOM   757 O  OP2   . DC  D 4 2  ? -5.905  -5.855  -2.612  1.00 70.21  ? 2   DC  A OP2   1 
ATOM   758 O  "O5'" . DC  D 4 2  ? -4.706  -7.483  -1.176  1.00 54.85  ? 2   DC  A "O5'" 1 
ATOM   759 C  "C5'" . DC  D 4 2  ? -4.578  -8.693  -0.440  1.00 62.44  ? 2   DC  A "C5'" 1 
ATOM   760 C  "C4'" . DC  D 4 2  ? -3.251  -8.725  0.280   1.00 64.68  ? 2   DC  A "C4'" 1 
ATOM   761 O  "O4'" . DC  D 4 2  ? -2.211  -8.606  -0.695  1.00 59.35  ? 2   DC  A "O4'" 1 
ATOM   762 C  "C3'" . DC  D 4 2  ? -3.041  -7.577  1.249   1.00 64.41  ? 2   DC  A "C3'" 1 
ATOM   763 O  "O3'" . DC  D 4 2  ? -3.302  -8.002  2.561   1.00 68.05  ? 2   DC  A "O3'" 1 
ATOM   764 C  "C2'" . DC  D 4 2  ? -1.574  -7.198  1.102   1.00 61.62  ? 2   DC  A "C2'" 1 
ATOM   765 C  "C1'" . DC  D 4 2  ? -1.134  -7.859  -0.182  1.00 59.87  ? 2   DC  A "C1'" 1 
ATOM   766 N  N1    . DC  D 4 2  ? -0.730  -6.921  -1.222  1.00 55.24  ? 2   DC  A N1    1 
ATOM   767 C  C2    . DC  D 4 2  ? 0.622   -6.559  -1.353  1.00 58.38  ? 2   DC  A C2    1 
ATOM   768 O  O2    . DC  D 4 2  ? 1.462   -7.002  -0.545  1.00 54.48  ? 2   DC  A O2    1 
ATOM   769 N  N3    . DC  D 4 2  ? 0.971   -5.727  -2.355  1.00 62.17  ? 2   DC  A N3    1 
ATOM   770 C  C4    . DC  D 4 2  ? 0.038   -5.276  -3.202  1.00 60.30  ? 2   DC  A C4    1 
ATOM   771 N  N4    . DC  D 4 2  ? 0.429   -4.446  -4.177  1.00 61.50  ? 2   DC  A N4    1 
ATOM   772 C  C5    . DC  D 4 2  ? -1.333  -5.648  -3.085  1.00 52.73  ? 2   DC  A C5    1 
ATOM   773 C  C6    . DC  D 4 2  ? -1.666  -6.466  -2.094  1.00 47.47  ? 2   DC  A C6    1 
ATOM   774 P  P     . DG  D 4 3  ? -3.344  -6.915  3.737   1.00 81.85  ? 3   DG  A P     1 
ATOM   775 O  OP1   . DG  D 4 3  ? -3.890  -7.601  4.930   1.00 85.36  ? 3   DG  A OP1   1 
ATOM   776 O  OP2   . DG  D 4 3  ? -3.980  -5.690  3.188   1.00 76.24  ? 3   DG  A OP2   1 
ATOM   777 O  "O5'" . DG  D 4 3  ? -1.813  -6.547  3.996   1.00 65.71  ? 3   DG  A "O5'" 1 
ATOM   778 C  "C5'" . DG  D 4 3  ? -0.924  -7.538  4.479   1.00 71.19  ? 3   DG  A "C5'" 1 
ATOM   779 C  "C4'" . DG  D 4 3  ? 0.464   -6.959  4.626   1.00 74.22  ? 3   DG  A "C4'" 1 
ATOM   780 O  "O4'" . DG  D 4 3  ? 0.914   -6.473  3.335   1.00 75.43  ? 3   DG  A "O4'" 1 
ATOM   781 C  "C3'" . DG  D 4 3  ? 0.559   -5.771  5.579   1.00 74.52  ? 3   DG  A "C3'" 1 
ATOM   782 O  "O3'" . DG  D 4 3  ? 1.762   -5.841  6.321   1.00 79.22  ? 3   DG  A "O3'" 1 
ATOM   783 C  "C2'" . DG  D 4 3  ? 0.543   -4.569  4.642   1.00 71.96  ? 3   DG  A "C2'" 1 
ATOM   784 C  "C1'" . DG  D 4 3  ? 1.265   -5.110  3.424   1.00 64.61  ? 3   DG  A "C1'" 1 
ATOM   785 N  N9    . DG  D 4 3  ? 0.858   -4.456  2.186   1.00 61.34  ? 3   DG  A N9    1 
ATOM   786 C  C8    . DG  D 4 3  ? -0.422  -4.286  1.731   1.00 59.10  ? 3   DG  A C8    1 
ATOM   787 N  N7    . DG  D 4 3  ? -0.487  -3.669  0.585   1.00 56.55  ? 3   DG  A N7    1 
ATOM   788 C  C5    . DG  D 4 3  ? 0.834   -3.415  0.262   1.00 56.28  ? 3   DG  A C5    1 
ATOM   789 C  C6    . DG  D 4 3  ? 1.381   -2.775  -0.868  1.00 60.72  ? 3   DG  A C6    1 
ATOM   790 O  O6    . DG  D 4 3  ? 0.782   -2.287  -1.835  1.00 64.27  ? 3   DG  A O6    1 
ATOM   791 N  N1    . DG  D 4 3  ? 2.775   -2.725  -0.815  1.00 61.34  ? 3   DG  A N1    1 
ATOM   792 C  C2    . DG  D 4 3  ? 3.537   -3.231  0.209   1.00 62.99  ? 3   DG  A C2    1 
ATOM   793 N  N2    . DG  D 4 3  ? 4.865   -3.090  0.086   1.00 60.09  ? 3   DG  A N2    1 
ATOM   794 N  N3    . DG  D 4 3  ? 3.032   -3.839  1.280   1.00 65.03  ? 3   DG  A N3    1 
ATOM   795 C  C4    . DG  D 4 3  ? 1.678   -3.891  1.238   1.00 60.93  ? 3   DG  A C4    1 
ATOM   796 P  P     . DT  D 4 4  ? 2.163   -4.652  7.326   1.00 92.01  ? 4   DT  A P     1 
ATOM   797 O  OP1   . DT  D 4 4  ? 2.892   -5.273  8.460   1.00 80.74  ? 4   DT  A OP1   1 
ATOM   798 O  OP2   . DT  D 4 4  ? 0.968   -3.806  7.567   1.00 87.31  ? 4   DT  A OP2   1 
ATOM   799 O  "O5'" . DT  D 4 4  ? 3.207   -3.789  6.486   1.00 77.87  ? 4   DT  A "O5'" 1 
ATOM   800 C  "C5'" . DT  D 4 4  ? 4.420   -4.390  6.079   1.00 78.95  ? 4   DT  A "C5'" 1 
ATOM   801 C  "C4'" . DT  D 4 4  ? 5.356   -3.363  5.487   1.00 75.40  ? 4   DT  A "C4'" 1 
ATOM   802 O  "O4'" . DT  D 4 4  ? 4.822   -2.884  4.225   1.00 73.49  ? 4   DT  A "O4'" 1 
ATOM   803 C  "C3'" . DT  D 4 4  ? 5.580   -2.122  6.349   1.00 71.20  ? 4   DT  A "C3'" 1 
ATOM   804 O  "O3'" . DT  D 4 4  ? 6.949   -1.753  6.285   1.00 73.13  ? 4   DT  A "O3'" 1 
ATOM   805 C  "C2'" . DT  D 4 4  ? 4.683   -1.083  5.682   1.00 64.55  ? 4   DT  A "C2'" 1 
ATOM   806 C  "C1'" . DT  D 4 4  ? 4.837   -1.478  4.227   1.00 60.86  ? 4   DT  A "C1'" 1 
ATOM   807 N  N1    . DT  D 4 4  ? 3.752   -1.004  3.338   1.00 60.48  ? 4   DT  A N1    1 
ATOM   808 C  C2    . DT  D 4 4  ? 4.088   -0.302  2.205   1.00 67.05  ? 4   DT  A C2    1 
ATOM   809 O  O2    . DT  D 4 4  ? 5.239   -0.030  1.906   1.00 69.02  ? 4   DT  A O2    1 
ATOM   810 N  N3    . DT  D 4 4  ? 3.022   0.082   1.428   1.00 65.61  ? 4   DT  A N3    1 
ATOM   811 C  C4    . DT  D 4 4  ? 1.684   -0.164  1.669   1.00 65.11  ? 4   DT  A C4    1 
ATOM   812 O  O4    . DT  D 4 4  ? 0.794   0.226   0.912   1.00 64.05  ? 4   DT  A O4    1 
ATOM   813 C  C5    . DT  D 4 4  ? 1.403   -0.915  2.870   1.00 60.20  ? 4   DT  A C5    1 
ATOM   814 C  C7    . DT  D 4 4  ? -0.011  -1.245  3.227   1.00 55.76  ? 4   DT  A C7    1 
ATOM   815 C  C6    . DT  D 4 4  ? 2.439   -1.300  3.638   1.00 61.41  ? 4   DT  A C6    1 
ATOM   816 P  P     . DC  D 4 5  ? 7.551   -0.686  7.321   1.00 77.40  ? 5   DC  A P     1 
ATOM   817 O  OP1   . DC  D 4 5  ? 8.890   -1.180  7.726   1.00 66.48  ? 5   DC  A OP1   1 
ATOM   818 O  OP2   . DC  D 4 5  ? 6.508   -0.397  8.337   1.00 65.70  ? 5   DC  A OP2   1 
ATOM   819 O  "O5'" . DC  D 4 5  ? 7.776   0.610   6.422   1.00 65.29  ? 5   DC  A "O5'" 1 
ATOM   820 C  "C5'" . DC  D 4 5  ? 8.733   0.549   5.388   1.00 65.41  ? 5   DC  A "C5'" 1 
ATOM   821 C  "C4'" . DC  D 4 5  ? 8.648   1.761   4.486   1.00 62.26  ? 5   DC  A "C4'" 1 
ATOM   822 O  "O4'" . DC  D 4 5  ? 7.365   1.804   3.816   1.00 67.59  ? 5   DC  A "O4'" 1 
ATOM   823 C  "C3'" . DC  D 4 5  ? 8.800   3.098   5.183   1.00 56.71  ? 5   DC  A "C3'" 1 
ATOM   824 O  "O3'" . DC  D 4 5  ? 9.646   3.881   4.420   1.00 50.87  ? 5   DC  A "O3'" 1 
ATOM   825 C  "C2'" . DC  D 4 5  ? 7.371   3.659   5.200   1.00 63.27  ? 5   DC  A "C2'" 1 
ATOM   826 C  "C1'" . DC  D 4 5  ? 6.834   3.104   3.899   1.00 61.72  ? 5   DC  A "C1'" 1 
ATOM   827 N  N1    . DC  D 4 5  ? 5.350   2.964   3.821   1.00 61.48  ? 5   DC  A N1    1 
ATOM   828 C  C2    . DC  D 4 5  ? 4.645   3.536   2.741   1.00 60.84  ? 5   DC  A C2    1 
ATOM   829 O  O2    . DC  D 4 5  ? 5.262   4.201   1.891   1.00 56.97  ? 5   DC  A O2    1 
ATOM   830 N  N3    . DC  D 4 5  ? 3.301   3.355   2.666   1.00 57.82  ? 5   DC  A N3    1 
ATOM   831 C  C4    . DC  D 4 5  ? 2.676   2.625   3.593   1.00 60.94  ? 5   DC  A C4    1 
ATOM   832 N  N4    . DC  D 4 5  ? 1.353   2.468   3.478   1.00 63.16  ? 5   DC  A N4    1 
ATOM   833 C  C5    . DC  D 4 5  ? 3.376   2.024   4.682   1.00 63.15  ? 5   DC  A C5    1 
ATOM   834 C  C6    . DC  D 4 5  ? 4.701   2.209   4.751   1.00 59.47  ? 5   DC  A C6    1 
ATOM   835 P  P     . DA  D 4 6  ? 10.572  4.973   5.133   1.00 59.85  ? 6   DA  A P     1 
ATOM   836 O  OP1   . DA  D 4 6  ? 11.926  4.914   4.544   1.00 46.28  ? 6   DA  A OP1   1 
ATOM   837 O  OP2   . DA  D 4 6  ? 10.392  4.758   6.592   1.00 65.88  ? 6   DA  A OP2   1 
ATOM   838 O  "O5'" . DA  D 4 6  ? 9.892   6.346   4.691   1.00 55.68  ? 6   DA  A "O5'" 1 
ATOM   839 C  "C5'" . DA  D 4 6  ? 9.341   6.448   3.387   1.00 58.05  ? 6   DA  A "C5'" 1 
ATOM   840 C  "C4'" . DA  D 4 6  ? 8.407   7.631   3.287   1.00 59.33  ? 6   DA  A "C4'" 1 
ATOM   841 O  "O4'" . DA  D 4 6  ? 7.022   7.176   3.210   1.00 62.21  ? 6   DA  A "O4'" 1 
ATOM   842 C  "C3'" . DA  D 4 6  ? 8.431   8.560   4.487   1.00 59.31  ? 6   DA  A "C3'" 1 
ATOM   843 O  "O3'" . DA  D 4 6  ? 8.060   9.843   4.052   1.00 54.14  ? 6   DA  A "O3'" 1 
ATOM   844 C  "C2'" . DA  D 4 6  ? 7.327   7.968   5.329   1.00 58.17  ? 6   DA  A "C2'" 1 
ATOM   845 C  "C1'" . DA  D 4 6  ? 6.313   7.829   4.231   1.00 56.12  ? 6   DA  A "C1'" 1 
ATOM   846 N  N9    . DA  D 4 6  ? 5.140   7.076   4.608   1.00 56.67  ? 6   DA  A N9    1 
ATOM   847 C  C8    . DA  D 4 6  ? 4.971   6.314   5.728   1.00 58.32  ? 6   DA  A C8    1 
ATOM   848 N  N7    . DA  D 4 6  ? 3.784   5.765   5.819   1.00 55.93  ? 6   DA  A N7    1 
ATOM   849 C  C5    . DA  D 4 6  ? 3.128   6.224   4.689   1.00 58.06  ? 6   DA  A C5    1 
ATOM   850 C  C6    . DA  D 4 6  ? 1.828   6.011   4.197   1.00 62.73  ? 6   DA  A C6    1 
ATOM   851 N  N6    . DA  D 4 6  ? 0.927   5.241   4.818   1.00 65.85  ? 6   DA  A N6    1 
ATOM   852 N  N1    . DA  D 4 6  ? 1.489   6.620   3.037   1.00 61.51  ? 6   DA  A N1    1 
ATOM   853 C  C2    . DA  D 4 6  ? 2.404   7.377   2.417   1.00 60.29  ? 6   DA  A C2    1 
ATOM   854 N  N3    . DA  D 4 6  ? 3.654   7.653   2.787   1.00 56.19  ? 6   DA  A N3    1 
ATOM   855 C  C4    . DA  D 4 6  ? 3.950   7.040   3.942   1.00 57.31  ? 6   DA  A C4    1 
HETATM 856 AS AS    . CAC E 5 .  ? 2.312   -6.189  -10.925 1.00 155.07 ? 101 CAC A AS    1 
HETATM 857 AS AS    . CAC F 5 .  ? -4.047  -1.885  -2.183  1.00 214.75 ? 102 CAC A AS    1 
# 
loop_
_pdbx_poly_seq_scheme.asym_id 
_pdbx_poly_seq_scheme.entity_id 
_pdbx_poly_seq_scheme.seq_id 
_pdbx_poly_seq_scheme.mon_id 
_pdbx_poly_seq_scheme.ndb_seq_num 
_pdbx_poly_seq_scheme.pdb_seq_num 
_pdbx_poly_seq_scheme.auth_seq_num 
_pdbx_poly_seq_scheme.pdb_mon_id 
_pdbx_poly_seq_scheme.auth_mon_id 
_pdbx_poly_seq_scheme.pdb_strand_id 
_pdbx_poly_seq_scheme.pdb_ins_code 
_pdbx_poly_seq_scheme.hetero 
A 1 1  DG 1  7  7  DG DG B . n 
A 1 2  DA 2  8  8  DA DA B . n 
A 1 3  DA 3  9  9  DA DA B . n 
A 1 4  DC 4  10 10 DC DC B . n 
A 1 5  DG 5  11 11 DG DG B . n 
A 1 6  DA 6  12 12 DA DA B . n 
A 1 7  DC 7  13 13 DC DC B . n 
A 1 8  DA 8  14 14 DA DA B . n 
A 1 9  DT 9  15 15 DT DT B . n 
A 1 10 DT 10 16 16 DT DT B . n 
A 1 11 DG 11 17 17 DG DG B . n 
A 1 12 DA 12 18 18 DA DA B . n 
A 1 13 DC 13 19 19 DC DC B . n 
A 1 14 DG 14 20 20 DG DG B . n 
A 1 15 DA 15 21 21 DA DA B . n 
A 1 16 DC 16 22 22 DC DC B . n 
A 1 17 DG 17 23 23 DG DG B . n 
A 1 18 DA 18 24 24 DA DA B . n 
A 1 19 DC 19 25 25 DC DC B . n 
A 1 20 DT 20 26 26 DT DT B . n 
A 1 21 DC 21 27 27 DC DC B . n 
B 2 1  DT 1  28 28 DT DT C . n 
B 2 2  DC 2  29 29 DC DC C . n 
B 2 3  DG 3  30 30 DG DG C . n 
B 2 4  DA 4  31 31 DA DA C . n 
B 2 5  DG 5  32 32 DG DG C . n 
B 2 6  DT 6  33 33 DT DT C . n 
B 2 7  DC 7  34 34 DC DC C . n 
B 2 8  DG 8  35 35 DG DG C . n 
C 3 1  DA 1  36 36 DA DA D . n 
C 3 2  DT 2  37 37 DT DT D . n 
C 3 3  DG 3  38 38 DG DG D . n 
C 3 4  DT 4  39 39 DT DT D . n 
C 3 5  DC 5  40 40 DC DC D . n 
C 3 6  DG 6  41 41 DG DG D . n 
C 3 7  DT 7  42 42 DT DT D . n 
D 4 1  DT 1  1  1  DT DT A . n 
D 4 2  DC 2  2  2  DC DC A . n 
D 4 3  DG 3  3  3  DG DG A . n 
D 4 4  DT 4  4  4  DT DT A . n 
D 4 5  DC 5  5  5  DC DC A . n 
D 4 6  DA 6  6  6  DA DA A . n 
# 
loop_
_pdbx_nonpoly_scheme.asym_id 
_pdbx_nonpoly_scheme.entity_id 
_pdbx_nonpoly_scheme.mon_id 
_pdbx_nonpoly_scheme.ndb_seq_num 
_pdbx_nonpoly_scheme.pdb_seq_num 
_pdbx_nonpoly_scheme.auth_seq_num 
_pdbx_nonpoly_scheme.pdb_mon_id 
_pdbx_nonpoly_scheme.auth_mon_id 
_pdbx_nonpoly_scheme.pdb_strand_id 
_pdbx_nonpoly_scheme.pdb_ins_code 
E 5 CAC 1 101 1 CAC AS A . 
F 5 CAC 1 102 2 CAC AS A . 
# 
_pdbx_struct_assembly.id                   1 
_pdbx_struct_assembly.details              author_and_software_defined_assembly 
_pdbx_struct_assembly.method_details       PISA 
_pdbx_struct_assembly.oligomeric_details   tetrameric 
_pdbx_struct_assembly.oligomeric_count     4 
# 
_pdbx_struct_assembly_gen.assembly_id       1 
_pdbx_struct_assembly_gen.oper_expression   1 
_pdbx_struct_assembly_gen.asym_id_list      A,B,C,D,E,F 
# 
loop_
_pdbx_struct_assembly_prop.biol_id 
_pdbx_struct_assembly_prop.type 
_pdbx_struct_assembly_prop.value 
_pdbx_struct_assembly_prop.details 
1 'ABSA (A^2)' 2500 ? 
1 MORE         -10  ? 
1 'SSA (A^2)'  7780 ? 
# 
_pdbx_struct_oper_list.id                   1 
_pdbx_struct_oper_list.type                 'identity operation' 
_pdbx_struct_oper_list.name                 1_555 
_pdbx_struct_oper_list.symmetry_operation   x,y,z 
_pdbx_struct_oper_list.matrix[1][1]         1.0000000000 
_pdbx_struct_oper_list.matrix[1][2]         0.0000000000 
_pdbx_struct_oper_list.matrix[1][3]         0.0000000000 
_pdbx_struct_oper_list.vector[1]            0.0000000000 
_pdbx_struct_oper_list.matrix[2][1]         0.0000000000 
_pdbx_struct_oper_list.matrix[2][2]         1.0000000000 
_pdbx_struct_oper_list.matrix[2][3]         0.0000000000 
_pdbx_struct_oper_list.vector[2]            0.0000000000 
_pdbx_struct_oper_list.matrix[3][1]         0.0000000000 
_pdbx_struct_oper_list.matrix[3][2]         0.0000000000 
_pdbx_struct_oper_list.matrix[3][3]         1.0000000000 
_pdbx_struct_oper_list.vector[3]            0.0000000000 
# 
loop_
_pdbx_audit_revision_history.ordinal 
_pdbx_audit_revision_history.data_content_type 
_pdbx_audit_revision_history.major_revision 
_pdbx_audit_revision_history.minor_revision 
_pdbx_audit_revision_history.revision_date 
1 'Structure model' 1 0 2021-07-14 
2 'Structure model' 1 1 2022-07-06 
3 'Structure model' 1 2 2023-10-18 
# 
_pdbx_audit_revision_details.ordinal             1 
_pdbx_audit_revision_details.revision_ordinal    1 
_pdbx_audit_revision_details.data_content_type   'Structure model' 
_pdbx_audit_revision_details.provider            repository 
_pdbx_audit_revision_details.type                'Initial release' 
_pdbx_audit_revision_details.description         ? 
_pdbx_audit_revision_details.details             ? 
# 
loop_
_pdbx_audit_revision_group.ordinal 
_pdbx_audit_revision_group.revision_ordinal 
_pdbx_audit_revision_group.data_content_type 
_pdbx_audit_revision_group.group 
1 2 'Structure model' 'Database references'    
2 3 'Structure model' 'Data collection'        
3 3 'Structure model' 'Refinement description' 
# 
loop_
_pdbx_audit_revision_category.ordinal 
_pdbx_audit_revision_category.revision_ordinal 
_pdbx_audit_revision_category.data_content_type 
_pdbx_audit_revision_category.category 
1 2 'Structure model' citation                      
2 2 'Structure model' citation_author               
3 2 'Structure model' database_2                    
4 3 'Structure model' chem_comp_atom                
5 3 'Structure model' chem_comp_bond                
6 3 'Structure model' pdbx_initial_refinement_model 
# 
loop_
_pdbx_audit_revision_item.ordinal 
_pdbx_audit_revision_item.revision_ordinal 
_pdbx_audit_revision_item.data_content_type 
_pdbx_audit_revision_item.item 
1  2 'Structure model' '_citation.country'                   
2  2 'Structure model' '_citation.journal_abbrev'            
3  2 'Structure model' '_citation.journal_id_CSD'            
4  2 'Structure model' '_citation.journal_id_ISSN'           
5  2 'Structure model' '_citation.journal_volume'            
6  2 'Structure model' '_citation.page_first'                
7  2 'Structure model' '_citation.page_last'                 
8  2 'Structure model' '_citation.pdbx_database_id_DOI'      
9  2 'Structure model' '_citation.pdbx_database_id_PubMed'   
10 2 'Structure model' '_citation.title'                     
11 2 'Structure model' '_citation.year'                      
12 2 'Structure model' '_database_2.pdbx_DOI'                
13 2 'Structure model' '_database_2.pdbx_database_accession' 
# 
loop_
_software.citation_id 
_software.classification 
_software.compiler_name 
_software.compiler_version 
_software.contact_author 
_software.contact_author_email 
_software.date 
_software.description 
_software.dependencies 
_software.hardware 
_software.language 
_software.location 
_software.mods 
_software.name 
_software.os 
_software.os_version 
_software.type 
_software.version 
_software.pdbx_ordinal 
? refinement        ? ? ? ? ? ? ? ? ? ? ? PHENIX      ? ? ? 1.11.1_2575 1 
? 'data reduction'  ? ? ? ? ? ? ? ? ? ? ? HKL-2000    ? ? ? .           2 
? 'data scaling'    ? ? ? ? ? ? ? ? ? ? ? HKL-2000    ? ? ? .           3 
? 'data extraction' ? ? ? ? ? ? ? ? ? ? ? PDB_EXTRACT ? ? ? 3.25        4 
? phasing           ? ? ? ? ? ? ? ? ? ? ? PHASER      ? ? ? .           5 
# 
_pdbx_entry_details.entry_id                 7JNJ 
_pdbx_entry_details.nonpolymer_details       ? 
_pdbx_entry_details.sequence_details         ? 
_pdbx_entry_details.compound_details         ? 
_pdbx_entry_details.source_details           ? 
_pdbx_entry_details.has_ligand_of_interest   N 
# 
_pdbx_validate_rmsd_bond.id                        1 
_pdbx_validate_rmsd_bond.PDB_model_num             1 
_pdbx_validate_rmsd_bond.auth_atom_id_1            "O3'" 
_pdbx_validate_rmsd_bond.auth_asym_id_1            A 
_pdbx_validate_rmsd_bond.auth_comp_id_1            DC 
_pdbx_validate_rmsd_bond.auth_seq_id_1             5 
_pdbx_validate_rmsd_bond.PDB_ins_code_1            ? 
_pdbx_validate_rmsd_bond.label_alt_id_1            ? 
_pdbx_validate_rmsd_bond.auth_atom_id_2            "C3'" 
_pdbx_validate_rmsd_bond.auth_asym_id_2            A 
_pdbx_validate_rmsd_bond.auth_comp_id_2            DC 
_pdbx_validate_rmsd_bond.auth_seq_id_2             5 
_pdbx_validate_rmsd_bond.PDB_ins_code_2            ? 
_pdbx_validate_rmsd_bond.label_alt_id_2            ? 
_pdbx_validate_rmsd_bond.bond_value                1.382 
_pdbx_validate_rmsd_bond.bond_target_value         1.419 
_pdbx_validate_rmsd_bond.bond_deviation            -0.037 
_pdbx_validate_rmsd_bond.bond_standard_deviation   0.006 
_pdbx_validate_rmsd_bond.linker_flag               N 
# 
loop_
_pdbx_validate_rmsd_angle.id 
_pdbx_validate_rmsd_angle.PDB_model_num 
_pdbx_validate_rmsd_angle.auth_atom_id_1 
_pdbx_validate_rmsd_angle.auth_asym_id_1 
_pdbx_validate_rmsd_angle.auth_comp_id_1 
_pdbx_validate_rmsd_angle.auth_seq_id_1 
_pdbx_validate_rmsd_angle.PDB_ins_code_1 
_pdbx_validate_rmsd_angle.label_alt_id_1 
_pdbx_validate_rmsd_angle.auth_atom_id_2 
_pdbx_validate_rmsd_angle.auth_asym_id_2 
_pdbx_validate_rmsd_angle.auth_comp_id_2 
_pdbx_validate_rmsd_angle.auth_seq_id_2 
_pdbx_validate_rmsd_angle.PDB_ins_code_2 
_pdbx_validate_rmsd_angle.label_alt_id_2 
_pdbx_validate_rmsd_angle.auth_atom_id_3 
_pdbx_validate_rmsd_angle.auth_asym_id_3 
_pdbx_validate_rmsd_angle.auth_comp_id_3 
_pdbx_validate_rmsd_angle.auth_seq_id_3 
_pdbx_validate_rmsd_angle.PDB_ins_code_3 
_pdbx_validate_rmsd_angle.label_alt_id_3 
_pdbx_validate_rmsd_angle.angle_value 
_pdbx_validate_rmsd_angle.angle_target_value 
_pdbx_validate_rmsd_angle.angle_deviation 
_pdbx_validate_rmsd_angle.angle_standard_deviation 
_pdbx_validate_rmsd_angle.linker_flag 
1 1 "C3'" A DA 6 ? ? "C2'" A DA 6 ? ? "C1'" A DA 6 ? ? 97.07  102.40 -5.33 0.80 N 
2 1 "O4'" A DA 6 ? ? "C1'" A DA 6 ? ? N9    A DA 6 ? ? 110.95 108.30 2.65  0.30 N 
# 
loop_
_pdbx_unobs_or_zero_occ_atoms.id 
_pdbx_unobs_or_zero_occ_atoms.PDB_model_num 
_pdbx_unobs_or_zero_occ_atoms.polymer_flag 
_pdbx_unobs_or_zero_occ_atoms.occupancy_flag 
_pdbx_unobs_or_zero_occ_atoms.auth_asym_id 
_pdbx_unobs_or_zero_occ_atoms.auth_comp_id 
_pdbx_unobs_or_zero_occ_atoms.auth_seq_id 
_pdbx_unobs_or_zero_occ_atoms.PDB_ins_code 
_pdbx_unobs_or_zero_occ_atoms.auth_atom_id 
_pdbx_unobs_or_zero_occ_atoms.label_alt_id 
_pdbx_unobs_or_zero_occ_atoms.label_asym_id 
_pdbx_unobs_or_zero_occ_atoms.label_comp_id 
_pdbx_unobs_or_zero_occ_atoms.label_seq_id 
_pdbx_unobs_or_zero_occ_atoms.label_atom_id 
1 1 N 1 A CAC 101 ? O1 ? E CAC 1 O1 
2 1 N 1 A CAC 101 ? O2 ? E CAC 1 O2 
3 1 N 1 A CAC 101 ? C1 ? E CAC 1 C1 
4 1 N 1 A CAC 101 ? C2 ? E CAC 1 C2 
5 1 N 1 A CAC 102 ? O1 ? F CAC 1 O1 
6 1 N 1 A CAC 102 ? O2 ? F CAC 1 O2 
7 1 N 1 A CAC 102 ? C1 ? F CAC 1 C1 
8 1 N 1 A CAC 102 ? C2 ? F CAC 1 C2 
# 
loop_
_chem_comp_atom.comp_id 
_chem_comp_atom.atom_id 
_chem_comp_atom.type_symbol 
_chem_comp_atom.pdbx_aromatic_flag 
_chem_comp_atom.pdbx_stereo_config 
_chem_comp_atom.pdbx_ordinal 
CAC AS     AS N N 1   
CAC O1     O  N N 2   
CAC O2     O  N N 3   
CAC C1     C  N N 4   
CAC C2     C  N N 5   
CAC H11    H  N N 6   
CAC H12    H  N N 7   
CAC H13    H  N N 8   
CAC H21    H  N N 9   
CAC H22    H  N N 10  
CAC H23    H  N N 11  
DA  OP3    O  N N 12  
DA  P      P  N N 13  
DA  OP1    O  N N 14  
DA  OP2    O  N N 15  
DA  "O5'"  O  N N 16  
DA  "C5'"  C  N N 17  
DA  "C4'"  C  N R 18  
DA  "O4'"  O  N N 19  
DA  "C3'"  C  N S 20  
DA  "O3'"  O  N N 21  
DA  "C2'"  C  N N 22  
DA  "C1'"  C  N R 23  
DA  N9     N  Y N 24  
DA  C8     C  Y N 25  
DA  N7     N  Y N 26  
DA  C5     C  Y N 27  
DA  C6     C  Y N 28  
DA  N6     N  N N 29  
DA  N1     N  Y N 30  
DA  C2     C  Y N 31  
DA  N3     N  Y N 32  
DA  C4     C  Y N 33  
DA  HOP3   H  N N 34  
DA  HOP2   H  N N 35  
DA  "H5'"  H  N N 36  
DA  "H5''" H  N N 37  
DA  "H4'"  H  N N 38  
DA  "H3'"  H  N N 39  
DA  "HO3'" H  N N 40  
DA  "H2'"  H  N N 41  
DA  "H2''" H  N N 42  
DA  "H1'"  H  N N 43  
DA  H8     H  N N 44  
DA  H61    H  N N 45  
DA  H62    H  N N 46  
DA  H2     H  N N 47  
DC  OP3    O  N N 48  
DC  P      P  N N 49  
DC  OP1    O  N N 50  
DC  OP2    O  N N 51  
DC  "O5'"  O  N N 52  
DC  "C5'"  C  N N 53  
DC  "C4'"  C  N R 54  
DC  "O4'"  O  N N 55  
DC  "C3'"  C  N S 56  
DC  "O3'"  O  N N 57  
DC  "C2'"  C  N N 58  
DC  "C1'"  C  N R 59  
DC  N1     N  N N 60  
DC  C2     C  N N 61  
DC  O2     O  N N 62  
DC  N3     N  N N 63  
DC  C4     C  N N 64  
DC  N4     N  N N 65  
DC  C5     C  N N 66  
DC  C6     C  N N 67  
DC  HOP3   H  N N 68  
DC  HOP2   H  N N 69  
DC  "H5'"  H  N N 70  
DC  "H5''" H  N N 71  
DC  "H4'"  H  N N 72  
DC  "H3'"  H  N N 73  
DC  "HO3'" H  N N 74  
DC  "H2'"  H  N N 75  
DC  "H2''" H  N N 76  
DC  "H1'"  H  N N 77  
DC  H41    H  N N 78  
DC  H42    H  N N 79  
DC  H5     H  N N 80  
DC  H6     H  N N 81  
DG  OP3    O  N N 82  
DG  P      P  N N 83  
DG  OP1    O  N N 84  
DG  OP2    O  N N 85  
DG  "O5'"  O  N N 86  
DG  "C5'"  C  N N 87  
DG  "C4'"  C  N R 88  
DG  "O4'"  O  N N 89  
DG  "C3'"  C  N S 90  
DG  "O3'"  O  N N 91  
DG  "C2'"  C  N N 92  
DG  "C1'"  C  N R 93  
DG  N9     N  Y N 94  
DG  C8     C  Y N 95  
DG  N7     N  Y N 96  
DG  C5     C  Y N 97  
DG  C6     C  N N 98  
DG  O6     O  N N 99  
DG  N1     N  N N 100 
DG  C2     C  N N 101 
DG  N2     N  N N 102 
DG  N3     N  N N 103 
DG  C4     C  Y N 104 
DG  HOP3   H  N N 105 
DG  HOP2   H  N N 106 
DG  "H5'"  H  N N 107 
DG  "H5''" H  N N 108 
DG  "H4'"  H  N N 109 
DG  "H3'"  H  N N 110 
DG  "HO3'" H  N N 111 
DG  "H2'"  H  N N 112 
DG  "H2''" H  N N 113 
DG  "H1'"  H  N N 114 
DG  H8     H  N N 115 
DG  H1     H  N N 116 
DG  H21    H  N N 117 
DG  H22    H  N N 118 
DT  OP3    O  N N 119 
DT  P      P  N N 120 
DT  OP1    O  N N 121 
DT  OP2    O  N N 122 
DT  "O5'"  O  N N 123 
DT  "C5'"  C  N N 124 
DT  "C4'"  C  N R 125 
DT  "O4'"  O  N N 126 
DT  "C3'"  C  N S 127 
DT  "O3'"  O  N N 128 
DT  "C2'"  C  N N 129 
DT  "C1'"  C  N R 130 
DT  N1     N  N N 131 
DT  C2     C  N N 132 
DT  O2     O  N N 133 
DT  N3     N  N N 134 
DT  C4     C  N N 135 
DT  O4     O  N N 136 
DT  C5     C  N N 137 
DT  C7     C  N N 138 
DT  C6     C  N N 139 
DT  HOP3   H  N N 140 
DT  HOP2   H  N N 141 
DT  "H5'"  H  N N 142 
DT  "H5''" H  N N 143 
DT  "H4'"  H  N N 144 
DT  "H3'"  H  N N 145 
DT  "HO3'" H  N N 146 
DT  "H2'"  H  N N 147 
DT  "H2''" H  N N 148 
DT  "H1'"  H  N N 149 
DT  H3     H  N N 150 
DT  H71    H  N N 151 
DT  H72    H  N N 152 
DT  H73    H  N N 153 
DT  H6     H  N N 154 
# 
loop_
_chem_comp_bond.comp_id 
_chem_comp_bond.atom_id_1 
_chem_comp_bond.atom_id_2 
_chem_comp_bond.value_order 
_chem_comp_bond.pdbx_aromatic_flag 
_chem_comp_bond.pdbx_stereo_config 
_chem_comp_bond.pdbx_ordinal 
CAC AS    O1     doub N N 1   
CAC AS    O2     sing N N 2   
CAC AS    C1     sing N N 3   
CAC AS    C2     sing N N 4   
CAC C1    H11    sing N N 5   
CAC C1    H12    sing N N 6   
CAC C1    H13    sing N N 7   
CAC C2    H21    sing N N 8   
CAC C2    H22    sing N N 9   
CAC C2    H23    sing N N 10  
DA  OP3   P      sing N N 11  
DA  OP3   HOP3   sing N N 12  
DA  P     OP1    doub N N 13  
DA  P     OP2    sing N N 14  
DA  P     "O5'"  sing N N 15  
DA  OP2   HOP2   sing N N 16  
DA  "O5'" "C5'"  sing N N 17  
DA  "C5'" "C4'"  sing N N 18  
DA  "C5'" "H5'"  sing N N 19  
DA  "C5'" "H5''" sing N N 20  
DA  "C4'" "O4'"  sing N N 21  
DA  "C4'" "C3'"  sing N N 22  
DA  "C4'" "H4'"  sing N N 23  
DA  "O4'" "C1'"  sing N N 24  
DA  "C3'" "O3'"  sing N N 25  
DA  "C3'" "C2'"  sing N N 26  
DA  "C3'" "H3'"  sing N N 27  
DA  "O3'" "HO3'" sing N N 28  
DA  "C2'" "C1'"  sing N N 29  
DA  "C2'" "H2'"  sing N N 30  
DA  "C2'" "H2''" sing N N 31  
DA  "C1'" N9     sing N N 32  
DA  "C1'" "H1'"  sing N N 33  
DA  N9    C8     sing Y N 34  
DA  N9    C4     sing Y N 35  
DA  C8    N7     doub Y N 36  
DA  C8    H8     sing N N 37  
DA  N7    C5     sing Y N 38  
DA  C5    C6     sing Y N 39  
DA  C5    C4     doub Y N 40  
DA  C6    N6     sing N N 41  
DA  C6    N1     doub Y N 42  
DA  N6    H61    sing N N 43  
DA  N6    H62    sing N N 44  
DA  N1    C2     sing Y N 45  
DA  C2    N3     doub Y N 46  
DA  C2    H2     sing N N 47  
DA  N3    C4     sing Y N 48  
DC  OP3   P      sing N N 49  
DC  OP3   HOP3   sing N N 50  
DC  P     OP1    doub N N 51  
DC  P     OP2    sing N N 52  
DC  P     "O5'"  sing N N 53  
DC  OP2   HOP2   sing N N 54  
DC  "O5'" "C5'"  sing N N 55  
DC  "C5'" "C4'"  sing N N 56  
DC  "C5'" "H5'"  sing N N 57  
DC  "C5'" "H5''" sing N N 58  
DC  "C4'" "O4'"  sing N N 59  
DC  "C4'" "C3'"  sing N N 60  
DC  "C4'" "H4'"  sing N N 61  
DC  "O4'" "C1'"  sing N N 62  
DC  "C3'" "O3'"  sing N N 63  
DC  "C3'" "C2'"  sing N N 64  
DC  "C3'" "H3'"  sing N N 65  
DC  "O3'" "HO3'" sing N N 66  
DC  "C2'" "C1'"  sing N N 67  
DC  "C2'" "H2'"  sing N N 68  
DC  "C2'" "H2''" sing N N 69  
DC  "C1'" N1     sing N N 70  
DC  "C1'" "H1'"  sing N N 71  
DC  N1    C2     sing N N 72  
DC  N1    C6     sing N N 73  
DC  C2    O2     doub N N 74  
DC  C2    N3     sing N N 75  
DC  N3    C4     doub N N 76  
DC  C4    N4     sing N N 77  
DC  C4    C5     sing N N 78  
DC  N4    H41    sing N N 79  
DC  N4    H42    sing N N 80  
DC  C5    C6     doub N N 81  
DC  C5    H5     sing N N 82  
DC  C6    H6     sing N N 83  
DG  OP3   P      sing N N 84  
DG  OP3   HOP3   sing N N 85  
DG  P     OP1    doub N N 86  
DG  P     OP2    sing N N 87  
DG  P     "O5'"  sing N N 88  
DG  OP2   HOP2   sing N N 89  
DG  "O5'" "C5'"  sing N N 90  
DG  "C5'" "C4'"  sing N N 91  
DG  "C5'" "H5'"  sing N N 92  
DG  "C5'" "H5''" sing N N 93  
DG  "C4'" "O4'"  sing N N 94  
DG  "C4'" "C3'"  sing N N 95  
DG  "C4'" "H4'"  sing N N 96  
DG  "O4'" "C1'"  sing N N 97  
DG  "C3'" "O3'"  sing N N 98  
DG  "C3'" "C2'"  sing N N 99  
DG  "C3'" "H3'"  sing N N 100 
DG  "O3'" "HO3'" sing N N 101 
DG  "C2'" "C1'"  sing N N 102 
DG  "C2'" "H2'"  sing N N 103 
DG  "C2'" "H2''" sing N N 104 
DG  "C1'" N9     sing N N 105 
DG  "C1'" "H1'"  sing N N 106 
DG  N9    C8     sing Y N 107 
DG  N9    C4     sing Y N 108 
DG  C8    N7     doub Y N 109 
DG  C8    H8     sing N N 110 
DG  N7    C5     sing Y N 111 
DG  C5    C6     sing N N 112 
DG  C5    C4     doub Y N 113 
DG  C6    O6     doub N N 114 
DG  C6    N1     sing N N 115 
DG  N1    C2     sing N N 116 
DG  N1    H1     sing N N 117 
DG  C2    N2     sing N N 118 
DG  C2    N3     doub N N 119 
DG  N2    H21    sing N N 120 
DG  N2    H22    sing N N 121 
DG  N3    C4     sing N N 122 
DT  OP3   P      sing N N 123 
DT  OP3   HOP3   sing N N 124 
DT  P     OP1    doub N N 125 
DT  P     OP2    sing N N 126 
DT  P     "O5'"  sing N N 127 
DT  OP2   HOP2   sing N N 128 
DT  "O5'" "C5'"  sing N N 129 
DT  "C5'" "C4'"  sing N N 130 
DT  "C5'" "H5'"  sing N N 131 
DT  "C5'" "H5''" sing N N 132 
DT  "C4'" "O4'"  sing N N 133 
DT  "C4'" "C3'"  sing N N 134 
DT  "C4'" "H4'"  sing N N 135 
DT  "O4'" "C1'"  sing N N 136 
DT  "C3'" "O3'"  sing N N 137 
DT  "C3'" "C2'"  sing N N 138 
DT  "C3'" "H3'"  sing N N 139 
DT  "O3'" "HO3'" sing N N 140 
DT  "C2'" "C1'"  sing N N 141 
DT  "C2'" "H2'"  sing N N 142 
DT  "C2'" "H2''" sing N N 143 
DT  "C1'" N1     sing N N 144 
DT  "C1'" "H1'"  sing N N 145 
DT  N1    C2     sing N N 146 
DT  N1    C6     sing N N 147 
DT  C2    O2     doub N N 148 
DT  C2    N3     sing N N 149 
DT  N3    C4     sing N N 150 
DT  N3    H3     sing N N 151 
DT  C4    O4     doub N N 152 
DT  C4    C5     sing N N 153 
DT  C5    C7     sing N N 154 
DT  C5    C6     doub N N 155 
DT  C7    H71    sing N N 156 
DT  C7    H72    sing N N 157 
DT  C7    H73    sing N N 158 
DT  C6    H6     sing N N 159 
# 
loop_
_ndb_struct_conf_na.entry_id 
_ndb_struct_conf_na.feature 
7JNJ 'double helix'        
7JNJ 'a-form double helix' 
7JNJ 'b-form double helix' 
# 
loop_
_ndb_struct_na_base_pair.model_number 
_ndb_struct_na_base_pair.i_label_asym_id 
_ndb_struct_na_base_pair.i_label_comp_id 
_ndb_struct_na_base_pair.i_label_seq_id 
_ndb_struct_na_base_pair.i_symmetry 
_ndb_struct_na_base_pair.j_label_asym_id 
_ndb_struct_na_base_pair.j_label_comp_id 
_ndb_struct_na_base_pair.j_label_seq_id 
_ndb_struct_na_base_pair.j_symmetry 
_ndb_struct_na_base_pair.shear 
_ndb_struct_na_base_pair.stretch 
_ndb_struct_na_base_pair.stagger 
_ndb_struct_na_base_pair.buckle 
_ndb_struct_na_base_pair.propeller 
_ndb_struct_na_base_pair.opening 
_ndb_struct_na_base_pair.pair_number 
_ndb_struct_na_base_pair.pair_name 
_ndb_struct_na_base_pair.i_auth_asym_id 
_ndb_struct_na_base_pair.i_auth_seq_id 
_ndb_struct_na_base_pair.i_PDB_ins_code 
_ndb_struct_na_base_pair.j_auth_asym_id 
_ndb_struct_na_base_pair.j_auth_seq_id 
_ndb_struct_na_base_pair.j_PDB_ins_code 
_ndb_struct_na_base_pair.hbond_type_28 
_ndb_struct_na_base_pair.hbond_type_12 
1 A DA 3  1_555 C DT 7 1_555 -0.520 -0.242 0.266  1.479  -2.454  2.501   1  B_DA9:DT42_D  B 9  ? D 42 ? 20 1 
1 A DC 4  1_555 C DG 6 1_555 -0.914 0.307  0.327  0.193  -6.115  4.015   2  B_DC10:DG41_D B 10 ? D 41 ? 19 1 
1 A DG 5  1_555 C DC 5 1_555 0.373  -0.019 0.405  2.724  -6.912  -0.271  3  B_DG11:DC40_D B 11 ? D 40 ? 19 1 
1 A DA 6  1_555 C DT 4 1_555 0.395  -0.390 0.269  2.881  -4.915  -5.890  4  B_DA12:DT39_D B 12 ? D 39 ? 20 1 
1 A DC 7  1_555 C DG 3 1_555 0.740  -0.493 0.179  3.134  -3.364  -2.441  5  B_DC13:DG38_D B 13 ? D 38 ? 19 1 
1 A DA 8  1_555 C DT 2 1_555 0.087  -0.350 0.440  2.412  -9.629  1.437   6  B_DA14:DT37_D B 14 ? D 37 ? 20 1 
1 A DT 9  1_555 C DA 1 1_555 -0.450 -0.237 1.050  -9.778 -20.593 -12.913 7  B_DT15:DA36_D B 15 ? D 36 ? 20 1 
1 A DT 10 1_555 D DA 6 1_555 -0.885 -0.175 0.348  -5.382 -5.066  -8.263  8  B_DT16:DA6_A  B 16 ? A 6  ? 20 1 
1 A DG 11 1_555 D DC 5 1_555 -0.080 -0.378 0.329  7.976  3.382   1.088   9  B_DG17:DC5_A  B 17 ? A 5  ? 19 1 
1 A DA 12 1_555 D DT 4 1_555 0.433  0.024  0.296  3.049  -4.199  -6.702  10 B_DA18:DT4_A  B 18 ? A 4  ? 20 1 
1 A DC 13 1_555 D DG 3 1_555 0.187  -0.384 -0.043 -0.890 -3.543  -5.422  11 B_DC19:DG3_A  B 19 ? A 3  ? 19 1 
1 A DG 14 1_555 D DC 2 1_555 -0.068 -0.353 0.580  7.878  -11.567 -2.643  12 B_DG20:DC2_A  B 20 ? A 2  ? 19 1 
1 A DA 15 1_555 D DT 1 1_555 0.083  -0.049 0.855  3.751  -14.804 -10.197 13 B_DA21:DT1_A  B 21 ? A 1  ? 20 1 
1 A DC 16 1_555 B DG 8 1_555 -0.446 -0.072 0.611  -0.564 -9.703  1.250   14 B_DC22:DG35_C B 22 ? C 35 ? 19 1 
1 A DG 17 1_555 B DC 7 1_555 0.880  -0.141 0.777  4.881  -6.874  -1.247  15 B_DG23:DC34_C B 23 ? C 34 ? 19 1 
1 A DA 18 1_555 B DT 6 1_555 0.984  -0.351 0.509  -3.489 -8.040  -9.299  16 B_DA24:DT33_C B 24 ? C 33 ? 20 1 
1 A DC 19 1_555 B DG 5 1_555 0.225  -0.202 0.772  -3.165 -6.335  7.891   17 B_DC25:DG32_C B 25 ? C 32 ? 19 1 
1 A DT 20 1_555 B DA 4 1_555 -1.235 -0.015 0.008  2.752  -6.626  -5.987  18 B_DT26:DA31_C B 26 ? C 31 ? 20 1 
1 A DC 21 1_555 B DG 3 1_555 0.911  -0.126 -0.065 2.884  -10.132 3.114   19 B_DC27:DG30_C B 27 ? C 30 ? 19 1 
# 
loop_
_ndb_struct_na_base_pair_step.model_number 
_ndb_struct_na_base_pair_step.i_label_asym_id_1 
_ndb_struct_na_base_pair_step.i_label_comp_id_1 
_ndb_struct_na_base_pair_step.i_label_seq_id_1 
_ndb_struct_na_base_pair_step.i_symmetry_1 
_ndb_struct_na_base_pair_step.j_label_asym_id_1 
_ndb_struct_na_base_pair_step.j_label_comp_id_1 
_ndb_struct_na_base_pair_step.j_label_seq_id_1 
_ndb_struct_na_base_pair_step.j_symmetry_1 
_ndb_struct_na_base_pair_step.i_label_asym_id_2 
_ndb_struct_na_base_pair_step.i_label_comp_id_2 
_ndb_struct_na_base_pair_step.i_label_seq_id_2 
_ndb_struct_na_base_pair_step.i_symmetry_2 
_ndb_struct_na_base_pair_step.j_label_asym_id_2 
_ndb_struct_na_base_pair_step.j_label_comp_id_2 
_ndb_struct_na_base_pair_step.j_label_seq_id_2 
_ndb_struct_na_base_pair_step.j_symmetry_2 
_ndb_struct_na_base_pair_step.shift 
_ndb_struct_na_base_pair_step.slide 
_ndb_struct_na_base_pair_step.rise 
_ndb_struct_na_base_pair_step.tilt 
_ndb_struct_na_base_pair_step.roll 
_ndb_struct_na_base_pair_step.twist 
_ndb_struct_na_base_pair_step.x_displacement 
_ndb_struct_na_base_pair_step.y_displacement 
_ndb_struct_na_base_pair_step.helical_rise 
_ndb_struct_na_base_pair_step.inclination 
_ndb_struct_na_base_pair_step.tip 
_ndb_struct_na_base_pair_step.helical_twist 
_ndb_struct_na_base_pair_step.step_number 
_ndb_struct_na_base_pair_step.step_name 
_ndb_struct_na_base_pair_step.i_auth_asym_id_1 
_ndb_struct_na_base_pair_step.i_auth_seq_id_1 
_ndb_struct_na_base_pair_step.i_PDB_ins_code_1 
_ndb_struct_na_base_pair_step.j_auth_asym_id_1 
_ndb_struct_na_base_pair_step.j_auth_seq_id_1 
_ndb_struct_na_base_pair_step.j_PDB_ins_code_1 
_ndb_struct_na_base_pair_step.i_auth_asym_id_2 
_ndb_struct_na_base_pair_step.i_auth_seq_id_2 
_ndb_struct_na_base_pair_step.i_PDB_ins_code_2 
_ndb_struct_na_base_pair_step.j_auth_asym_id_2 
_ndb_struct_na_base_pair_step.j_auth_seq_id_2 
_ndb_struct_na_base_pair_step.j_PDB_ins_code_2 
1 A DA 3  1_555 C DT 7 1_555 A DC 4  1_555 C DG 6 1_555 0.035  -0.531 3.354 -1.430 0.295  34.052 -0.953 -0.292 3.346 0.504   2.440 
34.082 1  BB_DA9DC10:DG41DT42_DD  B 9  ? D 42 ? B 10 ? D 41 ? 
1 A DC 4  1_555 C DG 6 1_555 A DG 5  1_555 C DC 5 1_555 0.137  0.282  3.319 0.780  2.631  41.284 0.113  -0.108 3.332 3.727   
-1.105  41.371 2  BB_DC10DG11:DC40DG41_DD B 10 ? D 41 ? B 11 ? D 40 ? 
1 A DG 5  1_555 C DC 5 1_555 A DA 6  1_555 C DT 4 1_555 -0.410 -0.199 3.301 -0.380 2.865  35.343 -0.750 0.617  3.280 4.709   0.625 
35.457 3  BB_DG11DA12:DT39DC40_DD B 11 ? D 40 ? B 12 ? D 39 ? 
1 A DA 6  1_555 C DT 4 1_555 A DC 7  1_555 C DG 3 1_555 0.380  -0.791 3.278 -0.857 -0.378 33.471 -1.310 -0.802 3.276 -0.656  1.487 
33.484 4  BB_DA12DC13:DG38DT39_DD B 12 ? D 39 ? B 13 ? D 38 ? 
1 A DC 7  1_555 C DG 3 1_555 A DA 8  1_555 C DT 2 1_555 0.336  -1.089 3.172 1.068  -7.917 34.310 -0.611 -0.395 3.342 -13.199 
-1.780  35.200 5  BB_DC13DA14:DT37DG38_DD B 13 ? D 38 ? B 14 ? D 37 ? 
1 A DA 8  1_555 C DT 2 1_555 A DT 9  1_555 C DA 1 1_555 -0.273 -0.876 3.651 -6.241 -6.081 33.573 -0.397 -0.643 3.737 -10.313 
10.585  34.654 6  BB_DA14DT15:DA36DT37_DD B 14 ? D 37 ? B 15 ? D 36 ? 
1 A DT 9  1_555 C DA 1 1_555 A DT 10 1_555 D DA 6 1_555 -0.632 -1.209 2.846 3.851  -0.147 31.060 -2.217 1.797  2.756 -0.272  
-7.157  31.292 7  BB_DT15DT16:DA6DA36_AD  B 15 ? D 36 ? B 16 ? A 6  ? 
1 A DT 10 1_555 D DA 6 1_555 A DG 11 1_555 D DC 5 1_555 0.005  0.014  3.070 -2.290 9.582  31.903 -1.474 -0.367 2.944 16.935  4.048 
33.352 8  BB_DT16DG17:DC5DA6_AA   B 16 ? A 6  ? B 17 ? A 5  ? 
1 A DG 11 1_555 D DC 5 1_555 A DA 12 1_555 D DT 4 1_555 -0.728 0.240  3.390 -1.101 3.544  40.835 -0.060 0.915  3.416 5.067   1.574 
40.997 9  BB_DG17DA18:DT4DC5_AA   B 17 ? A 5  ? B 18 ? A 4  ? 
1 A DA 12 1_555 D DT 4 1_555 A DC 13 1_555 D DG 3 1_555 0.339  -1.172 3.428 2.030  0.627  31.107 -2.306 -0.226 3.419 1.167   
-3.779  31.178 10 BB_DA18DC19:DG3DT4_AA   B 18 ? A 4  ? B 19 ? A 3  ? 
1 A DC 13 1_555 D DG 3 1_555 A DG 14 1_555 D DC 2 1_555 0.057  0.167  3.209 -3.939 -0.140 33.516 0.311  -0.725 3.181 -0.242  6.800 
33.740 11 BB_DC19DG20:DC2DG3_AA   B 19 ? A 3  ? B 20 ? A 2  ? 
1 A DG 14 1_555 D DC 2 1_555 A DA 15 1_555 D DT 1 1_555 0.146  -0.973 3.272 -4.936 -4.576 37.900 -0.899 -0.844 3.319 -6.979  7.527 
38.471 12 BB_DG20DA21:DT1DC2_AA   B 20 ? A 2  ? B 21 ? A 1  ? 
1 A DA 15 1_555 D DT 1 1_555 A DC 16 1_555 B DG 8 1_555 -0.294 -1.709 3.275 3.134  2.376  24.821 -4.609 1.572  3.041 5.483   
-7.233  25.126 13 BB_DA21DC22:DG35DT1_CA  B 21 ? A 1  ? B 22 ? C 35 ? 
1 A DC 16 1_555 B DG 8 1_555 A DG 17 1_555 B DC 7 1_555 -0.195 0.384  3.311 0.546  5.858  44.162 -0.043 0.309  3.330 7.750   
-0.723  44.533 14 BB_DC22DG23:DC34DG35_CC B 22 ? C 35 ? B 23 ? C 34 ? 
1 A DG 17 1_555 B DC 7 1_555 A DA 18 1_555 B DT 6 1_555 -0.443 -0.911 3.374 0.919  6.349  34.313 -2.487 0.879  3.147 10.646  
-1.541  34.890 15 BB_DG23DA24:DT33DC34_CC B 23 ? C 34 ? B 24 ? C 33 ? 
1 A DA 18 1_555 B DT 6 1_555 A DC 19 1_555 B DG 5 1_555 1.128  -1.130 3.213 -2.684 3.593  28.216 -3.062 -2.863 2.932 7.312   5.462 
28.564 16 BB_DA24DC25:DG32DT33_CC B 24 ? C 33 ? B 25 ? C 32 ? 
1 A DC 19 1_555 B DG 5 1_555 A DT 20 1_555 B DA 4 1_555 -0.734 -0.671 3.075 6.996  -0.443 30.502 -1.168 2.576  2.850 -0.828  
-13.082 31.278 17 BB_DC25DT26:DA31DG32_CC B 25 ? C 32 ? B 26 ? C 31 ? 
1 A DT 20 1_555 B DA 4 1_555 A DC 21 1_555 B DG 3 1_555 0.519  0.305  3.403 4.513  2.476  43.480 0.161  -0.243 3.449 3.328   
-6.067  43.769 18 BB_DT26DC27:DG30DA31_CC B 26 ? C 31 ? B 27 ? C 30 ? 
# 
loop_
_pdbx_audit_support.funding_organization 
_pdbx_audit_support.country 
_pdbx_audit_support.grant_number 
_pdbx_audit_support.ordinal 
'National Science Foundation (NSF, United States)'                                         'United States' 1360635     1 
'National Institutes of Health/National Institute of General Medical Sciences (NIH/NIGMS)' 'United States' R01GM104960 2 
'National Science Foundation (NSF, United States)'                                         'United States' NSF2004250  3 
# 
_pdbx_entity_nonpoly.entity_id   5 
_pdbx_entity_nonpoly.name        'CACODYLATE ION' 
_pdbx_entity_nonpoly.comp_id     CAC 
# 
_pdbx_initial_refinement_model.id               1 
_pdbx_initial_refinement_model.entity_id_list   ? 
_pdbx_initial_refinement_model.type             'experimental model' 
_pdbx_initial_refinement_model.source_name      PDB 
_pdbx_initial_refinement_model.accession_code   5VY6 
_pdbx_initial_refinement_model.details          ? 
# 
_pdbx_struct_assembly_auth_evidence.id                     1 
_pdbx_struct_assembly_auth_evidence.assembly_id            1 
_pdbx_struct_assembly_auth_evidence.experimental_support   none 
_pdbx_struct_assembly_auth_evidence.details                ? 
# 
